data_7CU3
#
_entry.id   7CU3
#
_cell.length_a   1.00
_cell.length_b   1.00
_cell.length_c   1.00
_cell.angle_alpha   90.00
_cell.angle_beta   90.00
_cell.angle_gamma   90.00
#
_symmetry.space_group_name_H-M   'P 1'
#
loop_
_entity.id
_entity.type
_entity.pdbx_description
1 polymer 'Sodium leak channel non-selective protein'
2 polymer 'Transmembrane protein FAM155A'
3 non-polymer 2-acetamido-2-deoxy-beta-D-glucopyranose
4 non-polymer '[(2~{R})-1-[2-azanylethoxy(oxidanyl)phosphoryl]oxy-3-hexadecanoyloxy-propan-2-yl] (~{Z})-octadec-9-enoate'
5 non-polymer CHOLESTEROL
#
loop_
_entity_poly.entity_id
_entity_poly.type
_entity_poly.pdbx_seq_one_letter_code
_entity_poly.pdbx_strand_id
1 'polypeptide(L)'
;MLKRKQSSRVEAQPVTDFGPDESLSDNADILWINKPWVHSLLRICAIISVISVCMNTPMTFEHYPPLQYVTFTLDTLLMF
LYTAEMIAKMHIRGIVKGDSSYVKDRWCVFDGFMVFCLWVSLVLQVFEIADIVDQMSPWGMLRIPRPLIMIRAFRIYFRF
ELPRTRITNILKRSGEQIWSVSIFLLFFLLLYGILGVQMFGTFTYHCVVNDTKPGNVTWNSLAIPDTHCSPELEEGYQCP
PGFKCMDLEDLGLSRQELGYSGFNEIGTSIFTVYEASSQEGWVFLMYRAIDSFPRWRSYFYFITLIFFLAWLVKNVFIAV
IIETFAEIRVQFQQMWGTRSSTTSTATTQMFHEDAAGGWQLVAVDVNKPQGRAPACLQKMMRSSVFHMFILSMVTVDVIV
AASNYYKGENFRRQYDEFYLAEVAFTVLFDLEALLKIWCLGFTGYISSSLHKFELLLVIGTTLHVYPDLYHSQFTYFQVL
RVVRLIKISPALEDFVYKIFGPGKKLGSLVVFTASLLIVMSAISLQMFCFVEELDRFTTFPRAFMSMFQILTQEGWVDVM
DQTLNAVGHMWAPLVAIYFILYHLFATLILLSLFVAVILDNLELDEDLKKLKQLKQSEANADTKEKLPLRLRIFEKFPNR
PQMVKISKLPSDFTVPKIRESFMKQFIDRQQQDTCCLFRILPSTSSSSCDNPKRPTVEDNKYIDQKLRKSVFSIRARNLL
EKETAVTKILRACTRQRMLSGSFEGQPAKERSILSVQHHIRQERRSLRHGSNSQRISRGKSLETLTQDHSNTVRYRNAQR
EDSEIKMIQEKKEQAEMKRKVQEEELRENHPYFDKPLFIVGREHRFRNFCRVVVRARFNASKTDPVTGAVKNTKYHQLYD
LLGLVTYLDWVMITVTICSCISMMFESPFRRVMHAPTLQIAEYVFVIFMSIELNLKIMADGLFFTPTAVIRDFGGVMDIF
IYLVSLIFLCWMPQNVPAESGAQLLMVLRCLRPLRIFKLVPQMRKVVRELFSGFKEIFLVSILLLTLMLVFASFGVQLFA
GKLAKCNDPNIIRREDCNGIFRINVSVSKNLNLKLRPGEKKPGFWVPRVWANPRNFNFDNVGNAMLALFEVLSLKGWVEV
RDVIIHRVGPIHGIYIHVFVFLGCMIGLTLFVGVVIANFNENKGTALLTVDQRRWEDLKSRLKIAQPLHLPPRPDNDGFR
AKMYDITQHPFFKRTIALLVLAQSVLLSVKWDVEDPVTVPLATMSVVFTFIFVLEVTMKIIAMSPAGFWQSRRNRYDLLV
TSLGVVWVVLHFALLNAYTYMMGACVIVFRFFSICGKHVTLKMLLLTVVVSMYKSFFIIVGMFLLLLCYAFAGVVLFGTV
KYGENINRHANFSSAGKAITVLFRIVTGEDWNKIMHDCMVQPPFCTPDEFTYWATDCGNYAGALMYFCSFYVIIAYIMLN
LLVAIIVENFSLFYSTEEDQLLSYNDLRHFQIIWNMVDDKREGVIPTFRVKFLLRLLRGRLEVDLDKDKLLFKHMCYEME
RLHNGGDVTFHDVLSMLSYRSVDIRKSLQLEELLAREQLEYTIEEEVAKQTIRMWLKKCLKRIRAKQQQSCSIIHSLRES
QQQELSRFLNPPSIETTQPSEDTNANSQDHNTQPESSSQQQLLSPTLSDRGGSRQDAADTGKPQRKIGQWRLPSAPKPIS
HSVSSVNLRFGGRTTMKSVVCKMNPMPDTASCGSEVKKWWTRQLTVESDESGDDLLDI
;
A
2 'polypeptide(L)'
;MTRGAWMCRQYDDGLKIWLAAPRENEKPFIDSERAQKWRLSLASLLFFTVLLSDHLWFCAEAKLTRTRDKEHHQQQQQQQ
QQQQQQQQQQQQQQQRQQQRQRQQQRQRQQEPSWPALLASMGESSPAAQAHRLLSASSSPTLPPSPGGGGGSKGNRGKNN
RSRALFLGNSAKPVWRLETCYPQGASSGQCFTVESADAVCARNWSRGAAAGEEQSSRGSRPTPLWNLSDFYLSFCNSYTL
WELFSGLSSPSTLNCSLDVVLTEGGEMTTCRQCIEAYQDYDHHAQEKYEEFESVLHKYLQSDEYSVKSCPEDCKIVYKAW
LCSQYFEVTQFNCRKTIPCKQYCLEVQTRCPFILPDNDEVIYGGLSSFICTGLYETFLTNDEPECCDIRSEEQTAPRPKG
TVDRRDSCPRTSLTVSSATRLCPGRLKLCVLVLILLHTVLTASAAQNSTGLGLGGLPTLEDNSTRED
;
B
#
# COMPACT_ATOMS: atom_id res chain seq x y z
N LEU A 31 -38.57 -4.92 -38.69
CA LEU A 31 -39.48 -5.62 -37.80
C LEU A 31 -38.87 -6.92 -37.31
N TRP A 32 -37.85 -7.39 -38.03
CA TRP A 32 -37.19 -8.65 -37.67
C TRP A 32 -36.05 -8.47 -36.70
N ILE A 33 -35.60 -7.24 -36.47
CA ILE A 33 -34.45 -6.97 -35.60
C ILE A 33 -34.79 -5.99 -34.48
N ASN A 34 -35.99 -5.43 -34.44
CA ASN A 34 -36.36 -4.48 -33.39
C ASN A 34 -37.23 -5.11 -32.32
N LYS A 35 -37.42 -6.43 -32.35
CA LYS A 35 -38.23 -7.10 -31.36
C LYS A 35 -37.57 -7.04 -29.98
N PRO A 36 -38.32 -7.34 -28.91
CA PRO A 36 -37.70 -7.34 -27.59
C PRO A 36 -36.75 -8.50 -27.35
N TRP A 37 -37.07 -9.68 -27.88
CA TRP A 37 -36.24 -10.85 -27.61
C TRP A 37 -34.98 -10.88 -28.48
N VAL A 38 -35.01 -10.26 -29.66
CA VAL A 38 -33.87 -10.34 -30.56
C VAL A 38 -32.69 -9.55 -30.00
N HIS A 39 -32.96 -8.43 -29.32
CA HIS A 39 -31.87 -7.62 -28.79
C HIS A 39 -31.23 -8.29 -27.58
N SER A 40 -32.05 -8.88 -26.71
CA SER A 40 -31.52 -9.72 -25.65
C SER A 40 -30.68 -10.87 -26.21
N LEU A 41 -31.12 -11.44 -27.33
CA LEU A 41 -30.33 -12.50 -27.94
C LEU A 41 -28.98 -11.99 -28.39
N LEU A 42 -28.94 -10.83 -29.04
CA LEU A 42 -27.68 -10.27 -29.51
C LEU A 42 -26.74 -9.96 -28.35
N ARG A 43 -27.29 -9.49 -27.22
CA ARG A 43 -26.44 -9.16 -26.08
C ARG A 43 -25.88 -10.43 -25.43
N ILE A 44 -26.74 -11.42 -25.17
CA ILE A 44 -26.26 -12.68 -24.62
C ILE A 44 -25.24 -13.31 -25.56
N CYS A 45 -25.42 -13.13 -26.88
CA CYS A 45 -24.46 -13.68 -27.83
C CYS A 45 -23.15 -12.91 -27.81
N ALA A 46 -23.17 -11.63 -27.50
CA ALA A 46 -21.91 -10.90 -27.31
C ALA A 46 -21.15 -11.48 -26.12
N ILE A 47 -21.85 -11.74 -25.02
CA ILE A 47 -21.21 -12.40 -23.87
C ILE A 47 -20.67 -13.78 -24.27
N ILE A 48 -21.45 -14.52 -25.05
CA ILE A 48 -21.06 -15.86 -25.48
C ILE A 48 -19.85 -15.81 -26.40
N SER A 49 -19.74 -14.75 -27.22
CA SER A 49 -18.56 -14.60 -28.06
C SER A 49 -17.33 -14.29 -27.22
N VAL A 50 -17.48 -13.47 -26.19
CA VAL A 50 -16.37 -13.24 -25.26
C VAL A 50 -15.91 -14.57 -24.67
N ILE A 51 -16.86 -15.39 -24.22
CA ILE A 51 -16.51 -16.70 -23.67
C ILE A 51 -15.80 -17.56 -24.70
N SER A 52 -16.30 -17.54 -25.94
CA SER A 52 -15.71 -18.34 -27.01
C SER A 52 -14.27 -17.96 -27.26
N VAL A 53 -13.97 -16.66 -27.30
CA VAL A 53 -12.60 -16.25 -27.57
C VAL A 53 -11.72 -16.45 -26.33
N CYS A 54 -12.31 -16.47 -25.13
CA CYS A 54 -11.52 -16.72 -23.94
C CYS A 54 -11.12 -18.18 -23.79
N MET A 55 -11.71 -19.08 -24.57
CA MET A 55 -11.32 -20.48 -24.57
C MET A 55 -10.39 -20.85 -25.72
N ASN A 56 -10.09 -19.91 -26.60
CA ASN A 56 -9.35 -20.20 -27.82
C ASN A 56 -7.87 -19.90 -27.61
N THR A 57 -7.22 -20.77 -26.84
CA THR A 57 -5.78 -20.72 -26.67
C THR A 57 -5.20 -22.09 -26.97
N PRO A 58 -3.94 -22.15 -27.40
CA PRO A 58 -3.34 -23.47 -27.68
C PRO A 58 -3.32 -24.40 -26.48
N MET A 59 -3.06 -23.87 -25.28
CA MET A 59 -3.02 -24.72 -24.10
C MET A 59 -4.40 -25.23 -23.73
N THR A 60 -5.43 -24.40 -23.90
CA THR A 60 -6.79 -24.85 -23.64
C THR A 60 -7.18 -25.99 -24.56
N PHE A 61 -6.73 -25.94 -25.82
CA PHE A 61 -7.04 -27.00 -26.76
C PHE A 61 -6.16 -28.22 -26.53
N GLU A 62 -5.01 -28.04 -25.90
CA GLU A 62 -4.22 -29.19 -25.48
C GLU A 62 -4.86 -29.89 -24.28
N HIS A 63 -5.49 -29.13 -23.38
CA HIS A 63 -6.12 -29.72 -22.21
C HIS A 63 -7.51 -30.28 -22.50
N TYR A 64 -8.21 -29.72 -23.49
CA TYR A 64 -9.55 -30.19 -23.83
C TYR A 64 -9.74 -30.06 -25.33
N PRO A 65 -9.34 -31.07 -26.10
CA PRO A 65 -9.42 -30.98 -27.57
C PRO A 65 -10.84 -30.73 -28.07
N PRO A 66 -11.87 -31.37 -27.49
CA PRO A 66 -13.23 -31.07 -27.95
C PRO A 66 -13.55 -29.58 -27.99
N LEU A 67 -13.18 -28.84 -26.94
CA LEU A 67 -13.45 -27.40 -26.90
C LEU A 67 -13.12 -26.72 -28.21
N GLN A 68 -12.04 -27.14 -28.87
CA GLN A 68 -11.67 -26.52 -30.14
C GLN A 68 -12.85 -26.45 -31.07
N TYR A 69 -13.37 -27.62 -31.47
CA TYR A 69 -14.51 -27.62 -32.38
C TYR A 69 -15.69 -26.89 -31.75
N VAL A 70 -15.91 -27.09 -30.45
CA VAL A 70 -16.96 -26.37 -29.76
C VAL A 70 -16.85 -24.88 -30.05
N THR A 71 -15.68 -24.29 -29.75
CA THR A 71 -15.58 -22.85 -29.93
C THR A 71 -15.79 -22.47 -31.38
N PHE A 72 -15.25 -23.27 -32.31
CA PHE A 72 -15.49 -23.03 -33.72
C PHE A 72 -16.97 -22.91 -33.99
N THR A 73 -17.74 -23.92 -33.57
CA THR A 73 -19.17 -23.89 -33.80
C THR A 73 -19.76 -22.58 -33.30
N LEU A 74 -19.47 -22.23 -32.05
CA LEU A 74 -19.99 -20.99 -31.49
C LEU A 74 -19.63 -19.82 -32.41
N ASP A 75 -18.35 -19.68 -32.73
CA ASP A 75 -17.94 -18.64 -33.67
C ASP A 75 -18.84 -18.64 -34.89
N THR A 76 -18.92 -19.78 -35.59
CA THR A 76 -19.75 -19.84 -36.79
C THR A 76 -21.15 -19.33 -36.49
N LEU A 77 -21.78 -19.88 -35.46
CA LEU A 77 -23.15 -19.48 -35.15
C LEU A 77 -23.25 -17.98 -35.03
N LEU A 78 -22.37 -17.37 -34.22
CA LEU A 78 -22.45 -15.94 -34.02
C LEU A 78 -22.15 -15.21 -35.31
N MET A 79 -21.13 -15.68 -36.05
CA MET A 79 -20.82 -15.08 -37.34
C MET A 79 -22.04 -15.06 -38.23
N PHE A 80 -22.90 -16.07 -38.13
CA PHE A 80 -24.18 -16.00 -38.83
C PHE A 80 -25.02 -14.86 -38.29
N LEU A 81 -25.40 -14.95 -37.01
CA LEU A 81 -26.42 -14.06 -36.46
C LEU A 81 -26.02 -12.60 -36.63
N TYR A 82 -24.83 -12.23 -36.17
CA TYR A 82 -24.40 -10.84 -36.31
C TYR A 82 -24.34 -10.41 -37.76
N THR A 83 -23.87 -11.29 -38.66
CA THR A 83 -23.92 -10.93 -40.07
C THR A 83 -25.33 -10.57 -40.48
N ALA A 84 -26.31 -11.38 -40.06
CA ALA A 84 -27.71 -11.03 -40.22
C ALA A 84 -27.96 -9.60 -39.75
N GLU A 85 -27.70 -9.34 -38.46
CA GLU A 85 -28.06 -8.04 -37.91
C GLU A 85 -27.30 -6.91 -38.59
N MET A 86 -26.32 -7.23 -39.43
CA MET A 86 -25.70 -6.19 -40.24
C MET A 86 -26.45 -6.03 -41.56
N ILE A 87 -26.58 -7.12 -42.33
CA ILE A 87 -27.27 -7.01 -43.61
C ILE A 87 -28.75 -6.77 -43.39
N ALA A 88 -29.33 -7.34 -42.34
CA ALA A 88 -30.73 -7.02 -42.05
C ALA A 88 -30.91 -5.62 -41.53
N LYS A 89 -29.84 -4.84 -41.41
CA LYS A 89 -29.91 -3.47 -40.93
C LYS A 89 -29.31 -2.46 -41.88
N MET A 90 -28.17 -2.76 -42.49
CA MET A 90 -27.60 -1.87 -43.49
C MET A 90 -28.25 -2.03 -44.85
N HIS A 91 -29.19 -2.97 -44.99
CA HIS A 91 -30.08 -2.98 -46.13
C HIS A 91 -31.27 -2.06 -45.92
N ILE A 92 -31.64 -1.81 -44.67
CA ILE A 92 -32.70 -0.83 -44.38
C ILE A 92 -32.18 0.57 -44.62
N ARG A 93 -31.13 0.97 -43.90
CA ARG A 93 -30.52 2.27 -44.08
C ARG A 93 -29.40 2.19 -45.12
N GLY A 94 -29.29 3.23 -45.94
CA GLY A 94 -28.24 3.24 -46.94
C GLY A 94 -26.86 3.16 -46.31
N ILE A 95 -26.00 2.36 -46.94
CA ILE A 95 -24.64 2.14 -46.44
C ILE A 95 -23.83 3.43 -46.43
N ASP A 105 -24.87 5.36 -36.91
CA ASP A 105 -25.05 5.63 -35.49
C ASP A 105 -23.71 5.57 -34.77
N ARG A 106 -22.65 5.29 -35.54
CA ARG A 106 -21.27 5.19 -35.07
C ARG A 106 -21.08 3.97 -34.15
N TRP A 107 -22.18 3.31 -33.80
CA TRP A 107 -22.11 1.96 -33.28
C TRP A 107 -22.12 0.94 -34.40
N CYS A 108 -22.66 1.31 -35.56
CA CYS A 108 -22.76 0.39 -36.68
C CYS A 108 -21.38 0.11 -37.27
N VAL A 109 -20.51 1.12 -37.31
CA VAL A 109 -19.14 0.88 -37.73
C VAL A 109 -18.42 -0.02 -36.73
N PHE A 110 -18.69 0.16 -35.44
CA PHE A 110 -18.10 -0.71 -34.43
C PHE A 110 -18.64 -2.14 -34.57
N ASP A 111 -19.95 -2.29 -34.72
CA ASP A 111 -20.53 -3.62 -34.91
C ASP A 111 -20.03 -4.27 -36.19
N GLY A 112 -19.76 -3.48 -37.23
CA GLY A 112 -19.25 -4.06 -38.46
C GLY A 112 -17.80 -4.48 -38.34
N PHE A 113 -16.99 -3.69 -37.63
CA PHE A 113 -15.64 -4.12 -37.31
C PHE A 113 -15.65 -5.37 -36.46
N MET A 114 -16.66 -5.51 -35.59
CA MET A 114 -16.81 -6.74 -34.81
C MET A 114 -17.13 -7.93 -35.72
N VAL A 115 -18.05 -7.74 -36.67
CA VAL A 115 -18.36 -8.79 -37.63
C VAL A 115 -17.12 -9.16 -38.42
N PHE A 116 -16.31 -8.17 -38.78
CA PHE A 116 -15.08 -8.44 -39.51
C PHE A 116 -14.12 -9.27 -38.67
N CYS A 117 -13.93 -8.88 -37.41
CA CYS A 117 -13.07 -9.66 -36.51
C CYS A 117 -13.57 -11.10 -36.38
N LEU A 118 -14.89 -11.28 -36.30
CA LEU A 118 -15.44 -12.62 -36.20
C LEU A 118 -15.15 -13.44 -37.46
N TRP A 119 -15.34 -12.83 -38.64
CA TRP A 119 -15.04 -13.55 -39.88
C TRP A 119 -13.56 -13.92 -39.96
N VAL A 120 -12.68 -13.00 -39.58
CA VAL A 120 -11.25 -13.26 -39.65
C VAL A 120 -10.87 -14.38 -38.69
N SER A 121 -11.43 -14.35 -37.47
CA SER A 121 -11.17 -15.43 -36.53
C SER A 121 -11.69 -16.76 -37.06
N LEU A 122 -12.83 -16.73 -37.74
CA LEU A 122 -13.39 -17.97 -38.27
C LEU A 122 -12.49 -18.58 -39.33
N VAL A 123 -12.03 -17.77 -40.28
CA VAL A 123 -11.18 -18.33 -41.33
C VAL A 123 -9.82 -18.74 -40.76
N LEU A 124 -9.30 -17.98 -39.79
CA LEU A 124 -8.03 -18.38 -39.18
C LEU A 124 -8.17 -19.69 -38.42
N GLN A 125 -9.30 -19.89 -37.74
CA GLN A 125 -9.49 -21.14 -37.03
C GLN A 125 -9.79 -22.29 -37.98
N VAL A 126 -10.35 -22.02 -39.16
CA VAL A 126 -10.46 -23.06 -40.18
C VAL A 126 -9.07 -23.49 -40.63
N PHE A 127 -8.18 -22.53 -40.88
CA PHE A 127 -6.81 -22.88 -41.22
C PHE A 127 -6.12 -23.62 -40.08
N GLU A 128 -6.43 -23.28 -38.83
CA GLU A 128 -5.82 -23.95 -37.69
C GLU A 128 -6.33 -25.38 -37.56
N ILE A 129 -7.62 -25.61 -37.84
CA ILE A 129 -8.19 -26.94 -37.77
C ILE A 129 -7.50 -27.88 -38.75
N ALA A 130 -7.15 -27.35 -39.92
CA ALA A 130 -6.52 -28.15 -40.98
C ALA A 130 -5.02 -28.31 -40.79
N ASP A 131 -4.50 -28.04 -39.60
CA ASP A 131 -3.09 -28.24 -39.23
C ASP A 131 -2.14 -27.38 -40.06
N ILE A 132 -2.65 -26.46 -40.89
CA ILE A 132 -1.78 -25.65 -41.73
C ILE A 132 -1.04 -24.62 -40.88
N VAL A 133 -1.78 -23.83 -40.11
CA VAL A 133 -1.18 -22.86 -39.20
C VAL A 133 -0.75 -23.56 -37.92
N ASP A 134 0.33 -23.07 -37.32
CA ASP A 134 0.95 -23.74 -36.18
C ASP A 134 0.06 -23.69 -34.94
N GLN A 135 -0.78 -22.66 -34.81
CA GLN A 135 -1.64 -22.41 -33.65
C GLN A 135 -0.81 -21.91 -32.47
N MET A 136 0.51 -21.99 -32.57
CA MET A 136 1.41 -21.35 -31.64
C MET A 136 2.08 -20.13 -32.26
N SER A 137 1.60 -19.70 -33.42
CA SER A 137 2.06 -18.54 -34.15
C SER A 137 1.29 -17.30 -33.71
N PRO A 138 1.80 -16.11 -34.00
CA PRO A 138 1.12 -14.90 -33.54
C PRO A 138 -0.15 -14.56 -34.31
N TRP A 139 -0.59 -15.45 -35.20
CA TRP A 139 -1.80 -15.16 -35.96
C TRP A 139 -3.01 -15.01 -35.04
N GLY A 140 -3.03 -15.73 -33.92
CA GLY A 140 -4.09 -15.57 -32.94
C GLY A 140 -4.25 -14.15 -32.44
N MET A 141 -3.23 -13.31 -32.59
CA MET A 141 -3.36 -11.91 -32.21
C MET A 141 -4.43 -11.19 -33.00
N LEU A 142 -4.85 -11.73 -34.15
CA LEU A 142 -5.98 -11.17 -34.87
C LEU A 142 -7.27 -11.21 -34.07
N ARG A 143 -7.36 -12.10 -33.08
CA ARG A 143 -8.52 -12.16 -32.20
C ARG A 143 -8.44 -11.16 -31.07
N ILE A 144 -7.46 -10.26 -31.08
CA ILE A 144 -7.35 -9.26 -30.01
C ILE A 144 -8.58 -8.38 -29.91
N PRO A 145 -9.19 -7.89 -30.98
CA PRO A 145 -10.37 -7.03 -30.82
C PRO A 145 -11.64 -7.74 -30.38
N ARG A 146 -11.73 -9.06 -30.55
CA ARG A 146 -12.98 -9.77 -30.25
C ARG A 146 -13.52 -9.52 -28.85
N PRO A 147 -12.72 -9.50 -27.78
CA PRO A 147 -13.29 -9.20 -26.45
C PRO A 147 -14.08 -7.90 -26.39
N LEU A 148 -13.74 -6.92 -27.24
CA LEU A 148 -14.45 -5.65 -27.23
C LEU A 148 -15.94 -5.82 -27.50
N ILE A 149 -16.35 -6.96 -28.06
CA ILE A 149 -17.77 -7.19 -28.29
C ILE A 149 -18.57 -7.17 -26.99
N MET A 150 -17.89 -7.35 -25.85
CA MET A 150 -18.57 -7.27 -24.56
C MET A 150 -19.20 -5.90 -24.35
N ILE A 151 -18.65 -4.86 -24.97
CA ILE A 151 -19.26 -3.54 -24.87
C ILE A 151 -20.70 -3.58 -25.38
N ARG A 152 -20.96 -4.35 -26.43
CA ARG A 152 -22.32 -4.47 -26.94
C ARG A 152 -23.27 -5.06 -25.90
N ALA A 153 -22.78 -5.88 -24.98
CA ALA A 153 -23.65 -6.44 -23.95
C ALA A 153 -24.03 -5.41 -22.90
N PHE A 154 -23.35 -4.28 -22.84
CA PHE A 154 -23.65 -3.26 -21.85
C PHE A 154 -24.00 -1.91 -22.46
N ARG A 155 -23.99 -1.78 -23.78
CA ARG A 155 -24.24 -0.50 -24.43
C ARG A 155 -25.60 0.07 -24.07
N ILE A 156 -26.55 -0.77 -23.67
CA ILE A 156 -27.88 -0.26 -23.31
C ILE A 156 -27.82 0.54 -22.02
N TYR A 157 -26.91 0.19 -21.12
CA TYR A 157 -26.76 0.88 -19.85
C TYR A 157 -26.02 2.19 -19.97
N PHE A 158 -25.85 2.70 -21.19
CA PHE A 158 -25.19 3.98 -21.43
C PHE A 158 -26.19 5.06 -21.76
N ARG A 159 -27.34 5.06 -21.08
CA ARG A 159 -28.29 6.15 -21.12
C ARG A 159 -28.51 6.64 -19.70
N PHE A 160 -28.36 7.95 -19.50
CA PHE A 160 -28.34 8.55 -18.18
C PHE A 160 -29.45 9.57 -18.07
N GLU A 161 -29.53 10.22 -16.91
CA GLU A 161 -30.51 11.28 -16.73
C GLU A 161 -30.00 12.64 -17.19
N LEU A 162 -28.69 12.84 -17.23
CA LEU A 162 -28.14 14.06 -17.76
C LEU A 162 -28.07 14.01 -19.29
N PRO A 163 -28.26 15.13 -19.96
CA PRO A 163 -28.01 15.18 -21.40
C PRO A 163 -26.56 14.87 -21.70
N ARG A 164 -26.30 14.43 -22.94
CA ARG A 164 -24.94 14.09 -23.33
C ARG A 164 -24.01 15.29 -23.26
N THR A 165 -24.55 16.51 -23.34
CA THR A 165 -23.71 17.70 -23.24
C THR A 165 -23.11 17.83 -21.84
N ARG A 166 -23.94 17.67 -20.81
CA ARG A 166 -23.44 17.73 -19.45
C ARG A 166 -22.48 16.59 -19.15
N ILE A 167 -22.74 15.42 -19.71
CA ILE A 167 -21.85 14.28 -19.52
C ILE A 167 -20.50 14.56 -20.15
N THR A 168 -20.49 15.13 -21.35
CA THR A 168 -19.21 15.45 -21.98
C THR A 168 -18.51 16.58 -21.26
N ASN A 169 -19.24 17.51 -20.67
CA ASN A 169 -18.60 18.55 -19.88
C ASN A 169 -17.93 17.98 -18.64
N ILE A 170 -18.64 17.08 -17.94
CA ILE A 170 -18.05 16.38 -16.80
C ILE A 170 -16.79 15.63 -17.21
N LEU A 171 -16.87 14.89 -18.33
CA LEU A 171 -15.74 14.10 -18.76
C LEU A 171 -14.57 14.96 -19.21
N LYS A 172 -14.85 16.12 -19.82
CA LYS A 172 -13.77 17.02 -20.23
C LYS A 172 -13.09 17.64 -19.02
N ARG A 173 -13.87 18.02 -18.01
CA ARG A 173 -13.27 18.57 -16.80
C ARG A 173 -12.39 17.53 -16.11
N SER A 174 -12.91 16.31 -15.96
CA SER A 174 -12.11 15.25 -15.36
C SER A 174 -10.89 14.91 -16.20
N GLY A 175 -11.00 14.97 -17.52
CA GLY A 175 -9.86 14.67 -18.37
C GLY A 175 -8.77 15.71 -18.28
N GLU A 176 -9.15 16.99 -18.24
CA GLU A 176 -8.16 18.03 -18.06
C GLU A 176 -7.48 17.92 -16.70
N GLN A 177 -8.25 17.63 -15.65
CA GLN A 177 -7.65 17.48 -14.33
C GLN A 177 -6.72 16.28 -14.25
N ILE A 178 -7.10 15.16 -14.88
CA ILE A 178 -6.23 13.98 -14.91
C ILE A 178 -4.97 14.27 -15.69
N TRP A 179 -5.08 15.04 -16.78
CA TRP A 179 -3.89 15.42 -17.54
C TRP A 179 -2.94 16.26 -16.69
N SER A 180 -3.49 17.23 -15.95
CA SER A 180 -2.65 18.07 -15.09
C SER A 180 -1.96 17.23 -14.02
N VAL A 181 -2.72 16.36 -13.35
CA VAL A 181 -2.12 15.56 -12.29
C VAL A 181 -1.10 14.58 -12.85
N SER A 182 -1.30 14.10 -14.08
CA SER A 182 -0.31 13.23 -14.70
C SER A 182 0.96 13.98 -15.02
N ILE A 183 0.85 15.23 -15.48
CA ILE A 183 2.04 16.05 -15.68
C ILE A 183 2.79 16.24 -14.37
N PHE A 184 2.04 16.49 -13.29
CA PHE A 184 2.64 16.65 -11.97
C PHE A 184 3.36 15.37 -11.53
N LEU A 185 2.71 14.23 -11.73
CA LEU A 185 3.32 12.94 -11.41
C LEU A 185 4.60 12.73 -12.21
N LEU A 186 4.57 13.07 -13.50
CA LEU A 186 5.75 12.91 -14.33
C LEU A 186 6.87 13.83 -13.88
N PHE A 187 6.53 15.03 -13.44
CA PHE A 187 7.52 15.93 -12.87
C PHE A 187 8.22 15.30 -11.66
N PHE A 188 7.43 14.73 -10.75
CA PHE A 188 8.03 14.11 -9.57
C PHE A 188 8.83 12.86 -9.94
N LEU A 189 8.35 12.10 -10.92
CA LEU A 189 9.09 10.93 -11.38
C LEU A 189 10.43 11.32 -11.98
N LEU A 190 10.47 12.38 -12.77
CA LEU A 190 11.73 12.83 -13.35
C LEU A 190 12.66 13.38 -12.28
N LEU A 191 12.10 14.11 -11.31
CA LEU A 191 12.90 14.62 -10.21
C LEU A 191 13.58 13.50 -9.46
N TYR A 192 12.81 12.50 -9.03
CA TYR A 192 13.41 11.40 -8.28
C TYR A 192 14.24 10.47 -9.15
N GLY A 193 13.98 10.42 -10.45
CA GLY A 193 14.84 9.66 -11.34
C GLY A 193 16.22 10.28 -11.46
N ILE A 194 16.28 11.60 -11.61
CA ILE A 194 17.56 12.30 -11.65
C ILE A 194 18.27 12.19 -10.31
N LEU A 195 17.53 12.34 -9.21
CA LEU A 195 18.13 12.18 -7.89
C LEU A 195 18.69 10.79 -7.69
N GLY A 196 18.00 9.76 -8.18
CA GLY A 196 18.49 8.40 -8.05
C GLY A 196 19.70 8.14 -8.92
N VAL A 197 19.72 8.71 -10.13
CA VAL A 197 20.90 8.58 -10.97
C VAL A 197 22.11 9.20 -10.30
N GLN A 198 21.93 10.35 -9.66
CA GLN A 198 23.08 11.07 -9.13
C GLN A 198 23.49 10.65 -7.73
N MET A 199 22.56 10.22 -6.88
CA MET A 199 22.89 9.82 -5.52
C MET A 199 23.31 8.37 -5.41
N PHE A 200 22.97 7.54 -6.39
CA PHE A 200 23.32 6.14 -6.38
C PHE A 200 24.01 5.79 -7.68
N GLY A 201 24.16 4.51 -7.97
CA GLY A 201 24.69 4.06 -9.25
C GLY A 201 24.15 2.71 -9.57
N THR A 202 25.01 1.84 -10.10
CA THR A 202 24.66 0.45 -10.32
C THR A 202 25.02 -0.35 -9.08
N PHE A 203 24.18 -1.33 -8.78
CA PHE A 203 24.43 -2.23 -7.66
C PHE A 203 25.11 -3.49 -8.17
N THR A 204 26.37 -3.34 -8.54
CA THR A 204 27.11 -4.43 -9.16
C THR A 204 28.20 -5.01 -8.28
N TYR A 205 28.57 -4.35 -7.18
CA TYR A 205 29.57 -4.90 -6.27
C TYR A 205 28.91 -5.88 -5.31
N HIS A 206 29.35 -7.14 -5.36
CA HIS A 206 28.84 -8.19 -4.50
C HIS A 206 29.96 -8.78 -3.66
N CYS A 207 29.60 -9.27 -2.48
CA CYS A 207 30.52 -10.08 -1.68
C CYS A 207 30.58 -11.48 -2.29
N VAL A 208 31.79 -11.93 -2.61
CA VAL A 208 32.01 -13.26 -3.15
C VAL A 208 33.18 -13.88 -2.40
N VAL A 209 33.36 -15.18 -2.59
CA VAL A 209 34.48 -15.86 -1.98
C VAL A 209 35.71 -15.22 -2.61
N ASN A 210 36.77 -15.07 -1.82
CA ASN A 210 37.98 -14.43 -2.34
C ASN A 210 38.63 -15.16 -3.52
N ASP A 211 38.52 -16.48 -3.55
CA ASP A 211 39.09 -17.24 -4.67
C ASP A 211 38.10 -17.31 -5.82
N THR A 212 37.68 -16.12 -6.26
CA THR A 212 36.79 -16.01 -7.39
C THR A 212 37.68 -15.35 -8.42
N LYS A 213 37.91 -16.03 -9.53
CA LYS A 213 38.76 -15.47 -10.56
C LYS A 213 37.92 -14.71 -11.58
N PRO A 214 38.47 -13.64 -12.19
CA PRO A 214 37.67 -12.80 -13.07
C PRO A 214 37.18 -13.55 -14.30
N GLY A 215 35.88 -13.50 -14.54
CA GLY A 215 35.25 -14.20 -15.63
C GLY A 215 34.57 -15.50 -15.22
N ASN A 216 34.74 -15.93 -13.98
CA ASN A 216 34.41 -17.30 -13.59
C ASN A 216 33.42 -17.39 -12.44
N VAL A 217 32.76 -16.30 -12.07
CA VAL A 217 31.86 -16.37 -10.91
C VAL A 217 30.67 -17.25 -11.24
N THR A 218 30.19 -17.96 -10.23
CA THR A 218 29.11 -18.93 -10.35
C THR A 218 28.14 -18.70 -9.19
N TRP A 219 27.05 -19.47 -9.19
CA TRP A 219 26.13 -19.42 -8.06
C TRP A 219 26.83 -19.75 -6.75
N ASN A 220 27.90 -20.52 -6.81
CA ASN A 220 28.58 -21.02 -5.62
C ASN A 220 29.73 -20.12 -5.19
N SER A 221 29.87 -18.94 -5.80
CA SER A 221 30.83 -17.96 -5.33
C SER A 221 30.18 -16.85 -4.52
N LEU A 222 28.87 -16.68 -4.64
CA LEU A 222 28.16 -15.65 -3.91
C LEU A 222 27.98 -16.05 -2.45
N ALA A 223 27.57 -15.09 -1.63
CA ALA A 223 27.18 -15.32 -0.26
C ALA A 223 25.72 -15.76 -0.22
N ILE A 224 25.31 -16.24 0.94
CA ILE A 224 23.94 -16.73 1.15
C ILE A 224 23.33 -15.96 2.33
N PRO A 225 22.34 -15.11 2.10
CA PRO A 225 21.86 -14.74 0.77
C PRO A 225 22.80 -13.79 0.08
N ASP A 226 22.64 -13.63 -1.23
CA ASP A 226 23.44 -12.67 -1.99
C ASP A 226 23.35 -11.29 -1.36
N THR A 227 24.49 -10.65 -1.18
CA THR A 227 24.55 -9.36 -0.51
C THR A 227 25.45 -8.41 -1.31
N HIS A 228 25.07 -7.14 -1.33
CA HIS A 228 25.87 -6.12 -1.96
C HIS A 228 26.86 -5.54 -0.97
N CYS A 229 27.87 -4.86 -1.50
CA CYS A 229 28.93 -4.30 -0.67
C CYS A 229 29.47 -3.05 -1.34
N SER A 230 30.41 -2.40 -0.65
CA SER A 230 31.09 -1.24 -1.16
C SER A 230 32.58 -1.49 -1.22
N PRO A 231 33.26 -1.11 -2.31
CA PRO A 231 34.71 -1.25 -2.37
C PRO A 231 35.46 -0.20 -1.59
N GLU A 232 34.76 0.69 -0.90
CA GLU A 232 35.36 1.78 -0.14
C GLU A 232 35.16 1.53 1.35
N LEU A 233 36.20 1.81 2.14
CA LEU A 233 36.25 1.39 3.53
C LEU A 233 35.30 2.15 4.43
N GLU A 234 34.56 3.13 3.92
CA GLU A 234 33.70 3.96 4.76
C GLU A 234 32.24 3.91 4.43
N GLU A 235 31.86 3.44 3.25
CA GLU A 235 30.47 3.39 2.84
C GLU A 235 29.99 1.93 2.78
N GLY A 236 28.68 1.77 2.92
CA GLY A 236 28.04 0.50 2.69
C GLY A 236 28.54 -0.64 3.56
N TYR A 237 28.26 -1.85 3.08
CA TYR A 237 28.56 -3.07 3.80
C TYR A 237 29.96 -3.53 3.44
N GLN A 238 30.74 -3.89 4.46
CA GLN A 238 32.08 -4.43 4.27
C GLN A 238 32.02 -5.94 4.32
N CYS A 239 32.55 -6.59 3.29
CA CYS A 239 32.55 -8.05 3.27
C CYS A 239 33.38 -8.58 4.43
N PRO A 240 32.99 -9.70 5.02
CA PRO A 240 33.74 -10.27 6.15
C PRO A 240 34.96 -11.03 5.66
N PRO A 241 35.83 -11.49 6.56
CA PRO A 241 37.02 -12.22 6.12
C PRO A 241 36.65 -13.53 5.44
N GLY A 242 37.31 -13.80 4.32
CA GLY A 242 36.93 -14.88 3.44
C GLY A 242 36.16 -14.42 2.21
N PHE A 243 35.72 -13.18 2.20
CA PHE A 243 34.97 -12.62 1.08
C PHE A 243 35.63 -11.33 0.62
N LYS A 244 35.50 -11.07 -0.67
CA LYS A 244 35.97 -9.83 -1.28
C LYS A 244 34.83 -9.21 -2.07
N CYS A 245 34.88 -7.89 -2.19
CA CYS A 245 33.83 -7.12 -2.86
C CYS A 245 34.23 -6.94 -4.31
N MET A 246 33.60 -7.72 -5.19
CA MET A 246 33.93 -7.72 -6.61
C MET A 246 32.83 -7.05 -7.41
N ASP A 247 33.11 -6.84 -8.70
CA ASP A 247 32.31 -5.93 -9.53
C ASP A 247 31.22 -6.62 -10.32
N LEU A 248 31.34 -7.92 -10.59
CA LEU A 248 30.31 -8.68 -11.30
C LEU A 248 29.93 -8.04 -12.63
N GLU A 249 30.77 -7.17 -13.15
CA GLU A 249 30.67 -6.64 -14.51
C GLU A 249 31.95 -6.87 -15.28
N ASP A 250 33.11 -6.70 -14.66
CA ASP A 250 34.36 -7.17 -15.23
C ASP A 250 34.45 -8.68 -15.18
N LEU A 251 33.44 -9.35 -14.65
CA LEU A 251 33.44 -10.79 -14.45
C LEU A 251 32.56 -11.52 -15.45
N GLY A 252 31.95 -10.79 -16.38
CA GLY A 252 31.22 -11.42 -17.46
C GLY A 252 29.71 -11.44 -17.29
N LEU A 253 29.20 -10.98 -16.16
CA LEU A 253 27.76 -10.92 -15.99
C LEU A 253 27.19 -9.79 -16.83
N SER A 254 26.00 -10.01 -17.36
CA SER A 254 25.33 -9.04 -18.22
C SER A 254 24.23 -8.34 -17.44
N ARG A 255 23.99 -7.08 -17.79
CA ARG A 255 22.91 -6.34 -17.14
C ARG A 255 21.52 -6.90 -17.49
N GLN A 256 21.46 -7.99 -18.24
CA GLN A 256 20.20 -8.68 -18.46
C GLN A 256 19.96 -9.78 -17.44
N GLU A 257 21.03 -10.40 -16.94
CA GLU A 257 20.96 -11.39 -15.88
C GLU A 257 21.24 -10.79 -14.51
N LEU A 258 20.98 -9.49 -14.34
CA LEU A 258 21.18 -8.80 -13.08
C LEU A 258 19.99 -7.96 -12.67
N GLY A 259 18.89 -8.03 -13.41
CA GLY A 259 17.68 -7.30 -13.09
C GLY A 259 17.38 -6.22 -14.10
N TYR A 260 16.25 -5.56 -13.88
CA TYR A 260 15.87 -4.37 -14.64
C TYR A 260 15.84 -3.13 -13.78
N SER A 261 15.87 -3.27 -12.46
CA SER A 261 15.76 -2.15 -11.53
C SER A 261 17.12 -1.47 -11.41
N GLY A 262 17.23 -0.55 -10.46
CA GLY A 262 18.47 0.19 -10.28
C GLY A 262 18.37 1.60 -10.80
N PHE A 263 19.53 2.26 -10.83
CA PHE A 263 19.63 3.65 -11.22
C PHE A 263 20.76 3.84 -12.24
N ASN A 264 20.83 2.94 -13.22
CA ASN A 264 21.89 3.01 -14.21
C ASN A 264 21.81 4.32 -15.00
N GLU A 265 20.75 4.50 -15.77
CA GLU A 265 20.54 5.75 -16.47
C GLU A 265 19.16 6.29 -16.13
N ILE A 266 18.73 7.35 -16.81
CA ILE A 266 17.51 8.04 -16.42
C ILE A 266 16.28 7.19 -16.70
N GLY A 267 16.32 6.33 -17.71
CA GLY A 267 15.14 5.52 -18.02
C GLY A 267 14.92 4.42 -17.00
N THR A 268 15.97 3.64 -16.73
CA THR A 268 15.92 2.66 -15.66
C THR A 268 15.51 3.30 -14.34
N SER A 269 16.02 4.50 -14.07
CA SER A 269 15.74 5.17 -12.81
C SER A 269 14.30 5.65 -12.74
N ILE A 270 13.75 6.18 -13.83
CA ILE A 270 12.35 6.60 -13.82
C ILE A 270 11.44 5.42 -13.63
N PHE A 271 11.76 4.29 -14.27
CA PHE A 271 10.93 3.11 -14.08
C PHE A 271 11.02 2.61 -12.64
N THR A 272 12.22 2.65 -12.07
CA THR A 272 12.39 2.24 -10.67
C THR A 272 11.61 3.15 -9.73
N VAL A 273 11.64 4.45 -9.99
CA VAL A 273 10.92 5.39 -9.15
C VAL A 273 9.41 5.15 -9.25
N TYR A 274 8.92 4.88 -10.46
CA TYR A 274 7.50 4.60 -10.63
C TYR A 274 7.11 3.32 -9.91
N GLU A 275 7.95 2.29 -9.99
CA GLU A 275 7.67 1.07 -9.24
C GLU A 275 7.64 1.34 -7.75
N ALA A 276 8.58 2.14 -7.24
CA ALA A 276 8.63 2.44 -5.82
C ALA A 276 7.41 3.24 -5.36
N SER A 277 6.92 4.14 -6.21
CA SER A 277 5.76 4.95 -5.84
C SER A 277 4.52 4.10 -5.62
N SER A 278 4.48 2.90 -6.17
CA SER A 278 3.42 1.93 -5.89
C SER A 278 3.71 1.12 -4.64
N GLN A 279 4.74 1.50 -3.88
CA GLN A 279 5.18 0.77 -2.69
C GLN A 279 5.57 -0.66 -3.03
N GLU A 280 6.13 -0.85 -4.21
CA GLU A 280 6.50 -2.15 -4.72
C GLU A 280 8.02 -2.24 -4.81
N GLY A 281 8.60 -3.25 -4.16
CA GLY A 281 10.01 -3.53 -4.30
C GLY A 281 10.96 -2.42 -3.97
N TRP A 282 10.55 -1.42 -3.18
CA TRP A 282 11.44 -0.33 -2.83
C TRP A 282 12.23 -0.60 -1.56
N VAL A 283 11.75 -1.49 -0.70
CA VAL A 283 12.43 -1.76 0.56
C VAL A 283 13.72 -2.54 0.33
N PHE A 284 13.67 -3.50 -0.58
CA PHE A 284 14.87 -4.29 -0.86
C PHE A 284 15.84 -3.56 -1.77
N LEU A 285 15.31 -2.73 -2.67
CA LEU A 285 16.15 -1.75 -3.36
C LEU A 285 16.86 -0.84 -2.37
N MET A 286 16.14 -0.39 -1.34
CA MET A 286 16.76 0.44 -0.31
C MET A 286 17.82 -0.32 0.46
N TYR A 287 17.60 -1.59 0.74
CA TYR A 287 18.62 -2.41 1.39
C TYR A 287 19.87 -2.49 0.53
N ARG A 288 19.70 -2.71 -0.78
CA ARG A 288 20.85 -2.71 -1.68
C ARG A 288 21.57 -1.36 -1.68
N ALA A 289 20.82 -0.27 -1.69
CA ALA A 289 21.43 1.05 -1.66
C ALA A 289 22.21 1.28 -0.38
N ILE A 290 21.65 0.86 0.75
CA ILE A 290 22.32 1.01 2.04
C ILE A 290 23.60 0.19 2.07
N ASP A 291 23.59 -0.98 1.45
CA ASP A 291 24.80 -1.79 1.41
C ASP A 291 25.82 -1.30 0.41
N SER A 292 25.41 -0.52 -0.59
CA SER A 292 26.33 -0.08 -1.64
C SER A 292 26.84 1.34 -1.46
N PHE A 293 26.10 2.21 -0.78
CA PHE A 293 26.44 3.62 -0.69
C PHE A 293 26.30 4.09 0.74
N PRO A 294 26.64 5.35 1.05
CA PRO A 294 26.34 5.87 2.40
C PRO A 294 24.88 5.77 2.76
N ARG A 295 24.60 5.70 4.06
CA ARG A 295 23.27 5.36 4.54
C ARG A 295 22.31 6.55 4.47
N TRP A 296 22.80 7.75 4.81
CA TRP A 296 21.94 8.92 4.81
C TRP A 296 21.31 9.14 3.44
N ARG A 297 22.06 8.86 2.37
CA ARG A 297 21.54 8.97 1.02
C ARG A 297 20.27 8.15 0.87
N SER A 298 20.33 6.88 1.23
CA SER A 298 19.19 5.99 1.03
C SER A 298 18.03 6.40 1.93
N TYR A 299 18.32 6.74 3.19
CA TYR A 299 17.23 7.10 4.09
C TYR A 299 16.49 8.33 3.59
N PHE A 300 17.22 9.42 3.33
CA PHE A 300 16.61 10.62 2.81
C PHE A 300 15.84 10.34 1.52
N TYR A 301 16.50 9.70 0.55
CA TYR A 301 15.90 9.46 -0.74
C TYR A 301 14.61 8.69 -0.62
N PHE A 302 14.66 7.49 -0.04
CA PHE A 302 13.50 6.61 -0.08
C PHE A 302 12.39 7.10 0.85
N ILE A 303 12.73 7.72 1.98
CA ILE A 303 11.65 8.19 2.85
C ILE A 303 10.93 9.37 2.20
N THR A 304 11.66 10.29 1.57
CA THR A 304 10.97 11.38 0.88
C THR A 304 10.24 10.88 -0.37
N LEU A 305 10.76 9.85 -1.04
CA LEU A 305 10.05 9.29 -2.17
C LEU A 305 8.72 8.68 -1.74
N ILE A 306 8.72 7.93 -0.64
CA ILE A 306 7.47 7.35 -0.16
C ILE A 306 6.52 8.44 0.31
N PHE A 307 7.04 9.48 0.97
CA PHE A 307 6.15 10.51 1.49
C PHE A 307 5.52 11.33 0.37
N PHE A 308 6.30 11.72 -0.64
CA PHE A 308 5.76 12.58 -1.68
C PHE A 308 5.01 11.79 -2.75
N LEU A 309 5.66 10.78 -3.32
CA LEU A 309 5.08 10.06 -4.44
C LEU A 309 4.04 9.05 -3.97
N ALA A 310 4.37 8.23 -2.98
CA ALA A 310 3.49 7.14 -2.62
C ALA A 310 2.28 7.61 -1.83
N TRP A 311 2.39 8.71 -1.10
CA TRP A 311 1.25 9.22 -0.33
C TRP A 311 0.57 10.41 -1.00
N LEU A 312 1.29 11.52 -1.18
CA LEU A 312 0.62 12.77 -1.53
C LEU A 312 0.21 12.82 -3.00
N VAL A 313 1.18 12.62 -3.90
CA VAL A 313 0.88 12.67 -5.33
C VAL A 313 -0.13 11.59 -5.70
N LYS A 314 -0.10 10.45 -5.01
CA LYS A 314 -1.11 9.42 -5.24
C LYS A 314 -2.49 9.88 -4.77
N ASN A 315 -2.55 10.55 -3.62
CA ASN A 315 -3.82 11.05 -3.12
C ASN A 315 -4.40 12.16 -3.98
N VAL A 316 -3.59 12.83 -4.79
CA VAL A 316 -4.14 13.86 -5.67
C VAL A 316 -5.05 13.24 -6.74
N PHE A 317 -4.76 12.02 -7.19
CA PHE A 317 -5.66 11.33 -8.11
C PHE A 317 -7.01 11.02 -7.46
N ILE A 318 -6.98 10.57 -6.21
CA ILE A 318 -8.21 10.34 -5.46
C ILE A 318 -8.99 11.64 -5.34
N ALA A 319 -8.30 12.75 -5.10
CA ALA A 319 -8.94 14.06 -5.07
C ALA A 319 -9.61 14.37 -6.40
N VAL A 320 -8.95 14.03 -7.51
CA VAL A 320 -9.52 14.31 -8.83
C VAL A 320 -10.82 13.52 -9.04
N ILE A 321 -10.84 12.26 -8.63
CA ILE A 321 -12.05 11.47 -8.82
C ILE A 321 -13.17 11.93 -7.90
N ILE A 322 -12.82 12.33 -6.67
CA ILE A 322 -13.83 12.87 -5.77
C ILE A 322 -14.41 14.17 -6.33
N GLU A 323 -13.57 14.98 -6.98
CA GLU A 323 -14.07 16.19 -7.63
C GLU A 323 -14.96 15.85 -8.82
N THR A 324 -14.66 14.77 -9.53
CA THR A 324 -15.55 14.33 -10.59
C THR A 324 -16.93 14.01 -10.06
N PHE A 325 -17.01 13.34 -8.91
CA PHE A 325 -18.32 13.05 -8.34
C PHE A 325 -19.01 14.32 -7.84
N ALA A 326 -18.25 15.27 -7.30
CA ALA A 326 -18.82 16.55 -6.93
C ALA A 326 -19.38 17.27 -8.15
N GLU A 327 -18.71 17.16 -9.29
CA GLU A 327 -19.20 17.81 -10.50
C GLU A 327 -20.45 17.12 -11.02
N ILE A 328 -20.52 15.80 -10.88
CA ILE A 328 -21.76 15.09 -11.23
C ILE A 328 -22.91 15.61 -10.40
N ARG A 329 -22.68 15.81 -9.10
CA ARG A 329 -23.72 16.37 -8.25
C ARG A 329 -24.12 17.77 -8.71
N VAL A 330 -23.15 18.61 -9.04
CA VAL A 330 -23.45 19.98 -9.47
C VAL A 330 -24.27 19.97 -10.75
N GLN A 331 -23.94 19.06 -11.68
CA GLN A 331 -24.67 19.00 -12.94
C GLN A 331 -26.09 18.50 -12.72
N PHE A 332 -26.26 17.45 -11.92
CA PHE A 332 -27.60 16.99 -11.60
C PHE A 332 -28.41 18.03 -10.85
N GLN A 333 -27.74 18.95 -10.16
CA GLN A 333 -28.48 19.99 -9.44
C GLN A 333 -28.89 21.13 -10.35
N GLN A 334 -27.98 21.59 -11.21
CA GLN A 334 -28.31 22.72 -12.06
C GLN A 334 -29.06 22.32 -13.33
N MET A 335 -29.21 21.02 -13.59
CA MET A 335 -30.11 20.59 -14.65
C MET A 335 -31.54 20.98 -14.34
N TRP A 336 -31.99 20.76 -13.11
CA TRP A 336 -33.32 21.19 -12.70
C TRP A 336 -33.25 22.45 -11.84
N PRO A 374 -53.46 -21.62 9.51
CA PRO A 374 -53.18 -21.51 10.94
C PRO A 374 -53.66 -20.18 11.52
N ALA A 375 -54.13 -20.21 12.77
CA ALA A 375 -54.56 -19.00 13.46
C ALA A 375 -53.52 -18.53 14.48
N CYS A 376 -52.88 -19.47 15.18
CA CYS A 376 -51.94 -19.11 16.25
C CYS A 376 -50.49 -19.29 15.82
N LEU A 377 -50.21 -20.24 14.92
CA LEU A 377 -48.87 -20.41 14.41
C LEU A 377 -48.35 -19.13 13.78
N GLN A 378 -49.22 -18.36 13.13
CA GLN A 378 -48.81 -17.07 12.60
C GLN A 378 -48.43 -16.11 13.72
N LYS A 379 -49.16 -16.15 14.83
CA LYS A 379 -48.83 -15.26 15.94
C LYS A 379 -47.49 -15.62 16.55
N MET A 380 -47.23 -16.92 16.76
CA MET A 380 -45.93 -17.32 17.28
C MET A 380 -44.81 -17.12 16.26
N MET A 381 -45.13 -17.04 14.98
CA MET A 381 -44.16 -16.64 13.98
C MET A 381 -43.89 -15.14 14.02
N ARG A 382 -44.87 -14.33 14.43
CA ARG A 382 -44.70 -12.90 14.49
C ARG A 382 -44.01 -12.42 15.77
N SER A 383 -43.79 -13.31 16.73
CA SER A 383 -43.23 -12.91 18.00
C SER A 383 -41.74 -12.65 17.89
N SER A 384 -41.25 -11.73 18.72
CA SER A 384 -39.81 -11.46 18.73
C SER A 384 -39.04 -12.58 19.42
N VAL A 385 -39.70 -13.40 20.24
CA VAL A 385 -39.02 -14.54 20.81
C VAL A 385 -38.63 -15.54 19.72
N PHE A 386 -39.48 -15.66 18.70
CA PHE A 386 -39.14 -16.55 17.58
C PHE A 386 -37.96 -15.99 16.79
N HIS A 387 -37.90 -14.68 16.61
CA HIS A 387 -36.77 -14.09 15.90
C HIS A 387 -35.48 -14.26 16.70
N MET A 388 -35.54 -14.02 18.02
CA MET A 388 -34.35 -14.25 18.84
C MET A 388 -33.91 -15.70 18.79
N PHE A 389 -34.86 -16.64 18.82
CA PHE A 389 -34.51 -18.05 18.76
C PHE A 389 -33.87 -18.42 17.43
N ILE A 390 -34.40 -17.87 16.33
CA ILE A 390 -33.86 -18.20 15.02
C ILE A 390 -32.48 -17.59 14.83
N LEU A 391 -32.27 -16.37 15.31
CA LEU A 391 -30.95 -15.76 15.17
C LEU A 391 -29.94 -16.44 16.10
N SER A 392 -30.37 -16.89 17.27
CA SER A 392 -29.49 -17.70 18.10
C SER A 392 -29.16 -19.03 17.44
N MET A 393 -30.11 -19.61 16.71
CA MET A 393 -29.83 -20.85 15.99
C MET A 393 -28.86 -20.62 14.84
N VAL A 394 -28.99 -19.50 14.15
CA VAL A 394 -28.02 -19.14 13.11
C VAL A 394 -26.63 -18.99 13.71
N THR A 395 -26.55 -18.29 14.85
CA THR A 395 -25.28 -18.11 15.54
C THR A 395 -24.67 -19.45 15.92
N VAL A 396 -25.45 -20.31 16.56
CA VAL A 396 -24.94 -21.62 16.98
C VAL A 396 -24.52 -22.44 15.79
N ASP A 397 -25.30 -22.40 14.70
CA ASP A 397 -24.96 -23.16 13.51
C ASP A 397 -23.62 -22.74 12.93
N VAL A 398 -23.42 -21.43 12.76
CA VAL A 398 -22.19 -21.00 12.12
C VAL A 398 -20.99 -21.19 13.05
N ILE A 399 -21.20 -21.05 14.37
CA ILE A 399 -20.11 -21.30 15.30
C ILE A 399 -19.71 -22.76 15.28
N VAL A 400 -20.69 -23.66 15.26
CA VAL A 400 -20.40 -25.08 15.25
C VAL A 400 -19.70 -25.49 13.96
N ALA A 401 -20.18 -24.96 12.83
CA ALA A 401 -19.54 -25.29 11.56
C ALA A 401 -18.11 -24.76 11.50
N ALA A 402 -17.86 -23.57 12.07
CA ALA A 402 -16.51 -23.03 12.06
C ALA A 402 -15.55 -23.78 12.99
N SER A 403 -16.07 -24.49 13.97
CA SER A 403 -15.24 -25.13 14.99
C SER A 403 -14.82 -26.55 14.63
N ASN A 404 -14.97 -26.94 13.36
CA ASN A 404 -14.58 -28.28 12.91
C ASN A 404 -13.12 -28.26 12.50
N TYR A 405 -12.24 -28.16 13.50
CA TYR A 405 -10.82 -27.96 13.24
C TYR A 405 -10.15 -29.29 12.93
N TYR A 406 -8.96 -29.19 12.35
CA TYR A 406 -8.23 -30.38 11.92
C TYR A 406 -7.71 -31.16 13.12
N LYS A 407 -7.99 -32.45 13.14
CA LYS A 407 -7.69 -33.30 14.29
C LYS A 407 -6.67 -34.38 14.00
N GLY A 408 -6.20 -34.49 12.76
CA GLY A 408 -5.18 -35.47 12.42
C GLY A 408 -5.60 -36.32 11.24
N GLU A 409 -4.64 -37.14 10.79
CA GLU A 409 -4.82 -37.95 9.59
C GLU A 409 -5.57 -39.26 9.86
N ASN A 410 -6.24 -39.39 11.00
CA ASN A 410 -6.97 -40.60 11.32
C ASN A 410 -8.40 -40.27 11.76
N PHE A 411 -9.06 -39.41 10.99
CA PHE A 411 -10.48 -39.11 11.19
C PHE A 411 -11.15 -39.04 9.83
N ARG A 412 -12.46 -38.83 9.84
CA ARG A 412 -13.24 -38.96 8.61
C ARG A 412 -13.55 -37.61 7.97
N ARG A 413 -14.21 -36.71 8.72
CA ARG A 413 -14.65 -35.41 8.23
C ARG A 413 -15.71 -35.53 7.13
N GLN A 414 -16.43 -36.64 7.07
CA GLN A 414 -17.41 -36.86 6.02
C GLN A 414 -18.83 -37.06 6.55
N TYR A 415 -19.01 -37.93 7.53
CA TYR A 415 -20.33 -38.24 8.09
C TYR A 415 -20.34 -38.09 9.60
N ASP A 416 -19.50 -37.22 10.13
CA ASP A 416 -19.29 -37.11 11.57
C ASP A 416 -20.40 -36.31 12.23
N GLU A 417 -20.16 -35.91 13.48
CA GLU A 417 -21.17 -35.19 14.26
C GLU A 417 -21.38 -33.78 13.75
N PHE A 418 -20.37 -33.18 13.12
CA PHE A 418 -20.56 -31.87 12.52
C PHE A 418 -21.51 -31.95 11.33
N TYR A 419 -21.42 -33.02 10.55
CA TYR A 419 -22.37 -33.23 9.46
C TYR A 419 -23.79 -33.39 9.97
N LEU A 420 -23.96 -34.11 11.09
CA LEU A 420 -25.31 -34.30 11.63
C LEU A 420 -25.85 -33.00 12.21
N ALA A 421 -24.99 -32.21 12.85
CA ALA A 421 -25.42 -30.89 13.29
C ALA A 421 -25.84 -30.02 12.12
N GLU A 422 -25.09 -30.10 11.02
CA GLU A 422 -25.43 -29.33 9.82
C GLU A 422 -26.77 -29.78 9.24
N VAL A 423 -27.00 -31.09 9.18
CA VAL A 423 -28.30 -31.60 8.75
C VAL A 423 -29.40 -31.06 9.64
N ALA A 424 -29.20 -31.09 10.96
CA ALA A 424 -30.23 -30.64 11.87
C ALA A 424 -30.56 -29.17 11.65
N PHE A 425 -29.54 -28.32 11.52
CA PHE A 425 -29.79 -26.90 11.33
C PHE A 425 -30.41 -26.61 9.96
N THR A 426 -29.99 -27.35 8.93
CA THR A 426 -30.60 -27.18 7.62
C THR A 426 -32.09 -27.53 7.68
N VAL A 427 -32.43 -28.63 8.34
CA VAL A 427 -33.83 -29.00 8.49
C VAL A 427 -34.59 -27.94 9.29
N LEU A 428 -33.94 -27.37 10.30
CA LEU A 428 -34.59 -26.35 11.11
C LEU A 428 -34.93 -25.12 10.29
N PHE A 429 -33.98 -24.63 9.50
CA PHE A 429 -34.24 -23.42 8.73
C PHE A 429 -35.15 -23.69 7.54
N ASP A 430 -35.13 -24.90 6.99
CA ASP A 430 -36.14 -25.28 6.01
C ASP A 430 -37.54 -25.27 6.63
N LEU A 431 -37.65 -25.71 7.88
CA LEU A 431 -38.95 -25.65 8.55
C LEU A 431 -39.38 -24.21 8.81
N GLU A 432 -38.43 -23.35 9.18
CA GLU A 432 -38.76 -21.94 9.36
C GLU A 432 -39.26 -21.31 8.07
N ALA A 433 -38.60 -21.60 6.95
CA ALA A 433 -39.04 -21.06 5.67
C ALA A 433 -40.41 -21.61 5.28
N LEU A 434 -40.62 -22.91 5.46
CA LEU A 434 -41.92 -23.50 5.18
C LEU A 434 -43.00 -22.82 6.01
N LEU A 435 -42.72 -22.58 7.28
CA LEU A 435 -43.70 -21.97 8.17
C LEU A 435 -44.01 -20.54 7.75
N LYS A 436 -42.98 -19.77 7.39
CA LYS A 436 -43.22 -18.41 6.94
C LYS A 436 -44.06 -18.39 5.68
N ILE A 437 -43.82 -19.33 4.76
CA ILE A 437 -44.63 -19.43 3.55
C ILE A 437 -46.06 -19.79 3.91
N TRP A 438 -46.25 -20.79 4.76
CA TRP A 438 -47.58 -21.23 5.14
C TRP A 438 -48.32 -20.19 5.94
N CYS A 439 -47.62 -19.20 6.48
CA CYS A 439 -48.31 -18.11 7.17
C CYS A 439 -48.63 -16.94 6.25
N LEU A 440 -47.64 -16.46 5.49
CA LEU A 440 -47.78 -15.23 4.70
C LEU A 440 -48.16 -15.51 3.25
N GLY A 441 -48.51 -16.73 2.91
CA GLY A 441 -48.63 -17.08 1.51
C GLY A 441 -47.27 -17.09 0.84
N PHE A 442 -47.19 -17.52 -0.41
CA PHE A 442 -45.87 -17.58 -1.03
C PHE A 442 -45.43 -16.22 -1.57
N THR A 443 -46.29 -15.55 -2.34
CA THR A 443 -45.86 -14.30 -2.97
C THR A 443 -45.57 -13.22 -1.93
N GLY A 444 -46.40 -13.13 -0.90
CA GLY A 444 -46.14 -12.19 0.17
C GLY A 444 -44.87 -12.51 0.93
N TYR A 445 -44.48 -13.79 0.95
CA TYR A 445 -43.18 -14.17 1.49
C TYR A 445 -42.06 -13.66 0.58
N ILE A 446 -42.08 -14.09 -0.68
CA ILE A 446 -40.97 -13.84 -1.60
C ILE A 446 -40.82 -12.39 -1.98
N SER A 447 -41.82 -11.55 -1.72
CA SER A 447 -41.68 -10.14 -2.06
C SER A 447 -40.72 -9.40 -1.13
N SER A 448 -40.32 -10.01 0.00
CA SER A 448 -39.63 -9.26 1.04
C SER A 448 -38.22 -8.82 0.67
N SER A 449 -37.62 -9.45 -0.34
CA SER A 449 -36.27 -9.11 -0.82
C SER A 449 -35.19 -9.42 0.20
N LEU A 450 -35.62 -9.82 1.41
CA LEU A 450 -34.75 -10.50 2.37
C LEU A 450 -35.16 -11.96 2.55
N HIS A 451 -36.44 -12.25 2.37
CA HIS A 451 -36.88 -13.63 2.22
C HIS A 451 -36.37 -14.26 0.93
N LYS A 452 -36.02 -13.46 -0.08
CA LYS A 452 -35.41 -14.03 -1.28
C LYS A 452 -34.03 -14.60 -0.96
N PHE A 453 -33.23 -13.84 -0.20
CA PHE A 453 -31.93 -14.34 0.22
C PHE A 453 -32.07 -15.53 1.16
N GLU A 454 -33.09 -15.53 2.01
CA GLU A 454 -33.28 -16.65 2.93
C GLU A 454 -33.74 -17.91 2.19
N LEU A 455 -34.54 -17.75 1.14
CA LEU A 455 -34.93 -18.90 0.33
C LEU A 455 -33.75 -19.41 -0.48
N LEU A 456 -32.94 -18.50 -1.01
CA LEU A 456 -31.69 -18.89 -1.67
C LEU A 456 -30.82 -19.69 -0.72
N LEU A 457 -30.71 -19.26 0.54
CA LEU A 457 -29.92 -20.01 1.51
C LEU A 457 -30.54 -21.36 1.80
N VAL A 458 -31.87 -21.43 1.92
CA VAL A 458 -32.54 -22.71 2.18
C VAL A 458 -32.23 -23.71 1.09
N ILE A 459 -32.37 -23.30 -0.17
CA ILE A 459 -32.11 -24.20 -1.28
C ILE A 459 -30.64 -24.59 -1.33
N GLY A 460 -29.75 -23.59 -1.23
CA GLY A 460 -28.33 -23.88 -1.34
C GLY A 460 -27.82 -24.77 -0.23
N THR A 461 -28.31 -24.58 0.99
CA THR A 461 -27.85 -25.39 2.10
C THR A 461 -28.48 -26.78 2.10
N THR A 462 -29.70 -26.90 1.57
CA THR A 462 -30.27 -28.23 1.42
C THR A 462 -29.48 -29.04 0.40
N LEU A 463 -29.12 -28.42 -0.73
CA LEU A 463 -28.22 -29.09 -1.66
C LEU A 463 -26.86 -29.35 -1.03
N HIS A 464 -26.40 -28.43 -0.20
CA HIS A 464 -25.12 -28.58 0.46
C HIS A 464 -25.09 -29.83 1.33
N VAL A 465 -26.17 -30.10 2.05
CA VAL A 465 -26.17 -31.20 3.01
C VAL A 465 -26.25 -32.57 2.35
N TYR A 466 -26.60 -32.65 1.08
CA TYR A 466 -26.55 -33.91 0.35
C TYR A 466 -25.11 -34.43 0.37
N PRO A 467 -24.86 -35.66 0.83
CA PRO A 467 -23.50 -36.03 1.24
C PRO A 467 -22.57 -36.32 0.07
N ASP A 468 -22.63 -35.49 -0.96
CA ASP A 468 -21.63 -35.42 -2.01
C ASP A 468 -21.30 -33.98 -2.36
N LEU A 469 -22.08 -33.02 -1.87
CA LEU A 469 -21.79 -31.60 -1.98
C LEU A 469 -21.48 -30.99 -0.63
N TYR A 470 -21.14 -31.83 0.34
CA TYR A 470 -20.75 -31.35 1.65
C TYR A 470 -19.29 -30.92 1.49
N HIS A 471 -18.90 -29.81 2.12
CA HIS A 471 -17.54 -29.30 2.03
C HIS A 471 -17.00 -29.08 0.59
N SER A 472 -17.86 -28.45 -0.20
CA SER A 472 -17.63 -28.08 -1.59
C SER A 472 -17.94 -26.59 -1.72
N GLN A 473 -18.08 -26.11 -2.95
CA GLN A 473 -18.46 -24.73 -3.15
C GLN A 473 -19.82 -24.43 -2.55
N PHE A 474 -20.67 -25.45 -2.41
CA PHE A 474 -21.97 -25.26 -1.79
C PHE A 474 -21.86 -24.84 -0.33
N THR A 475 -20.72 -25.08 0.31
CA THR A 475 -20.53 -24.58 1.68
C THR A 475 -20.68 -23.07 1.73
N TYR A 476 -20.43 -22.38 0.62
CA TYR A 476 -20.65 -20.94 0.59
C TYR A 476 -22.03 -20.56 1.07
N PHE A 477 -23.04 -21.40 0.79
CA PHE A 477 -24.38 -21.09 1.26
C PHE A 477 -24.44 -21.16 2.78
N GLN A 478 -23.89 -22.22 3.36
CA GLN A 478 -23.95 -22.38 4.80
C GLN A 478 -23.29 -21.21 5.52
N VAL A 479 -22.03 -20.94 5.21
CA VAL A 479 -21.32 -19.83 5.84
C VAL A 479 -21.95 -18.49 5.52
N LEU A 480 -22.87 -18.42 4.56
CA LEU A 480 -23.52 -17.14 4.31
C LEU A 480 -24.64 -16.84 5.28
N ARG A 481 -25.09 -17.82 6.06
CA ARG A 481 -26.22 -17.59 6.95
C ARG A 481 -25.91 -16.52 7.99
N VAL A 482 -24.63 -16.28 8.29
CA VAL A 482 -24.28 -15.23 9.25
C VAL A 482 -24.78 -13.86 8.80
N VAL A 483 -25.03 -13.67 7.50
CA VAL A 483 -25.55 -12.40 7.04
C VAL A 483 -26.88 -12.09 7.71
N ARG A 484 -27.69 -13.11 7.99
CA ARG A 484 -28.96 -12.88 8.68
C ARG A 484 -28.75 -12.19 10.02
N LEU A 485 -27.61 -12.45 10.67
CA LEU A 485 -27.31 -11.83 11.94
C LEU A 485 -27.26 -10.32 11.87
N ILE A 486 -27.20 -9.74 10.67
CA ILE A 486 -27.23 -8.28 10.57
C ILE A 486 -28.50 -7.72 11.18
N LYS A 487 -29.55 -8.53 11.34
CA LYS A 487 -30.78 -8.03 11.94
C LYS A 487 -30.78 -8.14 13.46
N ILE A 488 -29.61 -8.23 14.09
CA ILE A 488 -29.59 -8.01 15.54
C ILE A 488 -29.38 -6.54 15.86
N SER A 489 -28.68 -5.81 15.00
CA SER A 489 -28.34 -4.42 15.24
C SER A 489 -29.00 -3.52 14.21
N PRO A 490 -30.03 -2.76 14.58
CA PRO A 490 -30.59 -1.79 13.63
C PRO A 490 -29.58 -0.74 13.19
N ALA A 491 -28.64 -0.38 14.06
CA ALA A 491 -27.65 0.63 13.70
C ALA A 491 -26.69 0.11 12.64
N LEU A 492 -26.23 -1.13 12.78
CA LEU A 492 -25.35 -1.70 11.78
C LEU A 492 -26.06 -1.84 10.43
N GLU A 493 -27.34 -2.19 10.46
CA GLU A 493 -28.12 -2.30 9.23
C GLU A 493 -28.28 -0.94 8.56
N ASP A 494 -28.58 0.10 9.35
CA ASP A 494 -28.68 1.45 8.78
C ASP A 494 -27.34 1.88 8.21
N PHE A 495 -26.24 1.56 8.89
CA PHE A 495 -24.93 1.93 8.37
C PHE A 495 -24.62 1.18 7.08
N VAL A 496 -25.05 -0.06 6.97
CA VAL A 496 -24.85 -0.83 5.74
C VAL A 496 -25.62 -0.19 4.59
N TYR A 497 -26.89 0.10 4.82
CA TYR A 497 -27.70 0.77 3.79
C TYR A 497 -27.12 2.13 3.41
N LYS A 498 -26.53 2.83 4.36
CA LYS A 498 -25.97 4.15 4.08
C LYS A 498 -24.69 4.03 3.24
N ILE A 499 -23.75 3.19 3.68
CA ILE A 499 -22.43 3.19 3.06
C ILE A 499 -22.41 2.39 1.77
N PHE A 500 -23.36 1.49 1.55
CA PHE A 500 -23.41 0.81 0.25
C PHE A 500 -24.37 1.48 -0.72
N GLY A 501 -25.25 2.35 -0.24
CA GLY A 501 -26.07 3.18 -1.08
C GLY A 501 -26.96 2.39 -2.01
N PRO A 502 -27.32 2.97 -3.15
CA PRO A 502 -28.11 2.25 -4.15
C PRO A 502 -27.27 1.22 -4.88
N GLY A 503 -27.95 0.20 -5.39
CA GLY A 503 -27.30 -0.83 -6.16
C GLY A 503 -27.09 -0.42 -7.60
N LYS A 504 -27.00 0.89 -7.83
CA LYS A 504 -26.81 1.45 -9.15
C LYS A 504 -25.58 2.33 -9.26
N LYS A 505 -24.96 2.71 -8.15
CA LYS A 505 -23.69 3.42 -8.17
C LYS A 505 -22.54 2.47 -7.86
N LEU A 506 -22.59 1.80 -6.71
CA LEU A 506 -21.55 0.85 -6.35
C LEU A 506 -21.68 -0.44 -7.16
N GLY A 507 -22.91 -0.92 -7.37
CA GLY A 507 -23.10 -2.11 -8.17
C GLY A 507 -22.66 -1.92 -9.60
N SER A 508 -22.96 -0.76 -10.17
CA SER A 508 -22.50 -0.43 -11.52
C SER A 508 -20.98 -0.40 -11.58
N LEU A 509 -20.33 0.11 -10.54
CA LEU A 509 -18.88 0.13 -10.50
C LEU A 509 -18.30 -1.28 -10.40
N VAL A 510 -18.93 -2.15 -9.61
CA VAL A 510 -18.47 -3.53 -9.51
C VAL A 510 -18.64 -4.25 -10.84
N VAL A 511 -19.75 -4.02 -11.53
CA VAL A 511 -19.95 -4.65 -12.83
C VAL A 511 -18.96 -4.12 -13.84
N PHE A 512 -18.69 -2.81 -13.82
CA PHE A 512 -17.69 -2.25 -14.72
C PHE A 512 -16.30 -2.83 -14.41
N THR A 513 -15.98 -3.02 -13.13
CA THR A 513 -14.68 -3.57 -12.77
C THR A 513 -14.54 -5.00 -13.22
N ALA A 514 -15.57 -5.82 -13.00
CA ALA A 514 -15.53 -7.20 -13.47
C ALA A 514 -15.42 -7.27 -14.99
N SER A 515 -16.19 -6.43 -15.69
CA SER A 515 -16.14 -6.44 -17.15
C SER A 515 -14.77 -6.00 -17.66
N LEU A 516 -14.21 -4.94 -17.07
CA LEU A 516 -12.89 -4.48 -17.47
C LEU A 516 -11.82 -5.55 -17.21
N LEU A 517 -11.91 -6.22 -16.06
CA LEU A 517 -10.96 -7.29 -15.76
C LEU A 517 -11.07 -8.41 -16.78
N ILE A 518 -12.30 -8.79 -17.13
CA ILE A 518 -12.49 -9.87 -18.09
C ILE A 518 -11.96 -9.48 -19.46
N VAL A 519 -12.23 -8.25 -19.89
CA VAL A 519 -11.82 -7.82 -21.22
C VAL A 519 -10.31 -7.67 -21.30
N MET A 520 -9.68 -7.10 -20.27
CA MET A 520 -8.23 -6.96 -20.28
C MET A 520 -7.55 -8.31 -20.17
N SER A 521 -8.13 -9.25 -19.41
CA SER A 521 -7.59 -10.59 -19.35
C SER A 521 -7.69 -11.28 -20.70
N ALA A 522 -8.81 -11.13 -21.39
CA ALA A 522 -8.98 -11.76 -22.70
C ALA A 522 -8.02 -11.15 -23.72
N ILE A 523 -7.83 -9.84 -23.67
CA ILE A 523 -6.90 -9.19 -24.60
C ILE A 523 -5.47 -9.64 -24.33
N SER A 524 -5.03 -9.59 -23.06
CA SER A 524 -3.69 -10.05 -22.74
C SER A 524 -3.51 -11.52 -23.06
N LEU A 525 -4.58 -12.30 -22.92
CA LEU A 525 -4.56 -13.70 -23.30
C LEU A 525 -4.26 -13.86 -24.78
N GLN A 526 -5.00 -13.16 -25.62
CA GLN A 526 -4.74 -13.23 -27.06
C GLN A 526 -3.38 -12.67 -27.43
N MET A 527 -2.84 -11.76 -26.61
CA MET A 527 -1.51 -11.23 -26.88
C MET A 527 -0.41 -12.23 -26.56
N PHE A 528 -0.57 -12.99 -25.47
CA PHE A 528 0.54 -13.74 -24.92
C PHE A 528 0.30 -15.25 -24.80
N CYS A 529 -0.78 -15.79 -25.35
CA CYS A 529 -1.02 -17.22 -25.18
C CYS A 529 -0.06 -18.08 -25.99
N PHE A 530 0.51 -17.55 -27.06
CA PHE A 530 1.43 -18.31 -27.90
C PHE A 530 2.89 -18.14 -27.53
N VAL A 531 3.22 -17.16 -26.69
CA VAL A 531 4.62 -16.86 -26.38
C VAL A 531 5.21 -18.03 -25.60
N GLU A 532 6.40 -18.46 -26.01
CA GLU A 532 7.03 -19.63 -25.42
C GLU A 532 7.61 -19.31 -24.06
N GLU A 533 7.40 -20.23 -23.11
CA GLU A 533 7.95 -20.15 -21.76
C GLU A 533 7.36 -18.99 -20.97
N LEU A 534 6.09 -18.71 -21.20
CA LEU A 534 5.34 -17.68 -20.46
C LEU A 534 4.06 -18.35 -19.96
N ASP A 535 4.08 -18.84 -18.73
CA ASP A 535 2.94 -19.53 -18.15
C ASP A 535 2.01 -18.59 -17.39
N ARG A 536 2.04 -17.29 -17.68
CA ARG A 536 1.16 -16.34 -17.04
C ARG A 536 -0.09 -16.04 -17.85
N PHE A 537 -0.09 -16.36 -19.15
CA PHE A 537 -1.23 -16.08 -20.01
C PHE A 537 -1.53 -17.26 -20.92
N THR A 538 -1.27 -18.48 -20.45
CA THR A 538 -1.54 -19.65 -21.28
C THR A 538 -3.03 -19.93 -21.39
N THR A 539 -3.78 -19.69 -20.32
CA THR A 539 -5.22 -19.90 -20.32
C THR A 539 -5.90 -18.67 -19.75
N PHE A 540 -7.22 -18.62 -19.88
CA PHE A 540 -7.95 -17.48 -19.34
C PHE A 540 -7.87 -17.41 -17.82
N PRO A 541 -7.97 -18.52 -17.07
CA PRO A 541 -7.78 -18.40 -15.62
C PRO A 541 -6.44 -17.79 -15.24
N ARG A 542 -5.37 -18.17 -15.93
CA ARG A 542 -4.06 -17.61 -15.61
C ARG A 542 -3.96 -16.14 -16.01
N ALA A 543 -4.45 -15.79 -17.19
CA ALA A 543 -4.41 -14.40 -17.61
C ALA A 543 -5.24 -13.52 -16.68
N PHE A 544 -6.39 -14.03 -16.23
CA PHE A 544 -7.20 -13.29 -15.28
C PHE A 544 -6.49 -13.14 -13.94
N MET A 545 -5.82 -14.20 -13.47
CA MET A 545 -5.04 -14.07 -12.25
C MET A 545 -3.95 -13.03 -12.39
N SER A 546 -3.30 -12.99 -13.55
CA SER A 546 -2.23 -12.02 -13.77
C SER A 546 -2.77 -10.59 -13.75
N MET A 547 -3.88 -10.34 -14.42
CA MET A 547 -4.42 -8.99 -14.46
C MET A 547 -4.99 -8.58 -13.10
N PHE A 548 -5.63 -9.51 -12.39
CA PHE A 548 -6.07 -9.23 -11.03
C PHE A 548 -4.90 -8.93 -10.11
N GLN A 549 -3.82 -9.65 -10.26
CA GLN A 549 -2.65 -9.43 -9.44
C GLN A 549 -2.06 -8.06 -9.69
N ILE A 550 -2.05 -7.62 -10.94
CA ILE A 550 -1.59 -6.27 -11.23
C ILE A 550 -2.53 -5.24 -10.63
N LEU A 551 -3.83 -5.53 -10.61
CA LEU A 551 -4.78 -4.65 -9.95
C LEU A 551 -4.48 -4.52 -8.45
N THR A 552 -4.18 -5.63 -7.77
CA THR A 552 -3.89 -5.60 -6.35
C THR A 552 -2.50 -5.07 -6.02
N GLN A 553 -1.63 -4.93 -7.03
CA GLN A 553 -0.30 -4.34 -6.94
C GLN A 553 0.73 -5.26 -6.30
N GLU A 554 0.30 -6.37 -5.73
CA GLU A 554 1.23 -7.31 -5.10
C GLU A 554 1.99 -8.03 -6.20
N GLY A 555 3.23 -7.63 -6.42
CA GLY A 555 4.08 -8.29 -7.39
C GLY A 555 3.73 -8.03 -8.84
N TRP A 556 3.13 -6.89 -9.15
CA TRP A 556 2.78 -6.59 -10.54
C TRP A 556 4.02 -6.45 -11.40
N VAL A 557 5.13 -5.91 -10.84
CA VAL A 557 6.37 -5.78 -11.59
C VAL A 557 6.91 -7.16 -11.95
N ASP A 558 6.67 -8.16 -11.10
CA ASP A 558 7.10 -9.51 -11.42
C ASP A 558 6.34 -10.06 -12.62
N VAL A 559 5.03 -9.83 -12.67
CA VAL A 559 4.24 -10.24 -13.83
C VAL A 559 4.77 -9.59 -15.09
N MET A 560 4.98 -8.27 -15.04
CA MET A 560 5.46 -7.57 -16.22
C MET A 560 6.87 -8.02 -16.60
N ASP A 561 7.73 -8.30 -15.61
CA ASP A 561 9.09 -8.73 -15.87
C ASP A 561 9.11 -10.08 -16.58
N GLN A 562 8.31 -11.03 -16.08
CA GLN A 562 8.23 -12.33 -16.73
C GLN A 562 7.75 -12.18 -18.16
N THR A 563 6.71 -11.37 -18.37
CA THR A 563 6.22 -11.16 -19.73
C THR A 563 7.28 -10.53 -20.62
N LEU A 564 7.97 -9.51 -20.11
CA LEU A 564 9.00 -8.81 -20.87
C LEU A 564 10.13 -9.74 -21.27
N ASN A 565 10.58 -10.59 -20.34
CA ASN A 565 11.60 -11.57 -20.68
C ASN A 565 11.09 -12.54 -21.75
N ALA A 566 9.82 -12.94 -21.65
CA ALA A 566 9.29 -13.92 -22.58
C ALA A 566 9.18 -13.35 -24.00
N VAL A 567 8.69 -12.11 -24.14
CA VAL A 567 8.38 -11.60 -25.47
C VAL A 567 9.64 -11.33 -26.28
N GLY A 568 10.77 -11.07 -25.62
CA GLY A 568 12.02 -10.83 -26.30
C GLY A 568 12.56 -9.44 -26.00
N HIS A 569 13.25 -8.86 -26.99
CA HIS A 569 13.82 -7.54 -26.89
C HIS A 569 13.21 -6.51 -27.82
N MET A 570 12.58 -6.94 -28.91
CA MET A 570 12.03 -5.99 -29.87
C MET A 570 10.66 -5.49 -29.42
N TRP A 571 9.82 -6.39 -28.91
CA TRP A 571 8.47 -6.03 -28.52
C TRP A 571 8.36 -5.65 -27.06
N ALA A 572 9.42 -5.84 -26.28
CA ALA A 572 9.37 -5.50 -24.86
C ALA A 572 8.95 -4.05 -24.60
N PRO A 573 9.36 -3.04 -25.37
CA PRO A 573 8.84 -1.69 -25.11
C PRO A 573 7.34 -1.57 -25.28
N LEU A 574 6.76 -2.24 -26.28
CA LEU A 574 5.33 -2.13 -26.50
C LEU A 574 4.53 -2.81 -25.38
N VAL A 575 4.95 -4.01 -24.97
CA VAL A 575 4.23 -4.66 -23.90
C VAL A 575 4.48 -3.97 -22.57
N ALA A 576 5.63 -3.32 -22.41
CA ALA A 576 5.87 -2.53 -21.20
C ALA A 576 4.96 -1.32 -21.16
N ILE A 577 4.76 -0.65 -22.29
CA ILE A 577 3.79 0.44 -22.34
C ILE A 577 2.40 -0.08 -22.01
N TYR A 578 2.04 -1.23 -22.57
CA TYR A 578 0.74 -1.84 -22.29
C TYR A 578 0.54 -2.06 -20.79
N PHE A 579 1.52 -2.71 -20.15
CA PHE A 579 1.37 -3.06 -18.74
C PHE A 579 1.43 -1.83 -17.84
N ILE A 580 2.29 -0.86 -18.17
CA ILE A 580 2.35 0.36 -17.37
C ILE A 580 1.06 1.15 -17.49
N LEU A 581 0.50 1.22 -18.70
CA LEU A 581 -0.77 1.92 -18.89
C LEU A 581 -1.90 1.24 -18.13
N TYR A 582 -1.93 -0.10 -18.19
CA TYR A 582 -2.95 -0.83 -17.45
C TYR A 582 -2.80 -0.60 -15.95
N HIS A 583 -1.57 -0.67 -15.44
CA HIS A 583 -1.36 -0.44 -14.01
C HIS A 583 -1.74 0.98 -13.62
N LEU A 584 -1.37 1.96 -14.43
CA LEU A 584 -1.74 3.35 -14.16
C LEU A 584 -3.25 3.49 -14.08
N PHE A 585 -3.97 3.02 -15.11
CA PHE A 585 -5.43 3.13 -15.07
C PHE A 585 -5.99 2.42 -13.85
N ALA A 586 -5.65 1.14 -13.67
CA ALA A 586 -6.17 0.37 -12.56
C ALA A 586 -5.98 1.11 -11.25
N THR A 587 -4.73 1.33 -10.86
CA THR A 587 -4.44 1.80 -9.52
C THR A 587 -4.74 3.28 -9.31
N LEU A 588 -4.75 4.11 -10.35
CA LEU A 588 -5.00 5.52 -10.13
C LEU A 588 -6.42 5.95 -10.48
N ILE A 589 -7.20 5.12 -11.17
CA ILE A 589 -8.56 5.46 -11.57
C ILE A 589 -9.59 4.53 -10.94
N LEU A 590 -9.38 3.22 -11.05
CA LEU A 590 -10.39 2.28 -10.58
C LEU A 590 -10.53 2.33 -9.07
N LEU A 591 -9.41 2.20 -8.35
CA LEU A 591 -9.45 2.24 -6.89
C LEU A 591 -9.92 3.61 -6.40
N SER A 592 -9.51 4.67 -7.08
CA SER A 592 -9.98 6.00 -6.73
C SER A 592 -11.49 6.12 -6.94
N LEU A 593 -12.02 5.45 -7.96
CA LEU A 593 -13.46 5.45 -8.17
C LEU A 593 -14.17 4.70 -7.06
N PHE A 594 -13.57 3.63 -6.56
CA PHE A 594 -14.15 2.93 -5.41
C PHE A 594 -14.22 3.86 -4.21
N VAL A 595 -13.11 4.57 -3.93
CA VAL A 595 -13.09 5.53 -2.83
C VAL A 595 -14.17 6.60 -3.02
N ALA A 596 -14.26 7.15 -4.24
CA ALA A 596 -15.19 8.23 -4.50
C ALA A 596 -16.63 7.77 -4.41
N VAL A 597 -16.92 6.54 -4.82
CA VAL A 597 -18.27 6.00 -4.70
C VAL A 597 -18.65 5.83 -3.24
N ILE A 598 -17.74 5.27 -2.44
CA ILE A 598 -18.04 5.14 -1.00
C ILE A 598 -18.27 6.50 -0.38
N LEU A 599 -17.44 7.49 -0.72
CA LEU A 599 -17.58 8.82 -0.15
C LEU A 599 -18.88 9.48 -0.58
N ASP A 600 -19.28 9.28 -1.83
CA ASP A 600 -20.56 9.80 -2.31
C ASP A 600 -21.72 9.12 -1.61
N ASN A 601 -21.57 7.84 -1.26
CA ASN A 601 -22.61 7.17 -0.50
C ASN A 601 -22.70 7.72 0.92
N LEU A 602 -21.56 8.07 1.51
CA LEU A 602 -21.58 8.63 2.86
C LEU A 602 -21.99 10.09 2.88
N GLU A 603 -21.82 10.81 1.78
CA GLU A 603 -22.21 12.22 1.72
C GLU A 603 -23.73 12.33 1.58
N LEU A 604 -24.31 13.23 2.35
CA LEU A 604 -25.75 13.44 2.30
C LEU A 604 -26.18 13.89 0.91
N ASP A 605 -27.40 13.53 0.54
CA ASP A 605 -27.95 13.89 -0.75
C ASP A 605 -28.13 15.40 -0.86
N GLU A 606 -27.89 15.94 -2.05
CA GLU A 606 -27.90 17.40 -2.23
C GLU A 606 -29.24 18.00 -1.83
N ASP A 607 -30.34 17.43 -2.33
CA ASP A 607 -31.67 17.92 -1.96
C ASP A 607 -31.90 17.83 -0.46
N LEU A 608 -31.45 16.73 0.16
CA LEU A 608 -31.58 16.61 1.60
C LEU A 608 -30.76 17.66 2.33
N LYS A 609 -29.57 18.00 1.79
CA LYS A 609 -28.77 19.05 2.42
C LYS A 609 -29.46 20.40 2.35
N LYS A 610 -30.01 20.74 1.19
CA LYS A 610 -30.75 22.00 1.07
C LYS A 610 -31.96 22.01 2.01
N LEU A 611 -32.70 20.91 2.05
CA LEU A 611 -33.89 20.85 2.89
C LEU A 611 -33.54 20.92 4.37
N LYS A 612 -32.40 20.35 4.76
CA LYS A 612 -31.98 20.43 6.15
C LYS A 612 -31.53 21.84 6.50
N GLN A 613 -30.87 22.53 5.56
CA GLN A 613 -30.53 23.92 5.77
C GLN A 613 -31.79 24.76 5.95
N LEU A 614 -32.81 24.53 5.11
CA LEU A 614 -34.06 25.27 5.23
C LEU A 614 -34.71 25.05 6.60
N LYS A 615 -34.68 23.82 7.09
CA LYS A 615 -35.16 23.53 8.43
C LYS A 615 -34.37 24.26 9.51
N GLN A 616 -33.29 24.93 9.15
CA GLN A 616 -32.46 25.65 10.11
C GLN A 616 -32.04 27.02 9.57
N ARG A 751 -21.23 35.09 -23.10
CA ARG A 751 -21.22 36.48 -22.65
C ARG A 751 -20.59 36.61 -21.28
N SER A 752 -20.56 37.83 -20.75
CA SER A 752 -19.94 38.08 -19.46
C SER A 752 -20.79 37.51 -18.33
N ILE A 753 -20.12 36.90 -17.36
CA ILE A 753 -20.82 36.27 -16.25
C ILE A 753 -21.52 37.31 -15.38
N LEU A 754 -20.98 38.53 -15.32
CA LEU A 754 -21.62 39.58 -14.55
C LEU A 754 -22.99 39.93 -15.11
N SER A 755 -23.11 39.98 -16.43
CA SER A 755 -24.40 40.32 -17.04
C SER A 755 -25.40 39.18 -16.92
N VAL A 756 -24.93 37.94 -17.04
CA VAL A 756 -25.80 36.79 -16.82
C VAL A 756 -26.37 36.82 -15.40
N GLN A 757 -25.51 37.05 -14.42
CA GLN A 757 -25.98 37.06 -13.04
C GLN A 757 -26.86 38.28 -12.77
N HIS A 758 -26.60 39.40 -13.45
CA HIS A 758 -27.48 40.56 -13.29
C HIS A 758 -28.85 40.29 -13.85
N HIS A 759 -28.93 39.61 -15.00
CA HIS A 759 -30.22 39.26 -15.56
C HIS A 759 -30.98 38.31 -14.62
N ILE A 760 -30.29 37.32 -14.07
CA ILE A 760 -30.93 36.42 -13.13
C ILE A 760 -31.43 37.17 -11.91
N ARG A 761 -30.61 38.07 -11.37
CA ARG A 761 -31.03 38.86 -10.21
C ARG A 761 -32.22 39.75 -10.55
N GLN A 762 -32.30 40.23 -11.79
CA GLN A 762 -33.40 41.11 -12.19
C GLN A 762 -34.70 40.32 -12.29
N GLU A 763 -34.69 39.23 -13.07
CA GLU A 763 -35.89 38.42 -13.23
C GLU A 763 -36.41 37.86 -11.92
N ARG A 764 -35.63 37.98 -10.85
CA ARG A 764 -36.03 37.55 -9.51
C ARG A 764 -36.67 38.67 -8.71
N ARG A 765 -36.85 39.84 -9.30
CA ARG A 765 -37.40 40.99 -8.58
C ARG A 765 -38.38 41.76 -9.46
N GLU A 843 -7.66 24.45 53.60
CA GLU A 843 -8.80 24.59 52.70
C GLU A 843 -8.57 25.73 51.71
N HIS A 844 -8.47 26.95 52.24
CA HIS A 844 -8.18 28.10 51.38
C HIS A 844 -6.69 28.21 51.07
N ARG A 845 -5.82 27.90 52.03
CA ARG A 845 -4.42 28.28 51.97
C ARG A 845 -3.59 27.13 51.40
N PHE A 846 -2.53 27.49 50.67
CA PHE A 846 -1.65 26.61 49.92
C PHE A 846 -2.34 26.09 48.66
N ARG A 847 -3.63 26.43 48.51
CA ARG A 847 -4.30 26.22 47.24
C ARG A 847 -4.17 27.46 46.36
N ASN A 848 -4.06 28.63 46.98
CA ASN A 848 -3.81 29.86 46.24
C ASN A 848 -2.47 29.80 45.53
N PHE A 849 -1.42 29.36 46.23
CA PHE A 849 -0.10 29.29 45.63
C PHE A 849 -0.03 28.24 44.53
N CYS A 850 -0.65 27.08 44.76
CA CYS A 850 -0.67 26.05 43.72
C CYS A 850 -1.44 26.53 42.50
N ARG A 851 -2.59 27.18 42.72
CA ARG A 851 -3.37 27.71 41.60
C ARG A 851 -2.59 28.78 40.85
N VAL A 852 -1.74 29.54 41.55
CA VAL A 852 -0.90 30.52 40.87
C VAL A 852 0.14 29.81 40.01
N VAL A 853 0.81 28.79 40.56
CA VAL A 853 1.92 28.16 39.86
C VAL A 853 1.44 27.39 38.63
N VAL A 854 0.21 26.86 38.65
CA VAL A 854 -0.26 26.01 37.56
C VAL A 854 -1.04 26.78 36.51
N ARG A 855 -1.22 28.09 36.66
CA ARG A 855 -1.94 28.88 35.68
C ARG A 855 -1.10 29.98 35.06
N ALA A 856 0.17 30.12 35.45
CA ALA A 856 1.02 31.13 34.84
C ALA A 856 1.21 30.84 33.35
N ARG A 857 1.24 31.89 32.56
CA ARG A 857 1.20 31.76 31.11
C ARG A 857 2.12 32.81 30.49
N PHE A 858 1.94 33.04 29.19
CA PHE A 858 2.72 34.01 28.41
C PHE A 858 4.17 33.60 28.31
N THR A 873 1.23 44.31 18.99
CA THR A 873 2.36 43.39 18.89
C THR A 873 2.82 43.26 17.45
N LYS A 874 4.07 43.65 17.21
CA LYS A 874 4.62 43.55 15.86
C LYS A 874 4.79 42.09 15.45
N TYR A 875 5.46 41.30 16.28
CA TYR A 875 5.66 39.87 16.04
C TYR A 875 4.86 39.11 17.10
N HIS A 876 3.58 38.89 16.83
CA HIS A 876 2.69 38.17 17.74
C HIS A 876 2.72 36.67 17.55
N GLN A 877 3.38 36.17 16.50
CA GLN A 877 3.42 34.73 16.26
C GLN A 877 4.28 34.02 17.30
N LEU A 878 5.47 34.56 17.56
CA LEU A 878 6.31 34.02 18.63
C LEU A 878 5.62 34.13 19.98
N TYR A 879 4.90 35.21 20.21
CA TYR A 879 4.21 35.39 21.48
C TYR A 879 3.02 34.46 21.63
N ASP A 880 2.44 33.99 20.52
CA ASP A 880 1.39 32.97 20.64
C ASP A 880 1.97 31.58 20.73
N LEU A 881 3.16 31.35 20.18
CA LEU A 881 3.84 30.09 20.37
C LEU A 881 4.31 29.93 21.82
N LEU A 882 4.73 31.02 22.45
CA LEU A 882 5.24 30.94 23.81
C LEU A 882 4.15 30.92 24.86
N GLY A 883 2.93 31.30 24.51
CA GLY A 883 1.82 31.23 25.44
C GLY A 883 0.84 30.14 25.07
N LEU A 884 1.32 29.12 24.37
CA LEU A 884 0.44 28.03 23.95
C LEU A 884 0.02 27.17 25.14
N VAL A 885 0.91 27.00 26.10
CA VAL A 885 0.63 26.21 27.30
C VAL A 885 1.25 26.91 28.49
N THR A 886 0.73 26.58 29.67
CA THR A 886 1.27 27.14 30.90
C THR A 886 2.73 26.74 31.06
N TYR A 887 3.43 27.46 31.94
CA TYR A 887 4.83 27.15 32.18
C TYR A 887 5.00 25.74 32.71
N LEU A 888 4.05 25.28 33.54
CA LEU A 888 4.10 23.91 34.04
C LEU A 888 4.03 22.91 32.90
N ASP A 889 3.14 23.14 31.93
CA ASP A 889 3.05 22.26 30.78
C ASP A 889 4.28 22.37 29.88
N TRP A 890 4.89 23.55 29.80
CA TRP A 890 6.12 23.65 29.00
C TRP A 890 7.25 22.85 29.63
N VAL A 891 7.40 22.95 30.95
CA VAL A 891 8.38 22.13 31.65
C VAL A 891 8.09 20.65 31.43
N MET A 892 6.82 20.26 31.53
CA MET A 892 6.49 18.85 31.40
C MET A 892 6.67 18.33 29.98
N ILE A 893 6.42 19.17 28.97
CA ILE A 893 6.73 18.79 27.59
C ILE A 893 8.22 18.59 27.41
N THR A 894 9.02 19.51 27.97
CA THR A 894 10.47 19.37 27.88
C THR A 894 10.94 18.08 28.54
N VAL A 895 10.37 17.75 29.69
CA VAL A 895 10.80 16.56 30.43
C VAL A 895 10.35 15.30 29.72
N THR A 896 9.14 15.30 29.15
CA THR A 896 8.70 14.17 28.33
C THR A 896 9.63 13.96 27.15
N ILE A 897 10.01 15.03 26.46
CA ILE A 897 10.85 14.89 25.27
C ILE A 897 12.24 14.39 25.66
N CYS A 898 12.78 14.90 26.76
CA CYS A 898 14.09 14.43 27.22
C CYS A 898 14.03 12.97 27.62
N SER A 899 12.93 12.54 28.25
CA SER A 899 12.81 11.14 28.65
C SER A 899 12.70 10.24 27.42
N CYS A 900 11.98 10.67 26.39
CA CYS A 900 11.91 9.89 25.16
C CYS A 900 13.26 9.83 24.46
N ILE A 901 13.99 10.94 24.45
CA ILE A 901 15.32 10.94 23.86
C ILE A 901 16.24 9.98 24.59
N SER A 902 16.10 9.92 25.91
CA SER A 902 16.87 8.93 26.67
C SER A 902 16.46 7.51 26.32
N MET A 903 15.16 7.25 26.26
CA MET A 903 14.67 5.91 25.93
C MET A 903 15.13 5.47 24.55
N MET A 904 15.43 6.42 23.66
CA MET A 904 15.95 6.04 22.36
C MET A 904 17.34 5.42 22.44
N PHE A 905 17.99 5.43 23.60
CA PHE A 905 19.27 4.77 23.78
C PHE A 905 19.15 3.45 24.50
N GLU A 906 17.96 3.09 24.97
CA GLU A 906 17.76 1.82 25.63
C GLU A 906 17.66 0.70 24.60
N SER A 907 18.41 -0.35 24.81
CA SER A 907 18.42 -1.52 23.95
C SER A 907 18.47 -2.74 24.86
N PRO A 908 18.37 -3.96 24.33
CA PRO A 908 18.52 -5.13 25.21
C PRO A 908 19.87 -5.19 25.92
N PHE A 909 20.91 -4.58 25.35
CA PHE A 909 22.24 -4.64 25.92
C PHE A 909 22.71 -3.32 26.51
N ARG A 910 21.91 -2.27 26.41
CA ARG A 910 22.11 -1.03 27.16
C ARG A 910 20.79 -0.77 27.88
N ARG A 911 20.63 -1.35 29.06
CA ARG A 911 19.37 -1.32 29.78
C ARG A 911 19.33 -0.17 30.77
N VAL A 912 18.12 0.34 31.02
CA VAL A 912 17.97 1.44 31.96
C VAL A 912 18.13 0.97 33.39
N MET A 913 18.00 -0.32 33.66
CA MET A 913 18.19 -0.83 35.01
C MET A 913 19.65 -1.00 35.39
N HIS A 914 20.55 -1.01 34.42
CA HIS A 914 21.97 -1.22 34.68
C HIS A 914 22.84 -0.08 34.17
N ALA A 915 22.27 1.00 33.67
CA ALA A 915 23.05 2.13 33.16
C ALA A 915 22.53 3.41 33.78
N PRO A 916 23.33 4.12 34.58
CA PRO A 916 22.79 5.29 35.30
C PRO A 916 22.52 6.49 34.41
N THR A 917 23.30 6.69 33.34
CA THR A 917 23.02 7.79 32.43
C THR A 917 21.65 7.67 31.79
N LEU A 918 21.09 6.46 31.71
CA LEU A 918 19.73 6.27 31.24
C LEU A 918 18.71 6.42 32.36
N GLN A 919 19.14 6.32 33.62
CA GLN A 919 18.24 6.56 34.75
C GLN A 919 18.14 8.02 35.10
N ILE A 920 19.05 8.86 34.63
CA ILE A 920 18.96 10.29 34.89
C ILE A 920 17.60 10.82 34.46
N ALA A 921 17.26 10.61 33.18
CA ALA A 921 15.99 11.12 32.67
C ALA A 921 14.80 10.44 33.33
N GLU A 922 14.95 9.18 33.73
CA GLU A 922 13.84 8.49 34.41
C GLU A 922 13.53 9.14 35.75
N TYR A 923 14.57 9.35 36.58
CA TYR A 923 14.38 10.04 37.84
C TYR A 923 13.81 11.44 37.63
N VAL A 924 14.34 12.16 36.65
CA VAL A 924 13.86 13.52 36.38
C VAL A 924 12.38 13.48 36.02
N PHE A 925 11.99 12.58 35.14
CA PHE A 925 10.60 12.50 34.70
C PHE A 925 9.68 12.17 35.88
N VAL A 926 10.05 11.19 36.69
CA VAL A 926 9.17 10.79 37.78
C VAL A 926 9.08 11.90 38.82
N ILE A 927 10.19 12.58 39.12
CA ILE A 927 10.16 13.65 40.11
C ILE A 927 9.32 14.82 39.62
N PHE A 928 9.56 15.25 38.40
CA PHE A 928 8.82 16.41 37.88
C PHE A 928 7.36 16.08 37.66
N MET A 929 7.03 14.84 37.32
CA MET A 929 5.62 14.48 37.17
C MET A 929 4.95 14.33 38.53
N SER A 930 5.67 13.89 39.56
CA SER A 930 5.12 13.91 40.90
C SER A 930 4.79 15.33 41.32
N ILE A 931 5.70 16.27 41.06
CA ILE A 931 5.45 17.67 41.40
C ILE A 931 4.27 18.21 40.61
N GLU A 932 4.23 17.92 39.31
CA GLU A 932 3.13 18.40 38.47
C GLU A 932 1.79 17.86 38.94
N LEU A 933 1.72 16.56 39.23
CA LEU A 933 0.46 15.96 39.66
C LEU A 933 0.04 16.52 41.01
N ASN A 934 0.98 16.65 41.96
CA ASN A 934 0.62 17.20 43.25
C ASN A 934 0.10 18.62 43.11
N LEU A 935 0.76 19.45 42.30
CA LEU A 935 0.34 20.83 42.11
C LEU A 935 -1.04 20.91 41.47
N LYS A 936 -1.26 20.16 40.38
CA LYS A 936 -2.53 20.23 39.69
C LYS A 936 -3.65 19.64 40.51
N ILE A 937 -3.37 18.64 41.34
CA ILE A 937 -4.39 18.03 42.17
C ILE A 937 -4.74 18.94 43.33
N MET A 938 -3.75 19.61 43.93
CA MET A 938 -4.05 20.56 44.98
C MET A 938 -4.82 21.76 44.44
N ALA A 939 -4.43 22.27 43.28
CA ALA A 939 -5.07 23.47 42.75
C ALA A 939 -6.46 23.17 42.18
N ASP A 940 -6.52 22.34 41.15
CA ASP A 940 -7.76 22.15 40.39
C ASP A 940 -8.55 20.94 40.86
N GLY A 941 -8.21 20.37 42.01
CA GLY A 941 -8.95 19.24 42.52
C GLY A 941 -8.72 17.96 41.75
N LEU A 942 -9.18 16.83 42.29
CA LEU A 942 -8.91 15.53 41.70
C LEU A 942 -10.02 15.07 40.77
N PHE A 943 -11.26 15.02 41.25
CA PHE A 943 -12.39 14.51 40.47
C PHE A 943 -13.49 15.53 40.28
N PHE A 944 -13.90 16.23 41.34
CA PHE A 944 -15.16 16.96 41.32
C PHE A 944 -15.10 18.20 40.46
N THR A 945 -14.04 18.99 40.59
CA THR A 945 -13.97 20.30 39.97
C THR A 945 -14.19 20.18 38.46
N PRO A 946 -14.88 21.14 37.84
CA PRO A 946 -15.04 21.10 36.37
C PRO A 946 -13.74 20.92 35.62
N THR A 947 -12.65 21.49 36.11
CA THR A 947 -11.33 21.33 35.52
C THR A 947 -10.44 20.45 36.40
N ALA A 948 -11.03 19.40 36.96
CA ALA A 948 -10.27 18.44 37.74
C ALA A 948 -9.28 17.69 36.85
N VAL A 949 -8.40 16.91 37.49
CA VAL A 949 -7.37 16.20 36.75
C VAL A 949 -7.97 14.99 36.03
N ILE A 950 -8.87 14.26 36.70
CA ILE A 950 -9.53 13.11 36.09
C ILE A 950 -10.91 13.60 35.67
N ARG A 951 -11.00 14.11 34.45
CA ARG A 951 -12.27 14.47 33.85
C ARG A 951 -12.44 13.90 32.45
N ASP A 952 -11.38 13.36 31.85
CA ASP A 952 -11.42 12.79 30.53
C ASP A 952 -10.48 11.59 30.51
N PHE A 953 -10.32 11.00 29.33
CA PHE A 953 -9.38 9.90 29.18
C PHE A 953 -7.94 10.38 29.24
N GLY A 954 -7.69 11.65 28.93
CA GLY A 954 -6.33 12.15 28.97
C GLY A 954 -5.76 12.18 30.37
N GLY A 955 -6.55 12.62 31.35
CA GLY A 955 -6.08 12.61 32.72
C GLY A 955 -5.89 11.21 33.27
N VAL A 956 -6.79 10.30 32.89
CA VAL A 956 -6.62 8.90 33.29
C VAL A 956 -5.33 8.33 32.72
N MET A 957 -5.03 8.65 31.46
CA MET A 957 -3.80 8.16 30.86
C MET A 957 -2.57 8.79 31.52
N ASP A 958 -2.68 10.06 31.92
CA ASP A 958 -1.59 10.68 32.67
C ASP A 958 -1.32 9.96 33.98
N ILE A 959 -2.38 9.68 34.74
CA ILE A 959 -2.21 8.98 36.01
C ILE A 959 -1.65 7.59 35.76
N PHE A 960 -2.10 6.93 34.70
CA PHE A 960 -1.60 5.60 34.37
C PHE A 960 -0.11 5.62 34.05
N ILE A 961 0.31 6.56 33.20
CA ILE A 961 1.72 6.68 32.83
C ILE A 961 2.56 7.00 34.05
N TYR A 962 2.08 7.91 34.90
CA TYR A 962 2.81 8.26 36.12
C TYR A 962 2.98 7.05 37.02
N LEU A 963 1.91 6.28 37.23
CA LEU A 963 2.00 5.13 38.11
C LEU A 963 2.91 4.05 37.54
N VAL A 964 2.85 3.82 36.23
CA VAL A 964 3.73 2.86 35.59
C VAL A 964 5.18 3.25 35.81
N SER A 965 5.51 4.51 35.56
CA SER A 965 6.89 4.95 35.68
C SER A 965 7.35 4.95 37.13
N LEU A 966 6.45 5.30 38.06
CA LEU A 966 6.81 5.28 39.47
C LEU A 966 7.09 3.87 39.96
N ILE A 967 6.22 2.92 39.60
CA ILE A 967 6.43 1.53 40.00
C ILE A 967 7.71 0.99 39.38
N PHE A 968 7.98 1.35 38.13
CA PHE A 968 9.20 0.86 37.49
C PHE A 968 10.44 1.43 38.15
N LEU A 969 10.45 2.74 38.43
CA LEU A 969 11.63 3.36 39.04
C LEU A 969 11.84 2.89 40.46
N CYS A 970 10.77 2.64 41.22
CA CYS A 970 10.94 2.09 42.55
C CYS A 970 11.44 0.66 42.49
N TRP A 971 10.87 -0.14 41.59
CA TRP A 971 11.30 -1.54 41.44
C TRP A 971 12.67 -1.62 40.80
N MET A 972 12.77 -1.13 39.56
CA MET A 972 13.99 -1.22 38.75
C MET A 972 14.50 -2.65 38.77
N PRO A 973 13.78 -3.60 38.18
CA PRO A 973 14.17 -5.01 38.31
C PRO A 973 15.44 -5.30 37.52
N GLN A 974 16.34 -6.06 38.14
CA GLN A 974 17.61 -6.36 37.51
C GLN A 974 17.53 -7.53 36.55
N ASN A 975 16.52 -8.38 36.68
CA ASN A 975 16.27 -9.46 35.74
C ASN A 975 14.82 -9.40 35.31
N VAL A 976 14.61 -9.40 34.00
CA VAL A 976 13.28 -9.31 33.42
C VAL A 976 13.06 -10.54 32.54
N PRO A 977 12.36 -11.56 33.03
CA PRO A 977 12.06 -12.71 32.19
C PRO A 977 11.14 -12.34 31.06
N ALA A 978 11.21 -13.10 29.98
CA ALA A 978 10.30 -12.91 28.87
C ALA A 978 8.88 -13.28 29.28
N GLU A 979 7.92 -12.52 28.78
CA GLU A 979 6.49 -12.79 29.00
C GLU A 979 6.12 -12.72 30.48
N SER A 980 6.84 -11.93 31.26
CA SER A 980 6.59 -11.80 32.68
C SER A 980 5.74 -10.55 32.94
N GLY A 981 5.59 -10.19 34.21
CA GLY A 981 4.97 -8.93 34.55
C GLY A 981 5.94 -7.77 34.51
N ALA A 982 7.22 -8.04 34.73
CA ALA A 982 8.23 -6.98 34.60
C ALA A 982 8.37 -6.53 33.16
N GLN A 983 8.36 -7.46 32.21
CA GLN A 983 8.45 -7.07 30.80
C GLN A 983 7.18 -6.35 30.36
N LEU A 984 6.01 -6.76 30.88
CA LEU A 984 4.79 -6.01 30.60
C LEU A 984 4.89 -4.59 31.15
N LEU A 985 5.53 -4.45 32.32
CA LEU A 985 5.72 -3.12 32.88
C LEU A 985 6.64 -2.27 32.01
N MET A 986 7.70 -2.86 31.46
CA MET A 986 8.56 -2.12 30.54
C MET A 986 7.82 -1.73 29.27
N VAL A 987 7.00 -2.63 28.74
CA VAL A 987 6.18 -2.30 27.57
C VAL A 987 5.23 -1.16 27.88
N LEU A 988 4.63 -1.15 29.07
CA LEU A 988 3.72 -0.06 29.43
C LEU A 988 4.50 1.24 29.63
N ARG A 989 5.71 1.16 30.16
CA ARG A 989 6.56 2.34 30.25
C ARG A 989 6.87 2.92 28.89
N CYS A 990 6.89 2.07 27.86
CA CYS A 990 7.09 2.56 26.50
C CYS A 990 5.96 3.46 25.98
N LEU A 991 4.88 3.65 26.74
CA LEU A 991 3.79 4.52 26.34
C LEU A 991 4.02 5.98 26.69
N ARG A 992 5.22 6.35 27.13
CA ARG A 992 5.45 7.71 27.61
C ARG A 992 5.25 8.80 26.55
N PRO A 993 5.62 8.62 25.28
CA PRO A 993 5.36 9.69 24.30
C PRO A 993 3.91 10.10 24.17
N LEU A 994 2.97 9.28 24.66
CA LEU A 994 1.56 9.64 24.55
C LEU A 994 1.17 10.84 25.39
N ARG A 995 2.08 11.36 26.22
CA ARG A 995 1.76 12.56 26.99
C ARG A 995 1.78 13.81 26.11
N ILE A 996 2.52 13.77 25.00
CA ILE A 996 2.51 14.88 24.06
C ILE A 996 1.12 15.05 23.47
N PHE A 997 0.40 13.95 23.26
CA PHE A 997 -0.96 14.02 22.78
C PHE A 997 -1.88 14.76 23.73
N LYS A 998 -1.53 14.84 25.01
CA LYS A 998 -2.37 15.51 25.99
C LYS A 998 -1.87 16.91 26.34
N LEU A 999 -0.57 17.15 26.25
CA LEU A 999 -0.01 18.43 26.67
C LEU A 999 -0.06 19.49 25.58
N VAL A 1000 -0.09 19.09 24.31
CA VAL A 1000 -0.11 20.02 23.19
C VAL A 1000 -1.54 20.09 22.66
N PRO A 1001 -2.18 21.26 22.65
CA PRO A 1001 -3.59 21.33 22.24
C PRO A 1001 -3.83 20.96 20.78
N GLN A 1002 -2.84 21.13 19.90
CA GLN A 1002 -3.03 20.69 18.52
C GLN A 1002 -3.09 19.17 18.42
N MET A 1003 -2.29 18.49 19.24
CA MET A 1003 -2.37 17.03 19.29
C MET A 1003 -3.68 16.56 19.90
N ARG A 1004 -4.13 17.23 20.96
CA ARG A 1004 -5.45 16.93 21.51
C ARG A 1004 -6.52 17.09 20.46
N LYS A 1005 -6.42 18.14 19.64
CA LYS A 1005 -7.39 18.36 18.58
C LYS A 1005 -7.36 17.24 17.55
N VAL A 1006 -6.15 16.82 17.15
CA VAL A 1006 -6.02 15.72 16.20
C VAL A 1006 -6.70 14.46 16.74
N VAL A 1007 -6.40 14.10 17.99
CA VAL A 1007 -6.94 12.88 18.57
C VAL A 1007 -8.45 12.99 18.72
N ARG A 1008 -8.94 14.15 19.15
CA ARG A 1008 -10.36 14.36 19.35
C ARG A 1008 -11.13 14.24 18.04
N GLU A 1009 -10.62 14.86 16.98
CA GLU A 1009 -11.28 14.77 15.70
C GLU A 1009 -11.23 13.35 15.14
N LEU A 1010 -10.12 12.65 15.37
CA LEU A 1010 -10.02 11.27 14.89
C LEU A 1010 -11.03 10.38 15.59
N PHE A 1011 -11.18 10.54 16.90
CA PHE A 1011 -12.11 9.70 17.64
C PHE A 1011 -13.55 10.19 17.57
N SER A 1012 -13.80 11.32 16.93
CA SER A 1012 -15.17 11.73 16.67
C SER A 1012 -15.90 10.75 15.74
N GLY A 1013 -15.16 9.95 14.97
CA GLY A 1013 -15.76 9.03 14.03
C GLY A 1013 -15.58 7.58 14.39
N PHE A 1014 -15.44 7.31 15.68
CA PHE A 1014 -15.18 5.95 16.12
C PHE A 1014 -16.36 5.03 15.91
N LYS A 1015 -17.60 5.53 15.97
CA LYS A 1015 -18.74 4.66 15.74
C LYS A 1015 -18.71 4.08 14.33
N GLU A 1016 -18.45 4.92 13.34
CA GLU A 1016 -18.37 4.43 11.97
C GLU A 1016 -17.15 3.55 11.76
N ILE A 1017 -16.03 3.89 12.40
CA ILE A 1017 -14.85 3.03 12.31
C ILE A 1017 -15.14 1.65 12.89
N PHE A 1018 -15.87 1.61 14.00
CA PHE A 1018 -16.20 0.35 14.66
C PHE A 1018 -17.18 -0.47 13.83
N LEU A 1019 -18.13 0.20 13.17
CA LEU A 1019 -19.07 -0.54 12.33
C LEU A 1019 -18.38 -1.11 11.10
N VAL A 1020 -17.42 -0.37 10.53
CA VAL A 1020 -16.62 -0.94 9.44
C VAL A 1020 -15.81 -2.13 9.95
N SER A 1021 -15.27 -2.02 11.16
CA SER A 1021 -14.53 -3.14 11.74
C SER A 1021 -15.41 -4.37 11.89
N ILE A 1022 -16.66 -4.16 12.28
CA ILE A 1022 -17.59 -5.28 12.42
C ILE A 1022 -17.91 -5.89 11.07
N LEU A 1023 -18.09 -5.06 10.03
CA LEU A 1023 -18.35 -5.62 8.71
C LEU A 1023 -17.17 -6.44 8.20
N LEU A 1024 -15.95 -5.93 8.39
CA LEU A 1024 -14.78 -6.68 7.94
C LEU A 1024 -14.59 -7.95 8.76
N LEU A 1025 -14.90 -7.91 10.06
CA LEU A 1025 -14.83 -9.11 10.87
C LEU A 1025 -15.86 -10.13 10.43
N THR A 1026 -17.05 -9.67 10.03
CA THR A 1026 -18.07 -10.60 9.52
C THR A 1026 -17.62 -11.25 8.22
N LEU A 1027 -17.04 -10.47 7.32
CA LEU A 1027 -16.51 -11.03 6.07
C LEU A 1027 -15.42 -12.06 6.35
N MET A 1028 -14.48 -11.71 7.22
CA MET A 1028 -13.40 -12.64 7.57
C MET A 1028 -13.95 -13.88 8.28
N LEU A 1029 -15.02 -13.74 9.05
CA LEU A 1029 -15.61 -14.90 9.70
C LEU A 1029 -16.26 -15.83 8.69
N VAL A 1030 -16.99 -15.27 7.72
CA VAL A 1030 -17.55 -16.08 6.64
C VAL A 1030 -16.45 -16.85 5.94
N PHE A 1031 -15.43 -16.15 5.46
CA PHE A 1031 -14.40 -16.82 4.67
C PHE A 1031 -13.50 -17.71 5.51
N ALA A 1032 -13.37 -17.43 6.81
CA ALA A 1032 -12.56 -18.27 7.68
C ALA A 1032 -13.29 -19.56 8.03
N SER A 1033 -14.60 -19.49 8.26
CA SER A 1033 -15.37 -20.71 8.44
C SER A 1033 -15.31 -21.57 7.19
N PHE A 1034 -15.47 -20.95 6.02
CA PHE A 1034 -15.35 -21.72 4.78
C PHE A 1034 -13.97 -22.34 4.63
N GLY A 1035 -12.92 -21.57 4.95
CA GLY A 1035 -11.57 -22.10 4.82
C GLY A 1035 -11.25 -23.21 5.79
N VAL A 1036 -11.79 -23.13 7.01
CA VAL A 1036 -11.60 -24.22 7.95
C VAL A 1036 -12.34 -25.46 7.48
N GLN A 1037 -13.53 -25.29 6.91
CA GLN A 1037 -14.28 -26.47 6.49
C GLN A 1037 -13.68 -27.12 5.25
N LEU A 1038 -13.05 -26.36 4.36
CA LEU A 1038 -12.56 -26.94 3.11
C LEU A 1038 -11.04 -27.11 3.03
N PHE A 1039 -10.27 -26.47 3.90
CA PHE A 1039 -8.82 -26.45 3.77
C PHE A 1039 -8.09 -27.06 4.95
N ALA A 1040 -8.78 -27.36 6.05
CA ALA A 1040 -8.10 -27.84 7.25
C ALA A 1040 -7.39 -29.15 6.99
N GLY A 1041 -6.07 -29.15 7.18
CA GLY A 1041 -5.26 -30.32 6.97
C GLY A 1041 -4.84 -30.55 5.54
N LYS A 1042 -5.22 -29.68 4.61
CA LYS A 1042 -4.94 -29.88 3.21
C LYS A 1042 -3.84 -28.99 2.66
N LEU A 1043 -3.26 -28.12 3.49
CA LEU A 1043 -2.16 -27.27 3.05
C LEU A 1043 -0.80 -27.90 3.31
N ALA A 1044 -0.74 -29.04 3.97
CA ALA A 1044 0.53 -29.67 4.25
C ALA A 1044 0.98 -30.54 3.09
N LYS A 1045 2.29 -30.62 2.91
CA LYS A 1045 2.90 -31.46 1.90
C LYS A 1045 4.35 -31.65 2.29
N CYS A 1046 5.03 -32.51 1.55
CA CYS A 1046 6.44 -32.74 1.82
C CYS A 1046 7.24 -31.54 1.35
N ASN A 1047 8.22 -31.12 2.18
CA ASN A 1047 9.10 -30.04 1.76
C ASN A 1047 10.01 -30.46 0.62
N ASP A 1048 10.08 -31.75 0.32
CA ASP A 1048 10.76 -32.23 -0.87
C ASP A 1048 9.79 -32.22 -2.03
N PRO A 1049 10.01 -31.44 -3.08
CA PRO A 1049 9.04 -31.36 -4.18
C PRO A 1049 8.91 -32.66 -4.96
N ASN A 1050 9.91 -33.54 -4.91
CA ASN A 1050 9.85 -34.79 -5.67
C ASN A 1050 9.03 -35.86 -4.97
N ILE A 1051 8.53 -35.59 -3.78
CA ILE A 1051 7.71 -36.53 -3.03
C ILE A 1051 6.26 -36.06 -3.11
N ILE A 1052 5.33 -37.01 -3.17
CA ILE A 1052 3.91 -36.72 -3.34
C ILE A 1052 3.08 -37.26 -2.18
N ARG A 1053 3.28 -38.53 -1.85
CA ARG A 1053 2.50 -39.17 -0.81
C ARG A 1053 3.12 -38.94 0.56
N ARG A 1054 2.26 -38.78 1.57
CA ARG A 1054 2.74 -38.62 2.94
C ARG A 1054 3.46 -39.85 3.44
N GLU A 1055 3.28 -40.99 2.77
CA GLU A 1055 3.97 -42.21 3.14
C GLU A 1055 5.41 -42.25 2.65
N ASP A 1056 5.72 -41.51 1.59
CA ASP A 1056 7.07 -41.39 1.06
C ASP A 1056 7.86 -40.25 1.69
N CYS A 1057 7.22 -39.44 2.54
CA CYS A 1057 7.84 -38.23 3.09
C CYS A 1057 8.59 -38.61 4.37
N ASN A 1058 9.74 -39.24 4.17
CA ASN A 1058 10.68 -39.50 5.24
C ASN A 1058 12.07 -39.61 4.62
N GLY A 1059 13.07 -39.72 5.48
CA GLY A 1059 14.45 -39.69 5.02
C GLY A 1059 14.98 -38.27 4.96
N ILE A 1060 16.01 -38.09 4.14
CA ILE A 1060 16.64 -36.79 3.96
C ILE A 1060 16.76 -36.51 2.47
N PHE A 1061 16.85 -35.23 2.14
CA PHE A 1061 17.03 -34.79 0.77
C PHE A 1061 17.86 -33.52 0.75
N ARG A 1062 18.41 -33.21 -0.41
CA ARG A 1062 19.24 -32.03 -0.59
C ARG A 1062 18.34 -30.88 -1.02
N ILE A 1063 18.10 -29.95 -0.13
CA ILE A 1063 17.29 -28.78 -0.43
C ILE A 1063 18.17 -27.70 -1.01
N ASN A 1064 17.58 -26.91 -1.91
CA ASN A 1064 18.23 -25.74 -2.49
C ASN A 1064 17.95 -24.53 -1.63
N VAL A 1065 19.00 -23.77 -1.32
CA VAL A 1065 18.88 -22.58 -0.48
C VAL A 1065 18.76 -21.36 -1.37
N SER A 1066 17.99 -20.38 -0.91
CA SER A 1066 17.76 -19.15 -1.65
C SER A 1066 19.02 -18.30 -1.62
N VAL A 1067 19.63 -18.08 -2.77
CA VAL A 1067 20.81 -17.23 -2.86
C VAL A 1067 20.37 -15.83 -3.24
N SER A 1068 19.68 -15.70 -4.37
CA SER A 1068 19.24 -14.39 -4.85
C SER A 1068 17.85 -14.54 -5.46
N LYS A 1069 16.89 -13.77 -4.93
CA LYS A 1069 15.54 -13.80 -5.47
C LYS A 1069 15.48 -13.19 -6.87
N ASN A 1070 16.24 -12.11 -7.09
CA ASN A 1070 16.18 -11.37 -8.34
C ASN A 1070 17.25 -11.81 -9.34
N LEU A 1071 18.49 -11.94 -8.89
CA LEU A 1071 19.60 -12.23 -9.81
C LEU A 1071 19.34 -13.53 -10.57
N ASN A 1072 19.80 -13.57 -11.81
CA ASN A 1072 19.45 -14.63 -12.75
C ASN A 1072 20.71 -15.25 -13.36
N LEU A 1073 21.69 -15.60 -12.53
CA LEU A 1073 22.89 -16.23 -13.01
C LEU A 1073 22.60 -17.67 -13.40
N LYS A 1074 21.80 -17.85 -14.46
CA LYS A 1074 21.35 -19.18 -14.89
C LYS A 1074 22.53 -20.06 -15.26
N LEU A 1075 23.67 -19.44 -15.58
CA LEU A 1075 24.86 -20.17 -15.99
C LEU A 1075 25.29 -21.19 -14.94
N ARG A 1076 25.15 -22.47 -15.26
CA ARG A 1076 25.65 -23.56 -14.43
C ARG A 1076 26.26 -24.60 -15.35
N PRO A 1077 27.58 -24.71 -15.43
CA PRO A 1077 28.18 -25.68 -16.35
C PRO A 1077 27.87 -27.12 -16.02
N GLY A 1078 28.28 -27.57 -14.84
CA GLY A 1078 28.05 -28.94 -14.40
C GLY A 1078 27.86 -29.05 -12.91
N GLU A 1079 27.62 -27.92 -12.26
CA GLU A 1079 27.49 -27.83 -10.82
C GLU A 1079 26.03 -27.66 -10.45
N LYS A 1080 25.70 -27.96 -9.20
CA LYS A 1080 24.34 -27.81 -8.72
C LYS A 1080 24.21 -26.53 -7.91
N LYS A 1081 22.96 -26.14 -7.66
CA LYS A 1081 22.70 -24.94 -6.89
C LYS A 1081 23.07 -25.17 -5.43
N PRO A 1082 23.45 -24.11 -4.71
CA PRO A 1082 23.81 -24.26 -3.29
C PRO A 1082 22.66 -24.84 -2.49
N GLY A 1083 23.00 -25.75 -1.59
CA GLY A 1083 22.00 -26.41 -0.77
C GLY A 1083 22.67 -27.37 0.16
N PHE A 1084 21.84 -28.08 0.92
CA PHE A 1084 22.37 -29.05 1.88
C PHE A 1084 21.26 -29.99 2.30
N TRP A 1085 21.64 -30.98 3.11
CA TRP A 1085 20.76 -32.12 3.36
C TRP A 1085 19.94 -31.91 4.63
N VAL A 1086 18.63 -32.11 4.49
CA VAL A 1086 17.65 -31.83 5.53
C VAL A 1086 16.60 -32.93 5.52
N PRO A 1087 15.91 -33.12 6.63
CA PRO A 1087 14.90 -34.18 6.68
C PRO A 1087 13.68 -33.85 5.84
N ARG A 1088 13.03 -34.90 5.33
CA ARG A 1088 11.75 -34.76 4.67
C ARG A 1088 10.65 -34.63 5.72
N VAL A 1089 9.85 -33.58 5.61
CA VAL A 1089 8.82 -33.28 6.59
C VAL A 1089 7.53 -32.92 5.87
N TRP A 1090 6.41 -33.37 6.41
CA TRP A 1090 5.08 -33.09 5.88
C TRP A 1090 4.52 -31.89 6.63
N ALA A 1091 4.65 -30.70 6.04
CA ALA A 1091 4.55 -29.47 6.81
C ALA A 1091 3.60 -28.46 6.16
N ASN A 1092 2.98 -27.65 7.02
CA ASN A 1092 2.25 -26.47 6.60
C ASN A 1092 3.20 -25.35 6.20
N PRO A 1093 2.71 -24.34 5.47
CA PRO A 1093 3.60 -23.25 5.02
C PRO A 1093 4.15 -22.34 6.12
N ARG A 1094 3.78 -22.52 7.37
CA ARG A 1094 4.35 -21.83 8.53
C ARG A 1094 3.93 -20.37 8.64
N ASN A 1095 3.42 -19.78 7.56
CA ASN A 1095 2.99 -18.40 7.62
C ASN A 1095 1.47 -18.28 7.63
N PHE A 1096 0.77 -19.37 7.38
CA PHE A 1096 -0.68 -19.40 7.31
C PHE A 1096 -1.11 -20.84 7.18
N ASN A 1097 -2.21 -21.19 7.85
CA ASN A 1097 -2.94 -22.41 7.58
C ASN A 1097 -4.38 -22.15 7.94
N PHE A 1098 -5.24 -23.10 7.57
CA PHE A 1098 -6.67 -23.01 7.85
C PHE A 1098 -7.12 -24.17 8.71
N ASP A 1099 -6.27 -24.58 9.65
CA ASP A 1099 -6.55 -25.77 10.43
C ASP A 1099 -7.57 -25.52 11.53
N ASN A 1100 -7.62 -24.30 12.06
CA ASN A 1100 -8.69 -23.89 12.94
C ASN A 1100 -9.10 -22.48 12.55
N VAL A 1101 -10.14 -21.96 13.22
CA VAL A 1101 -10.72 -20.70 12.81
C VAL A 1101 -9.81 -19.54 13.17
N GLY A 1102 -8.99 -19.68 14.21
CA GLY A 1102 -8.07 -18.60 14.56
C GLY A 1102 -6.97 -18.42 13.53
N ASN A 1103 -6.35 -19.53 13.11
CA ASN A 1103 -5.34 -19.45 12.06
C ASN A 1103 -5.93 -18.94 10.77
N ALA A 1104 -7.15 -19.36 10.44
CA ALA A 1104 -7.80 -18.90 9.22
C ALA A 1104 -8.08 -17.40 9.28
N MET A 1105 -8.54 -16.91 10.42
CA MET A 1105 -8.79 -15.48 10.55
C MET A 1105 -7.49 -14.68 10.50
N LEU A 1106 -6.41 -15.22 11.07
CA LEU A 1106 -5.13 -14.55 10.98
C LEU A 1106 -4.63 -14.51 9.54
N ALA A 1107 -4.76 -15.61 8.81
CA ALA A 1107 -4.35 -15.64 7.41
C ALA A 1107 -5.16 -14.68 6.57
N LEU A 1108 -6.45 -14.58 6.84
CA LEU A 1108 -7.29 -13.67 6.06
C LEU A 1108 -7.03 -12.21 6.44
N PHE A 1109 -6.68 -11.94 7.69
CA PHE A 1109 -6.27 -10.60 8.06
C PHE A 1109 -4.96 -10.21 7.37
N GLU A 1110 -4.05 -11.18 7.23
CA GLU A 1110 -2.81 -10.90 6.51
C GLU A 1110 -3.05 -10.70 5.03
N VAL A 1111 -3.98 -11.48 4.46
CA VAL A 1111 -4.33 -11.31 3.04
C VAL A 1111 -5.03 -9.98 2.82
N LEU A 1112 -5.78 -9.50 3.82
CA LEU A 1112 -6.48 -8.23 3.71
C LEU A 1112 -5.53 -7.09 3.44
N SER A 1113 -4.30 -7.15 3.96
CA SER A 1113 -3.29 -6.14 3.70
C SER A 1113 -2.64 -6.29 2.33
N LEU A 1114 -2.99 -7.34 1.59
CA LEU A 1114 -2.49 -7.65 0.25
C LEU A 1114 -1.00 -7.91 0.22
N LYS A 1115 -0.37 -8.07 1.38
CA LYS A 1115 1.05 -8.35 1.43
C LYS A 1115 1.21 -9.85 1.49
N GLY A 1116 1.98 -10.41 0.57
CA GLY A 1116 2.17 -11.85 0.52
C GLY A 1116 0.93 -12.64 0.17
N TRP A 1117 -0.16 -11.99 -0.21
CA TRP A 1117 -1.39 -12.70 -0.55
C TRP A 1117 -1.22 -13.59 -1.77
N VAL A 1118 -0.25 -13.31 -2.63
CA VAL A 1118 -0.05 -14.12 -3.82
C VAL A 1118 0.50 -15.48 -3.45
N GLU A 1119 1.32 -15.56 -2.40
CA GLU A 1119 1.79 -16.87 -1.95
C GLU A 1119 0.65 -17.69 -1.36
N VAL A 1120 -0.27 -17.05 -0.63
CA VAL A 1120 -1.46 -17.74 -0.16
C VAL A 1120 -2.28 -18.25 -1.33
N ARG A 1121 -2.48 -17.40 -2.33
CA ARG A 1121 -3.23 -17.80 -3.52
C ARG A 1121 -2.60 -19.01 -4.19
N ASP A 1122 -1.29 -18.98 -4.37
CA ASP A 1122 -0.61 -20.08 -5.07
C ASP A 1122 -0.63 -21.35 -4.24
N VAL A 1123 -0.47 -21.24 -2.93
CA VAL A 1123 -0.52 -22.43 -2.08
C VAL A 1123 -1.91 -23.05 -2.12
N ILE A 1124 -2.95 -22.23 -2.09
CA ILE A 1124 -4.31 -22.77 -2.10
C ILE A 1124 -4.63 -23.40 -3.44
N ILE A 1125 -4.14 -22.81 -4.53
CA ILE A 1125 -4.42 -23.37 -5.85
C ILE A 1125 -3.61 -24.64 -6.08
N HIS A 1126 -2.40 -24.72 -5.54
CA HIS A 1126 -1.54 -25.86 -5.85
C HIS A 1126 -1.73 -27.02 -4.90
N ARG A 1127 -2.15 -26.79 -3.66
CA ARG A 1127 -2.25 -27.85 -2.67
C ARG A 1127 -3.67 -28.32 -2.42
N VAL A 1128 -4.67 -27.47 -2.64
CA VAL A 1128 -6.05 -27.89 -2.47
C VAL A 1128 -6.66 -28.15 -3.83
N GLY A 1129 -6.57 -27.17 -4.72
CA GLY A 1129 -7.09 -27.30 -6.06
C GLY A 1129 -7.28 -25.97 -6.73
N PRO A 1130 -7.29 -25.96 -8.07
CA PRO A 1130 -7.45 -24.68 -8.78
C PRO A 1130 -8.83 -24.06 -8.62
N ILE A 1131 -9.87 -24.87 -8.45
CA ILE A 1131 -11.21 -24.35 -8.22
C ILE A 1131 -11.24 -23.43 -6.98
N HIS A 1132 -10.35 -23.64 -6.03
CA HIS A 1132 -10.33 -22.83 -4.82
C HIS A 1132 -9.54 -21.55 -4.97
N GLY A 1133 -9.14 -21.21 -6.19
CA GLY A 1133 -8.70 -19.86 -6.44
C GLY A 1133 -9.82 -18.85 -6.33
N ILE A 1134 -11.01 -19.20 -6.82
CA ILE A 1134 -12.19 -18.35 -6.67
C ILE A 1134 -12.26 -17.80 -5.26
N TYR A 1135 -12.23 -18.69 -4.27
CA TYR A 1135 -12.26 -18.30 -2.86
C TYR A 1135 -11.35 -17.11 -2.60
N ILE A 1136 -10.05 -17.28 -2.83
CA ILE A 1136 -9.13 -16.23 -2.41
C ILE A 1136 -9.45 -14.96 -3.19
N HIS A 1137 -9.69 -15.08 -4.49
CA HIS A 1137 -9.93 -13.89 -5.28
C HIS A 1137 -11.16 -13.16 -4.81
N VAL A 1138 -12.23 -13.90 -4.49
CA VAL A 1138 -13.44 -13.22 -4.06
C VAL A 1138 -13.16 -12.46 -2.77
N PHE A 1139 -12.45 -13.09 -1.84
CA PHE A 1139 -12.13 -12.38 -0.61
C PHE A 1139 -11.34 -11.13 -0.91
N VAL A 1140 -10.34 -11.23 -1.79
CA VAL A 1140 -9.50 -10.09 -2.06
C VAL A 1140 -10.31 -8.98 -2.71
N PHE A 1141 -11.35 -9.33 -3.46
CA PHE A 1141 -12.19 -8.27 -4.02
C PHE A 1141 -13.11 -7.68 -2.96
N LEU A 1142 -13.63 -8.52 -2.06
CA LEU A 1142 -14.62 -8.03 -1.13
C LEU A 1142 -13.98 -7.31 0.04
N GLY A 1143 -12.76 -7.69 0.41
CA GLY A 1143 -12.16 -7.17 1.61
C GLY A 1143 -11.23 -6.02 1.39
N CYS A 1144 -10.56 -5.99 0.23
CA CYS A 1144 -9.59 -4.96 -0.05
C CYS A 1144 -10.16 -3.84 -0.92
N MET A 1145 -10.74 -4.18 -2.07
CA MET A 1145 -11.27 -3.14 -2.94
C MET A 1145 -12.48 -2.46 -2.32
N ILE A 1146 -13.29 -3.18 -1.54
CA ILE A 1146 -14.46 -2.64 -0.90
C ILE A 1146 -14.26 -2.46 0.60
N GLY A 1147 -13.72 -3.48 1.27
CA GLY A 1147 -13.66 -3.46 2.72
C GLY A 1147 -12.80 -2.33 3.27
N LEU A 1148 -11.55 -2.24 2.80
CA LEU A 1148 -10.65 -1.20 3.32
C LEU A 1148 -11.01 0.17 2.77
N THR A 1149 -11.62 0.21 1.58
CA THR A 1149 -12.14 1.45 1.06
C THR A 1149 -13.20 2.05 1.98
N LEU A 1150 -13.92 1.20 2.73
CA LEU A 1150 -14.88 1.73 3.70
C LEU A 1150 -14.19 2.49 4.81
N PHE A 1151 -13.02 2.02 5.26
CA PHE A 1151 -12.23 2.77 6.22
C PHE A 1151 -11.81 4.11 5.64
N VAL A 1152 -11.25 4.08 4.42
CA VAL A 1152 -10.88 5.32 3.75
C VAL A 1152 -12.04 6.30 3.75
N GLY A 1153 -13.22 5.80 3.37
CA GLY A 1153 -14.38 6.65 3.23
C GLY A 1153 -14.88 7.21 4.54
N VAL A 1154 -14.99 6.38 5.57
CA VAL A 1154 -15.51 6.86 6.85
C VAL A 1154 -14.56 7.86 7.47
N VAL A 1155 -13.24 7.66 7.31
CA VAL A 1155 -12.29 8.61 7.87
C VAL A 1155 -12.37 9.94 7.13
N ILE A 1156 -12.43 9.92 5.80
CA ILE A 1156 -12.53 11.18 5.07
C ILE A 1156 -13.86 11.87 5.36
N ALA A 1157 -14.93 11.09 5.53
CA ALA A 1157 -16.24 11.69 5.81
C ALA A 1157 -16.26 12.33 7.18
N ASN A 1158 -15.67 11.68 8.18
CA ASN A 1158 -15.62 12.29 9.51
C ASN A 1158 -14.71 13.51 9.53
N PHE A 1159 -13.62 13.49 8.76
CA PHE A 1159 -12.79 14.67 8.60
C PHE A 1159 -13.60 15.84 8.05
N ASN A 1160 -14.27 15.62 6.92
CA ASN A 1160 -15.07 16.68 6.30
C ASN A 1160 -16.18 17.14 7.23
N GLU A 1161 -16.71 16.25 8.07
CA GLU A 1161 -17.74 16.65 9.01
C GLU A 1161 -17.16 17.47 10.15
N ASN A 1162 -15.93 17.18 10.56
CA ASN A 1162 -15.28 17.97 11.59
C ASN A 1162 -14.96 19.37 11.09
N LYS A 1163 -14.53 19.51 9.84
CA LYS A 1163 -14.21 20.84 9.35
C LYS A 1163 -15.44 21.65 8.98
N GLY A 1164 -16.64 21.04 9.00
CA GLY A 1164 -17.88 21.77 8.87
C GLY A 1164 -18.49 21.76 7.48
N THR A 1165 -17.81 21.22 6.48
CA THR A 1165 -18.27 21.28 5.10
C THR A 1165 -19.16 20.11 4.71
N ALA A 1166 -19.61 19.30 5.68
CA ALA A 1166 -20.33 18.09 5.34
C ALA A 1166 -21.79 18.35 4.96
N LEU A 1167 -22.39 19.43 5.45
CA LEU A 1167 -23.78 19.75 5.16
C LEU A 1167 -23.92 20.85 4.13
N LEU A 1168 -22.82 21.37 3.61
CA LEU A 1168 -22.86 22.34 2.53
C LEU A 1168 -23.02 21.64 1.21
N THR A 1169 -23.82 22.23 0.31
CA THR A 1169 -23.92 21.71 -1.03
C THR A 1169 -22.61 21.97 -1.79
N VAL A 1170 -22.46 21.33 -2.94
CA VAL A 1170 -21.20 21.47 -3.67
C VAL A 1170 -21.00 22.90 -4.15
N ASP A 1171 -22.08 23.61 -4.48
CA ASP A 1171 -21.95 25.00 -4.88
C ASP A 1171 -21.51 25.87 -3.70
N GLN A 1172 -22.01 25.59 -2.50
CA GLN A 1172 -21.59 26.34 -1.34
C GLN A 1172 -20.14 26.05 -0.97
N ARG A 1173 -19.71 24.79 -1.10
CA ARG A 1173 -18.33 24.47 -0.83
C ARG A 1173 -17.40 25.12 -1.84
N ARG A 1174 -17.81 25.15 -3.11
CA ARG A 1174 -17.01 25.84 -4.12
C ARG A 1174 -16.97 27.33 -3.87
N TRP A 1175 -18.04 27.91 -3.34
CA TRP A 1175 -18.00 29.31 -2.96
C TRP A 1175 -17.02 29.54 -1.83
N GLU A 1176 -17.01 28.66 -0.83
CA GLU A 1176 -16.04 28.82 0.25
C GLU A 1176 -14.61 28.71 -0.26
N ASP A 1177 -14.37 27.78 -1.19
CA ASP A 1177 -13.04 27.63 -1.76
C ASP A 1177 -12.64 28.85 -2.58
N LEU A 1178 -13.58 29.42 -3.33
CA LEU A 1178 -13.28 30.65 -4.06
C LEU A 1178 -13.00 31.80 -3.10
N LYS A 1179 -13.78 31.91 -2.04
CA LYS A 1179 -13.58 32.99 -1.09
C LYS A 1179 -12.25 32.85 -0.36
N SER A 1180 -11.75 31.62 -0.22
CA SER A 1180 -10.40 31.43 0.32
C SER A 1180 -9.33 31.75 -0.73
N ARG A 1181 -9.61 31.44 -1.99
CA ARG A 1181 -8.66 31.72 -3.05
C ARG A 1181 -8.50 33.21 -3.30
N LEU A 1182 -9.56 33.98 -3.11
CA LEU A 1182 -9.50 35.42 -3.28
C LEU A 1182 -8.99 36.13 -2.04
N LYS A 1183 -9.01 35.46 -0.89
CA LYS A 1183 -8.49 36.05 0.34
C LYS A 1183 -6.96 36.09 0.34
N ILE A 1184 -6.31 35.37 -0.58
CA ILE A 1184 -4.86 35.33 -0.66
C ILE A 1184 -4.34 35.91 -1.96
N ALA A 1185 -5.21 36.27 -2.89
CA ALA A 1185 -4.77 36.89 -4.13
C ALA A 1185 -4.39 38.35 -3.89
N GLN A 1186 -3.23 38.74 -4.40
CA GLN A 1186 -2.68 40.07 -4.24
C GLN A 1186 -2.59 40.78 -5.58
N PRO A 1187 -2.39 42.09 -5.58
CA PRO A 1187 -2.18 42.80 -6.85
C PRO A 1187 -0.92 42.33 -7.56
N LEU A 1188 -0.95 42.42 -8.88
CA LEU A 1188 0.11 41.84 -9.71
C LEU A 1188 1.43 42.57 -9.52
N HIS A 1189 2.53 41.84 -9.73
CA HIS A 1189 3.88 42.33 -9.50
C HIS A 1189 4.59 42.75 -10.80
N LEU A 1190 3.87 43.34 -11.74
CA LEU A 1190 4.47 43.77 -13.00
C LEU A 1190 4.50 45.28 -13.08
N PRO A 1191 5.67 45.93 -13.01
CA PRO A 1191 5.70 47.38 -13.18
C PRO A 1191 5.51 47.76 -14.63
N PRO A 1192 5.02 48.96 -14.90
CA PRO A 1192 4.68 49.33 -16.28
C PRO A 1192 5.91 49.38 -17.18
N ARG A 1193 5.63 49.45 -18.47
CA ARG A 1193 6.72 49.57 -19.43
C ARG A 1193 7.19 51.03 -19.50
N PRO A 1194 8.50 51.27 -19.45
CA PRO A 1194 9.01 52.65 -19.48
C PRO A 1194 8.70 53.32 -20.80
N ASP A 1195 8.84 54.64 -20.81
CA ASP A 1195 8.47 55.47 -21.97
C ASP A 1195 9.71 56.03 -22.65
N ASN A 1196 9.91 55.64 -23.90
CA ASN A 1196 11.01 56.13 -24.75
C ASN A 1196 12.37 55.74 -24.20
N ASP A 1197 12.43 54.69 -23.39
CA ASP A 1197 13.68 54.05 -23.01
C ASP A 1197 13.85 52.83 -23.90
N GLY A 1198 14.41 53.04 -25.09
CA GLY A 1198 14.47 51.97 -26.07
C GLY A 1198 15.21 50.76 -25.56
N PHE A 1199 16.21 50.97 -24.71
CA PHE A 1199 16.97 49.88 -24.11
C PHE A 1199 16.14 49.10 -23.10
N ARG A 1200 14.99 49.60 -22.67
CA ARG A 1200 14.20 48.92 -21.67
C ARG A 1200 12.82 48.55 -22.22
N ALA A 1201 12.25 49.40 -23.07
CA ALA A 1201 10.95 49.11 -23.65
C ALA A 1201 10.99 47.87 -24.53
N LYS A 1202 11.98 47.80 -25.43
CA LYS A 1202 12.16 46.62 -26.26
C LYS A 1202 12.51 45.41 -25.41
N MET A 1203 13.37 45.60 -24.41
CA MET A 1203 13.69 44.51 -23.50
C MET A 1203 12.47 44.10 -22.69
N TYR A 1204 11.60 45.06 -22.35
CA TYR A 1204 10.34 44.70 -21.69
C TYR A 1204 9.48 43.82 -22.59
N ASP A 1205 9.32 44.21 -23.86
CA ASP A 1205 8.56 43.38 -24.78
C ASP A 1205 9.22 42.03 -25.03
N ILE A 1206 10.53 41.95 -24.87
CA ILE A 1206 11.23 40.68 -25.08
C ILE A 1206 11.01 39.75 -23.90
N THR A 1207 11.27 40.22 -22.69
CA THR A 1207 11.17 39.33 -21.52
C THR A 1207 9.73 38.95 -21.22
N GLN A 1208 8.77 39.83 -21.52
CA GLN A 1208 7.36 39.55 -21.26
C GLN A 1208 6.65 38.93 -22.46
N HIS A 1209 7.40 38.41 -23.42
CA HIS A 1209 6.71 37.77 -24.53
C HIS A 1209 6.59 36.27 -24.29
N PRO A 1210 5.44 35.67 -24.57
CA PRO A 1210 5.26 34.24 -24.26
C PRO A 1210 6.27 33.33 -24.94
N PHE A 1211 6.81 33.71 -26.09
CA PHE A 1211 7.89 32.92 -26.68
C PHE A 1211 9.10 32.88 -25.76
N PHE A 1212 9.41 34.01 -25.12
CA PHE A 1212 10.56 34.05 -24.22
C PHE A 1212 10.36 33.15 -23.01
N LYS A 1213 9.16 33.18 -22.42
CA LYS A 1213 8.89 32.34 -21.26
C LYS A 1213 8.87 30.86 -21.63
N ARG A 1214 8.29 30.52 -22.78
CA ARG A 1214 8.30 29.13 -23.21
C ARG A 1214 9.73 28.66 -23.49
N THR A 1215 10.56 29.54 -24.06
CA THR A 1215 11.96 29.19 -24.30
C THR A 1215 12.70 28.96 -22.99
N ILE A 1216 12.44 29.80 -21.99
CA ILE A 1216 13.10 29.63 -20.70
C ILE A 1216 12.69 28.32 -20.05
N ALA A 1217 11.41 27.96 -20.16
CA ALA A 1217 10.96 26.68 -19.60
C ALA A 1217 11.61 25.51 -20.32
N LEU A 1218 11.70 25.58 -21.65
CA LEU A 1218 12.37 24.51 -22.39
C LEU A 1218 13.84 24.40 -22.00
N LEU A 1219 14.49 25.53 -21.74
CA LEU A 1219 15.89 25.49 -21.33
C LEU A 1219 16.03 24.90 -19.94
N VAL A 1220 15.09 25.18 -19.04
CA VAL A 1220 15.11 24.56 -17.72
C VAL A 1220 15.02 23.04 -17.86
N LEU A 1221 14.08 22.58 -18.70
CA LEU A 1221 13.93 21.14 -18.91
C LEU A 1221 15.17 20.52 -19.54
N ALA A 1222 15.83 21.23 -20.46
CA ALA A 1222 17.00 20.67 -21.12
C ALA A 1222 18.19 20.57 -20.17
N GLN A 1223 18.44 21.62 -19.40
CA GLN A 1223 19.51 21.53 -18.42
C GLN A 1223 19.21 20.45 -17.41
N SER A 1224 17.93 20.25 -17.08
CA SER A 1224 17.55 19.12 -16.24
C SER A 1224 17.96 17.80 -16.89
N VAL A 1225 17.68 17.65 -18.19
CA VAL A 1225 18.04 16.44 -18.92
C VAL A 1225 19.54 16.18 -18.87
N LEU A 1226 20.34 17.24 -18.74
CA LEU A 1226 21.80 17.06 -18.65
C LEU A 1226 22.25 16.10 -17.54
N LEU A 1227 21.40 15.80 -16.57
CA LEU A 1227 21.79 14.93 -15.45
C LEU A 1227 21.30 13.50 -15.65
N SER A 1228 21.31 13.00 -16.89
CA SER A 1228 20.77 11.69 -17.18
C SER A 1228 21.75 10.57 -16.85
N VAL A 1229 23.05 10.84 -16.92
CA VAL A 1229 24.06 9.89 -16.46
C VAL A 1229 24.77 10.51 -15.27
N LYS A 1230 25.24 9.65 -14.37
CA LYS A 1230 25.81 10.10 -13.11
C LYS A 1230 27.06 10.93 -13.35
N TRP A 1231 27.06 12.15 -12.84
CA TRP A 1231 28.20 13.04 -12.97
C TRP A 1231 29.34 12.59 -12.08
N ASP A 1232 30.17 11.68 -12.58
CA ASP A 1232 31.33 11.21 -11.84
C ASP A 1232 32.53 12.09 -12.18
N VAL A 1233 33.68 11.79 -11.61
CA VAL A 1233 34.90 12.54 -11.86
C VAL A 1233 35.93 11.76 -12.66
N GLU A 1234 35.72 10.46 -12.85
CA GLU A 1234 36.56 9.65 -13.71
C GLU A 1234 35.83 9.19 -14.96
N ASP A 1235 34.67 9.77 -15.26
CA ASP A 1235 33.85 9.48 -16.42
C ASP A 1235 34.05 10.56 -17.48
N PRO A 1236 34.26 10.20 -18.75
CA PRO A 1236 34.47 11.25 -19.76
C PRO A 1236 33.24 12.10 -20.03
N VAL A 1237 32.04 11.51 -20.15
CA VAL A 1237 30.89 12.28 -20.59
C VAL A 1237 30.52 13.38 -19.62
N THR A 1238 30.94 13.29 -18.37
CA THR A 1238 30.63 14.34 -17.41
C THR A 1238 31.29 15.66 -17.80
N VAL A 1239 32.34 15.65 -18.60
CA VAL A 1239 32.97 16.89 -19.01
C VAL A 1239 32.12 17.57 -20.09
N PRO A 1240 31.67 16.88 -21.14
CA PRO A 1240 30.66 17.52 -22.00
C PRO A 1240 29.44 18.00 -21.24
N LEU A 1241 28.95 17.21 -20.28
CA LEU A 1241 27.74 17.61 -19.57
C LEU A 1241 27.96 18.85 -18.73
N ALA A 1242 29.10 18.95 -18.05
CA ALA A 1242 29.39 20.13 -17.25
C ALA A 1242 29.68 21.35 -18.13
N THR A 1243 30.32 21.16 -19.28
CA THR A 1243 30.52 22.29 -20.18
C THR A 1243 29.19 22.82 -20.70
N MET A 1244 28.29 21.91 -21.09
CA MET A 1244 26.97 22.35 -21.52
C MET A 1244 26.19 22.99 -20.37
N SER A 1245 26.43 22.54 -19.14
CA SER A 1245 25.80 23.17 -17.99
C SER A 1245 26.33 24.59 -17.79
N VAL A 1246 27.61 24.81 -18.08
CA VAL A 1246 28.17 26.17 -18.04
C VAL A 1246 27.49 27.04 -19.09
N VAL A 1247 27.32 26.51 -20.30
CA VAL A 1247 26.59 27.26 -21.33
C VAL A 1247 25.19 27.62 -20.84
N PHE A 1248 24.49 26.65 -20.23
CA PHE A 1248 23.13 26.89 -19.77
C PHE A 1248 23.08 27.95 -18.69
N THR A 1249 23.98 27.89 -17.72
CA THR A 1249 23.93 28.88 -16.65
C THR A 1249 24.33 30.26 -17.14
N PHE A 1250 25.17 30.36 -18.17
CA PHE A 1250 25.42 31.68 -18.73
C PHE A 1250 24.19 32.21 -19.46
N ILE A 1251 23.45 31.33 -20.14
CA ILE A 1251 22.19 31.75 -20.75
C ILE A 1251 21.23 32.27 -19.70
N PHE A 1252 21.10 31.53 -18.58
CA PHE A 1252 20.20 31.99 -17.54
C PHE A 1252 20.71 33.27 -16.88
N VAL A 1253 22.03 33.47 -16.85
CA VAL A 1253 22.57 34.73 -16.36
C VAL A 1253 22.08 35.89 -17.21
N LEU A 1254 22.19 35.76 -18.54
CA LEU A 1254 21.73 36.86 -19.37
C LEU A 1254 20.22 37.05 -19.27
N GLU A 1255 19.47 35.95 -19.07
CA GLU A 1255 18.03 36.08 -18.85
C GLU A 1255 17.74 36.90 -17.59
N VAL A 1256 18.44 36.61 -16.50
CA VAL A 1256 18.21 37.33 -15.25
C VAL A 1256 18.63 38.78 -15.38
N THR A 1257 19.74 39.06 -16.07
CA THR A 1257 20.14 40.46 -16.25
C THR A 1257 19.12 41.21 -17.09
N MET A 1258 18.59 40.58 -18.13
CA MET A 1258 17.53 41.22 -18.90
C MET A 1258 16.33 41.55 -18.01
N LYS A 1259 15.84 40.56 -17.27
CA LYS A 1259 14.67 40.82 -16.43
C LYS A 1259 14.96 41.80 -15.29
N ILE A 1260 16.22 42.00 -14.91
CA ILE A 1260 16.53 42.97 -13.88
C ILE A 1260 16.67 44.38 -14.44
N ILE A 1261 17.28 44.52 -15.62
CA ILE A 1261 17.43 45.86 -16.17
C ILE A 1261 16.16 46.28 -16.91
N ALA A 1262 15.51 45.36 -17.62
CA ALA A 1262 14.32 45.71 -18.38
C ALA A 1262 13.18 46.07 -17.45
N MET A 1263 13.02 45.34 -16.36
CA MET A 1263 11.91 45.59 -15.45
C MET A 1263 12.25 46.62 -14.37
N SER A 1264 13.15 46.28 -13.46
CA SER A 1264 13.68 47.16 -12.43
C SER A 1264 14.59 46.33 -11.55
N PRO A 1265 15.52 46.91 -10.84
CA PRO A 1265 16.18 46.16 -9.76
C PRO A 1265 15.26 46.05 -8.57
N ALA A 1266 14.35 47.01 -8.43
CA ALA A 1266 13.39 47.03 -7.34
C ALA A 1266 12.21 46.11 -7.61
N GLY A 1267 11.67 46.15 -8.83
CA GLY A 1267 10.54 45.31 -9.18
C GLY A 1267 10.89 43.85 -9.43
N PHE A 1268 12.14 43.58 -9.81
CA PHE A 1268 12.57 42.18 -9.97
C PHE A 1268 12.53 41.45 -8.64
N TRP A 1269 12.80 42.16 -7.54
CA TRP A 1269 12.79 41.51 -6.24
C TRP A 1269 11.36 41.32 -5.72
N GLN A 1270 10.37 41.82 -6.45
CA GLN A 1270 8.99 41.75 -5.97
C GLN A 1270 8.43 40.34 -6.11
N SER A 1271 8.76 39.65 -7.19
CA SER A 1271 8.31 38.29 -7.37
C SER A 1271 9.19 37.33 -6.59
N ARG A 1272 8.57 36.44 -5.81
CA ARG A 1272 9.34 35.44 -5.09
C ARG A 1272 10.01 34.46 -6.04
N ARG A 1273 9.34 34.15 -7.16
CA ARG A 1273 9.96 33.30 -8.18
C ARG A 1273 11.21 33.96 -8.75
N ASN A 1274 11.17 35.27 -8.96
CA ASN A 1274 12.35 35.99 -9.46
C ASN A 1274 13.49 35.94 -8.45
N ARG A 1275 13.17 36.01 -7.15
CA ARG A 1275 14.21 35.90 -6.14
C ARG A 1275 14.82 34.51 -6.12
N TYR A 1276 13.97 33.48 -6.23
CA TYR A 1276 14.50 32.11 -6.31
C TYR A 1276 15.38 31.93 -7.53
N ASP A 1277 14.99 32.51 -8.66
CA ASP A 1277 15.78 32.38 -9.87
C ASP A 1277 17.11 33.11 -9.73
N LEU A 1278 17.12 34.25 -9.04
CA LEU A 1278 18.37 34.94 -8.77
C LEU A 1278 19.28 34.12 -7.86
N LEU A 1279 18.71 33.50 -6.82
CA LEU A 1279 19.48 32.65 -5.93
C LEU A 1279 20.12 31.50 -6.69
N VAL A 1280 19.33 30.83 -7.54
CA VAL A 1280 19.85 29.68 -8.27
C VAL A 1280 20.87 30.12 -9.31
N THR A 1281 20.71 31.30 -9.91
CA THR A 1281 21.68 31.74 -10.90
C THR A 1281 22.99 32.17 -10.25
N SER A 1282 22.93 32.76 -9.05
CA SER A 1282 24.15 33.08 -8.32
C SER A 1282 24.88 31.80 -7.89
N LEU A 1283 24.14 30.82 -7.38
CA LEU A 1283 24.74 29.51 -7.14
C LEU A 1283 25.37 28.96 -8.41
N GLY A 1284 24.74 29.20 -9.56
CA GLY A 1284 25.28 28.69 -10.81
C GLY A 1284 26.60 29.32 -11.20
N VAL A 1285 26.71 30.64 -11.09
CA VAL A 1285 27.97 31.29 -11.46
C VAL A 1285 29.06 30.96 -10.44
N VAL A 1286 28.70 30.84 -9.17
CA VAL A 1286 29.67 30.35 -8.18
C VAL A 1286 30.19 28.99 -8.60
N TRP A 1287 29.29 28.07 -8.96
CA TRP A 1287 29.71 26.74 -9.38
C TRP A 1287 30.60 26.82 -10.62
N VAL A 1288 30.31 27.74 -11.54
CA VAL A 1288 31.12 27.82 -12.74
C VAL A 1288 32.55 28.24 -12.42
N VAL A 1289 32.70 29.29 -11.62
CA VAL A 1289 34.06 29.74 -11.34
C VAL A 1289 34.81 28.70 -10.52
N LEU A 1290 34.11 27.97 -9.64
CA LEU A 1290 34.79 26.89 -8.92
C LEU A 1290 35.16 25.75 -9.86
N HIS A 1291 34.23 25.33 -10.70
CA HIS A 1291 34.43 24.20 -11.60
C HIS A 1291 35.61 24.43 -12.52
N PHE A 1292 35.77 25.66 -13.00
CA PHE A 1292 36.97 25.92 -13.79
C PHE A 1292 38.19 26.18 -12.92
N ALA A 1293 38.01 26.61 -11.67
CA ALA A 1293 39.13 26.74 -10.75
C ALA A 1293 39.52 25.39 -10.14
N LEU A 1294 38.59 24.78 -9.40
CA LEU A 1294 38.92 23.57 -8.64
C LEU A 1294 38.84 22.31 -9.48
N LEU A 1295 37.65 22.03 -10.03
CA LEU A 1295 37.39 20.84 -10.83
C LEU A 1295 37.61 19.56 -10.01
N ASN A 1296 36.92 19.51 -8.87
CA ASN A 1296 36.96 18.36 -7.97
C ASN A 1296 35.69 17.52 -8.16
N ALA A 1297 35.49 16.55 -7.27
CA ALA A 1297 34.25 15.79 -7.27
C ALA A 1297 33.12 16.54 -6.56
N TYR A 1298 33.46 17.32 -5.53
CA TYR A 1298 32.47 18.17 -4.90
C TYR A 1298 32.03 19.30 -5.82
N THR A 1299 32.87 19.68 -6.78
CA THR A 1299 32.43 20.61 -7.81
C THR A 1299 31.32 20.01 -8.66
N TYR A 1300 31.45 18.74 -9.04
CA TYR A 1300 30.39 18.07 -9.80
C TYR A 1300 29.15 17.88 -8.93
N MET A 1301 29.33 17.59 -7.65
CA MET A 1301 28.19 17.52 -6.76
C MET A 1301 27.44 18.85 -6.72
N MET A 1302 28.17 19.97 -6.65
CA MET A 1302 27.52 21.27 -6.61
C MET A 1302 26.84 21.60 -7.93
N GLY A 1303 27.45 21.22 -9.05
CA GLY A 1303 26.82 21.45 -10.34
C GLY A 1303 25.51 20.70 -10.48
N ALA A 1304 25.52 19.42 -10.10
CA ALA A 1304 24.29 18.64 -10.11
C ALA A 1304 23.23 19.26 -9.20
N CYS A 1305 23.64 19.76 -8.03
CA CYS A 1305 22.68 20.36 -7.12
C CYS A 1305 22.05 21.62 -7.72
N VAL A 1306 22.86 22.45 -8.39
CA VAL A 1306 22.31 23.66 -9.01
C VAL A 1306 21.33 23.28 -10.11
N ILE A 1307 21.67 22.27 -10.92
CA ILE A 1307 20.76 21.80 -11.96
C ILE A 1307 19.45 21.34 -11.35
N VAL A 1308 19.52 20.63 -10.22
CA VAL A 1308 18.31 20.13 -9.58
C VAL A 1308 17.44 21.29 -9.09
N PHE A 1309 18.07 22.32 -8.51
CA PHE A 1309 17.26 23.44 -8.03
C PHE A 1309 16.62 24.23 -9.16
N ARG A 1310 17.29 24.35 -10.31
CA ARG A 1310 16.65 24.97 -11.45
C ARG A 1310 15.47 24.13 -11.97
N PHE A 1311 15.67 22.81 -12.07
CA PHE A 1311 14.56 21.95 -12.42
C PHE A 1311 13.39 22.16 -11.48
N PHE A 1312 13.66 22.31 -10.19
CA PHE A 1312 12.56 22.58 -9.26
C PHE A 1312 11.93 23.94 -9.53
N SER A 1313 12.71 24.87 -10.08
CA SER A 1313 12.12 26.15 -10.48
C SER A 1313 11.08 25.98 -11.58
N ILE A 1314 11.23 24.95 -12.41
CA ILE A 1314 10.29 24.75 -13.53
C ILE A 1314 8.83 24.78 -13.07
N CYS A 1315 8.57 24.53 -11.78
CA CYS A 1315 7.20 24.40 -11.31
C CYS A 1315 6.47 25.73 -11.22
N GLY A 1316 7.18 26.84 -11.22
CA GLY A 1316 6.53 28.14 -11.23
C GLY A 1316 6.21 28.68 -12.60
N LYS A 1317 6.54 27.95 -13.66
CA LYS A 1317 6.32 28.40 -15.02
C LYS A 1317 5.11 27.76 -15.66
N HIS A 1318 4.24 27.13 -14.87
CA HIS A 1318 3.07 26.44 -15.38
C HIS A 1318 1.95 26.62 -14.38
N VAL A 1319 0.77 26.99 -14.86
CA VAL A 1319 -0.36 27.27 -13.96
C VAL A 1319 -0.74 26.02 -13.18
N THR A 1320 -1.02 24.93 -13.89
CA THR A 1320 -1.50 23.72 -13.23
C THR A 1320 -0.41 23.13 -12.35
N LEU A 1321 0.84 23.15 -12.81
CA LEU A 1321 1.94 22.66 -11.98
C LEU A 1321 2.04 23.45 -10.69
N LYS A 1322 1.91 24.77 -10.77
CA LYS A 1322 2.01 25.59 -9.58
C LYS A 1322 0.84 25.32 -8.64
N MET A 1323 -0.37 25.18 -9.18
CA MET A 1323 -1.52 24.88 -8.34
C MET A 1323 -1.37 23.55 -7.62
N LEU A 1324 -0.85 22.54 -8.31
CA LEU A 1324 -0.70 21.23 -7.70
C LEU A 1324 0.44 21.21 -6.69
N LEU A 1325 1.51 21.94 -6.98
CA LEU A 1325 2.60 22.06 -6.01
C LEU A 1325 2.14 22.78 -4.75
N LEU A 1326 1.32 23.81 -4.91
CA LEU A 1326 0.73 24.48 -3.76
C LEU A 1326 -0.15 23.54 -2.97
N THR A 1327 -0.99 22.77 -3.67
CA THR A 1327 -1.80 21.75 -3.01
C THR A 1327 -0.93 20.84 -2.14
N VAL A 1328 0.14 20.30 -2.73
CA VAL A 1328 0.98 19.34 -2.01
C VAL A 1328 1.65 20.00 -0.80
N VAL A 1329 2.30 21.14 -1.00
CA VAL A 1329 3.09 21.69 0.10
C VAL A 1329 2.18 22.28 1.18
N VAL A 1330 1.05 22.86 0.81
CA VAL A 1330 0.16 23.40 1.84
C VAL A 1330 -0.56 22.28 2.57
N SER A 1331 -0.85 21.16 1.92
CA SER A 1331 -1.42 20.05 2.67
C SER A 1331 -0.38 19.36 3.55
N MET A 1332 0.88 19.39 3.13
CA MET A 1332 1.95 18.91 4.00
C MET A 1332 2.10 19.81 5.22
N TYR A 1333 1.94 21.11 5.04
CA TYR A 1333 1.92 22.04 6.16
C TYR A 1333 0.71 21.79 7.06
N LYS A 1334 -0.46 21.55 6.46
CA LYS A 1334 -1.68 21.32 7.23
C LYS A 1334 -1.68 19.97 7.94
N SER A 1335 -0.85 19.03 7.50
CA SER A 1335 -0.79 17.72 8.11
C SER A 1335 0.40 17.58 9.05
N PHE A 1336 0.95 18.69 9.55
CA PHE A 1336 2.12 18.60 10.41
C PHE A 1336 1.79 17.85 11.70
N PHE A 1337 0.69 18.22 12.36
CA PHE A 1337 0.38 17.61 13.64
C PHE A 1337 -0.16 16.19 13.48
N ILE A 1338 -0.81 15.88 12.36
CA ILE A 1338 -1.18 14.50 12.08
C ILE A 1338 0.06 13.64 11.89
N ILE A 1339 1.06 14.15 11.18
CA ILE A 1339 2.30 13.41 11.01
C ILE A 1339 3.06 13.30 12.32
N VAL A 1340 2.99 14.34 13.16
CA VAL A 1340 3.59 14.26 14.49
C VAL A 1340 2.90 13.18 15.32
N GLY A 1341 1.59 13.08 15.22
CA GLY A 1341 0.87 12.06 15.97
C GLY A 1341 1.20 10.65 15.48
N MET A 1342 1.28 10.48 14.17
CA MET A 1342 1.70 9.19 13.64
C MET A 1342 3.11 8.85 14.09
N PHE A 1343 4.00 9.84 14.14
CA PHE A 1343 5.36 9.58 14.61
C PHE A 1343 5.39 9.27 16.09
N LEU A 1344 4.53 9.89 16.89
CA LEU A 1344 4.47 9.59 18.32
C LEU A 1344 4.00 8.17 18.56
N LEU A 1345 2.95 7.75 17.85
CA LEU A 1345 2.51 6.36 17.94
C LEU A 1345 3.61 5.40 17.48
N LEU A 1346 4.29 5.73 16.39
CA LEU A 1346 5.36 4.89 15.90
C LEU A 1346 6.50 4.81 16.92
N LEU A 1347 6.75 5.89 17.65
CA LEU A 1347 7.82 5.90 18.65
C LEU A 1347 7.46 5.04 19.84
N CYS A 1348 6.22 5.14 20.32
CA CYS A 1348 5.73 4.23 21.35
C CYS A 1348 5.92 2.78 20.93
N TYR A 1349 5.48 2.46 19.71
CA TYR A 1349 5.62 1.09 19.22
C TYR A 1349 7.07 0.69 19.07
N ALA A 1350 7.95 1.62 18.71
CA ALA A 1350 9.35 1.29 18.53
C ALA A 1350 10.01 0.94 19.85
N PHE A 1351 9.72 1.72 20.90
CA PHE A 1351 10.21 1.38 22.23
C PHE A 1351 9.68 0.02 22.67
N ALA A 1352 8.37 -0.20 22.50
CA ALA A 1352 7.78 -1.48 22.89
C ALA A 1352 8.39 -2.64 22.12
N GLY A 1353 8.72 -2.43 20.84
CA GLY A 1353 9.31 -3.50 20.05
C GLY A 1353 10.75 -3.77 20.37
N VAL A 1354 11.51 -2.74 20.75
CA VAL A 1354 12.85 -2.99 21.27
C VAL A 1354 12.78 -3.81 22.54
N VAL A 1355 11.76 -3.58 23.36
CA VAL A 1355 11.62 -4.39 24.57
C VAL A 1355 11.21 -5.82 24.23
N LEU A 1356 10.25 -5.98 23.32
CA LEU A 1356 9.69 -7.30 23.05
C LEU A 1356 10.53 -8.11 22.07
N PHE A 1357 11.02 -7.49 21.01
CA PHE A 1357 11.65 -8.22 19.92
C PHE A 1357 13.11 -7.81 19.73
N GLY A 1358 13.77 -7.38 20.79
CA GLY A 1358 15.12 -6.86 20.66
C GLY A 1358 16.14 -7.91 20.25
N THR A 1359 15.98 -9.14 20.74
CA THR A 1359 16.94 -10.21 20.48
C THR A 1359 16.30 -11.39 19.74
N VAL A 1360 15.22 -11.14 18.99
CA VAL A 1360 14.58 -12.22 18.25
C VAL A 1360 15.56 -12.82 17.26
N LYS A 1361 15.57 -14.16 17.19
CA LYS A 1361 16.42 -14.86 16.25
C LYS A 1361 16.10 -14.44 14.81
N TYR A 1362 17.14 -14.29 14.00
CA TYR A 1362 16.94 -13.92 12.61
C TYR A 1362 16.09 -14.96 11.91
N GLY A 1363 15.21 -14.50 11.03
CA GLY A 1363 14.29 -15.39 10.36
C GLY A 1363 14.13 -15.11 8.90
N GLU A 1364 12.89 -15.18 8.41
CA GLU A 1364 12.63 -14.93 7.01
C GLU A 1364 12.89 -13.46 6.66
N ASN A 1365 12.42 -12.54 7.49
CA ASN A 1365 12.55 -11.11 7.23
C ASN A 1365 13.25 -10.34 8.34
N ILE A 1366 13.32 -10.88 9.56
CA ILE A 1366 14.16 -10.31 10.60
C ILE A 1366 15.60 -10.69 10.32
N ASN A 1367 16.45 -9.70 10.07
CA ASN A 1367 17.86 -9.94 9.77
C ASN A 1367 18.61 -8.64 10.06
N ARG A 1368 19.83 -8.53 9.55
CA ARG A 1368 20.63 -7.35 9.83
C ARG A 1368 20.08 -6.09 9.18
N HIS A 1369 19.17 -6.21 8.21
CA HIS A 1369 18.57 -5.04 7.61
C HIS A 1369 17.30 -4.59 8.35
N ALA A 1370 16.56 -5.51 8.94
CA ALA A 1370 15.31 -5.18 9.61
C ALA A 1370 15.24 -5.96 10.92
N ASN A 1371 15.38 -5.26 12.04
CA ASN A 1371 15.26 -5.88 13.34
C ASN A 1371 14.93 -4.79 14.37
N PHE A 1372 14.78 -5.21 15.62
CA PHE A 1372 14.43 -4.32 16.71
C PHE A 1372 15.55 -4.24 17.75
N SER A 1373 16.80 -4.30 17.31
CA SER A 1373 17.92 -4.32 18.24
C SER A 1373 18.23 -2.95 18.82
N SER A 1374 17.75 -1.88 18.20
CA SER A 1374 17.86 -0.54 18.75
C SER A 1374 16.64 0.25 18.34
N ALA A 1375 16.43 1.39 18.99
CA ALA A 1375 15.22 2.16 18.74
C ALA A 1375 15.21 2.75 17.33
N GLY A 1376 16.37 3.13 16.80
CA GLY A 1376 16.42 3.65 15.45
C GLY A 1376 16.09 2.58 14.41
N LYS A 1377 16.66 1.39 14.58
CA LYS A 1377 16.30 0.27 13.72
C LYS A 1377 14.81 -0.04 13.82
N ALA A 1378 14.26 -0.03 15.04
CA ALA A 1378 12.85 -0.30 15.23
C ALA A 1378 11.99 0.76 14.54
N ILE A 1379 12.42 2.02 14.59
CA ILE A 1379 11.67 3.09 13.95
C ILE A 1379 11.65 2.90 12.44
N THR A 1380 12.81 2.59 11.85
CA THR A 1380 12.86 2.39 10.41
C THR A 1380 12.05 1.17 9.99
N VAL A 1381 12.08 0.12 10.80
CA VAL A 1381 11.30 -1.08 10.49
C VAL A 1381 9.82 -0.78 10.55
N LEU A 1382 9.38 -0.06 11.57
CA LEU A 1382 7.96 0.27 11.68
C LEU A 1382 7.52 1.20 10.57
N PHE A 1383 8.40 2.06 10.09
CA PHE A 1383 8.05 2.88 8.93
C PHE A 1383 7.89 2.00 7.69
N ARG A 1384 8.82 1.08 7.47
CA ARG A 1384 8.71 0.20 6.31
C ARG A 1384 7.52 -0.74 6.40
N ILE A 1385 7.05 -1.05 7.62
CA ILE A 1385 5.95 -1.98 7.81
C ILE A 1385 4.63 -1.44 7.30
N VAL A 1386 4.49 -0.13 7.16
CA VAL A 1386 3.27 0.45 6.63
C VAL A 1386 3.41 0.94 5.19
N THR A 1387 4.60 0.87 4.61
N THR A 1387 4.60 0.87 4.61
CA THR A 1387 4.85 1.46 3.29
CA THR A 1387 4.86 1.39 3.26
C THR A 1387 5.53 0.48 2.34
C THR A 1387 5.67 0.35 2.49
N GLY A 1388 5.23 -0.81 2.46
N GLY A 1388 5.00 -0.57 1.80
CA GLY A 1388 5.67 -1.72 1.42
CA GLY A 1388 5.72 -1.51 0.96
C GLY A 1388 6.70 -2.78 1.79
C GLY A 1388 6.55 -2.51 1.75
N GLU A 1389 6.68 -3.25 3.02
N GLU A 1389 5.88 -3.37 2.48
CA GLU A 1389 7.46 -4.43 3.39
CA GLU A 1389 6.47 -4.15 3.55
C GLU A 1389 6.51 -5.53 3.85
C GLU A 1389 6.48 -5.63 3.21
N ASP A 1390 7.03 -6.76 3.84
N ASP A 1390 6.88 -6.42 4.19
CA ASP A 1390 6.26 -7.93 4.26
CA ASP A 1390 6.47 -7.82 4.32
C ASP A 1390 6.14 -7.93 5.77
C ASP A 1390 6.06 -8.02 5.77
N TRP A 1391 5.22 -7.10 6.28
CA TRP A 1391 5.03 -6.97 7.71
C TRP A 1391 4.57 -8.26 8.36
N ASN A 1392 3.81 -9.09 7.63
CA ASN A 1392 3.33 -10.34 8.22
C ASN A 1392 4.44 -11.37 8.32
N LYS A 1393 5.40 -11.34 7.39
CA LYS A 1393 6.60 -12.14 7.53
C LYS A 1393 7.39 -11.72 8.76
N ILE A 1394 7.50 -10.42 8.99
CA ILE A 1394 8.18 -9.91 10.18
C ILE A 1394 7.44 -10.34 11.44
N MET A 1395 6.11 -10.31 11.39
CA MET A 1395 5.31 -10.74 12.54
C MET A 1395 5.56 -12.21 12.86
N HIS A 1396 5.56 -13.06 11.84
CA HIS A 1396 5.79 -14.48 12.07
C HIS A 1396 7.23 -14.79 12.46
N ASP A 1397 8.18 -13.94 12.10
CA ASP A 1397 9.53 -14.10 12.64
C ASP A 1397 9.57 -13.78 14.12
N CYS A 1398 8.82 -12.77 14.55
CA CYS A 1398 8.79 -12.36 15.95
C CYS A 1398 7.87 -13.22 16.80
N MET A 1399 7.26 -14.24 16.23
CA MET A 1399 6.45 -15.20 16.96
C MET A 1399 7.20 -16.49 17.24
N VAL A 1400 8.50 -16.52 16.96
CA VAL A 1400 9.26 -17.76 17.02
C VAL A 1400 9.29 -18.29 18.44
N GLN A 1401 9.02 -19.58 18.59
CA GLN A 1401 9.00 -20.27 19.86
C GLN A 1401 9.88 -21.51 19.76
N PRO A 1402 10.25 -22.11 20.88
CA PRO A 1402 10.96 -23.39 20.81
C PRO A 1402 10.12 -24.42 20.08
N PRO A 1403 10.76 -25.33 19.34
CA PRO A 1403 12.19 -25.59 19.26
C PRO A 1403 12.92 -24.83 18.16
N PHE A 1404 12.50 -23.61 17.85
CA PHE A 1404 13.18 -22.78 16.86
C PHE A 1404 13.98 -21.66 17.50
N CYS A 1405 14.13 -21.67 18.82
CA CYS A 1405 14.92 -20.67 19.53
C CYS A 1405 15.27 -21.25 20.89
N THR A 1406 16.18 -20.58 21.59
CA THR A 1406 16.66 -21.07 22.88
C THR A 1406 16.10 -20.24 24.02
N PRO A 1407 15.07 -20.71 24.73
CA PRO A 1407 14.49 -19.90 25.79
C PRO A 1407 15.45 -19.73 26.95
N ASP A 1408 15.22 -18.66 27.72
CA ASP A 1408 15.97 -18.39 28.93
C ASP A 1408 14.99 -18.10 30.06
N GLU A 1409 15.28 -18.62 31.24
CA GLU A 1409 14.33 -18.52 32.33
C GLU A 1409 14.54 -17.27 33.19
N PHE A 1410 15.61 -16.51 32.97
CA PHE A 1410 15.92 -15.38 33.84
C PHE A 1410 15.62 -14.03 33.20
N THR A 1411 16.19 -13.74 32.03
CA THR A 1411 16.09 -12.44 31.42
C THR A 1411 15.64 -12.58 29.97
N TYR A 1412 15.00 -11.53 29.45
CA TYR A 1412 14.57 -11.57 28.07
C TYR A 1412 15.70 -11.29 27.10
N TRP A 1413 16.73 -10.56 27.52
CA TRP A 1413 17.83 -10.26 26.62
C TRP A 1413 18.80 -11.42 26.46
N ALA A 1414 18.50 -12.57 27.06
CA ALA A 1414 19.29 -13.77 26.90
C ALA A 1414 18.48 -14.91 26.29
N THR A 1415 17.33 -14.61 25.69
CA THR A 1415 16.38 -15.66 25.38
C THR A 1415 16.21 -15.94 23.89
N ASP A 1416 16.55 -15.02 23.00
CA ASP A 1416 16.63 -15.35 21.58
C ASP A 1416 15.26 -15.67 20.96
N CYS A 1417 14.21 -15.73 21.77
CA CYS A 1417 12.90 -16.15 21.33
C CYS A 1417 12.00 -14.94 21.08
N GLY A 1418 10.81 -15.21 20.57
CA GLY A 1418 9.83 -14.18 20.29
C GLY A 1418 8.59 -14.36 21.15
N ASN A 1419 7.82 -13.29 21.27
CA ASN A 1419 6.55 -13.33 21.97
C ASN A 1419 5.42 -13.60 20.98
N TYR A 1420 4.66 -14.66 21.21
CA TYR A 1420 3.62 -15.05 20.26
C TYR A 1420 2.43 -14.10 20.31
N ALA A 1421 1.75 -14.06 21.45
CA ALA A 1421 0.63 -13.14 21.63
C ALA A 1421 1.09 -11.70 21.50
N GLY A 1422 2.29 -11.41 21.99
CA GLY A 1422 2.83 -10.06 21.86
C GLY A 1422 3.00 -9.63 20.43
N ALA A 1423 3.61 -10.50 19.60
CA ALA A 1423 3.78 -10.18 18.19
C ALA A 1423 2.45 -10.01 17.49
N LEU A 1424 1.50 -10.92 17.76
CA LEU A 1424 0.18 -10.80 17.16
C LEU A 1424 -0.44 -9.45 17.45
N MET A 1425 -0.62 -9.13 18.74
CA MET A 1425 -1.25 -7.87 19.12
C MET A 1425 -0.49 -6.69 18.55
N TYR A 1426 0.84 -6.68 18.73
CA TYR A 1426 1.68 -5.56 18.33
C TYR A 1426 1.55 -5.27 16.83
N PHE A 1427 1.85 -6.26 16.00
CA PHE A 1427 1.88 -6.00 14.56
C PHE A 1427 0.49 -5.77 14.00
N CYS A 1428 -0.51 -6.55 14.43
CA CYS A 1428 -1.85 -6.34 13.90
C CYS A 1428 -2.39 -4.98 14.28
N SER A 1429 -2.24 -4.58 15.56
CA SER A 1429 -2.76 -3.29 15.98
C SER A 1429 -2.03 -2.14 15.30
N PHE A 1430 -0.70 -2.24 15.18
CA PHE A 1430 0.03 -1.16 14.52
C PHE A 1430 -0.41 -1.00 13.08
N TYR A 1431 -0.51 -2.12 12.34
CA TYR A 1431 -0.90 -2.01 10.95
C TYR A 1431 -2.31 -1.46 10.80
N VAL A 1432 -3.24 -1.91 11.65
CA VAL A 1432 -4.60 -1.36 11.58
C VAL A 1432 -4.60 0.13 11.85
N ILE A 1433 -3.94 0.56 12.93
CA ILE A 1433 -4.01 1.95 13.34
C ILE A 1433 -3.39 2.86 12.30
N ILE A 1434 -2.20 2.51 11.80
CA ILE A 1434 -1.51 3.42 10.89
C ILE A 1434 -2.03 3.27 9.46
N ALA A 1435 -1.98 2.06 8.92
CA ALA A 1435 -2.21 1.89 7.49
C ALA A 1435 -3.67 2.03 7.09
N TYR A 1436 -4.59 1.69 7.99
CA TYR A 1436 -6.01 1.73 7.63
C TYR A 1436 -6.72 2.97 8.13
N ILE A 1437 -6.20 3.66 9.14
CA ILE A 1437 -6.90 4.77 9.77
C ILE A 1437 -6.19 6.10 9.52
N MET A 1438 -4.93 6.20 9.91
CA MET A 1438 -4.32 7.53 10.05
C MET A 1438 -3.74 8.08 8.75
N LEU A 1439 -3.42 7.25 7.76
CA LEU A 1439 -3.00 7.78 6.47
C LEU A 1439 -4.18 8.30 5.65
N ASN A 1440 -5.38 7.81 5.93
CA ASN A 1440 -6.57 8.37 5.31
C ASN A 1440 -6.81 9.81 5.76
N LEU A 1441 -6.22 10.22 6.87
CA LEU A 1441 -6.22 11.64 7.22
C LEU A 1441 -5.40 12.46 6.24
N LEU A 1442 -4.26 11.91 5.79
CA LEU A 1442 -3.49 12.56 4.74
C LEU A 1442 -4.30 12.64 3.45
N VAL A 1443 -5.04 11.58 3.13
CA VAL A 1443 -5.92 11.62 1.97
C VAL A 1443 -6.93 12.75 2.10
N ALA A 1444 -7.55 12.87 3.29
CA ALA A 1444 -8.57 13.88 3.50
C ALA A 1444 -8.01 15.29 3.35
N ILE A 1445 -6.82 15.52 3.87
CA ILE A 1445 -6.20 16.84 3.77
C ILE A 1445 -5.83 17.15 2.32
N ILE A 1446 -5.32 16.16 1.59
CA ILE A 1446 -5.00 16.37 0.18
C ILE A 1446 -6.25 16.72 -0.61
N VAL A 1447 -7.37 16.04 -0.32
CA VAL A 1447 -8.61 16.32 -1.03
C VAL A 1447 -9.10 17.74 -0.74
N GLU A 1448 -9.06 18.14 0.54
CA GLU A 1448 -9.43 19.51 0.90
C GLU A 1448 -8.60 20.53 0.15
N ASN A 1449 -7.27 20.37 0.18
CA ASN A 1449 -6.41 21.40 -0.40
C ASN A 1449 -6.44 21.37 -1.91
N PHE A 1450 -6.76 20.22 -2.51
CA PHE A 1450 -6.97 20.19 -3.94
C PHE A 1450 -8.19 21.00 -4.33
N SER A 1451 -9.30 20.81 -3.60
CA SER A 1451 -10.48 21.61 -3.93
C SER A 1451 -10.24 23.08 -3.65
N LEU A 1452 -9.33 23.40 -2.74
CA LEU A 1452 -9.04 24.80 -2.44
C LEU A 1452 -8.16 25.46 -3.50
N PHE A 1453 -7.06 24.82 -3.88
CA PHE A 1453 -6.05 25.49 -4.69
C PHE A 1453 -6.21 25.27 -6.20
N TYR A 1454 -6.65 24.09 -6.61
CA TYR A 1454 -6.79 23.81 -8.04
C TYR A 1454 -8.14 24.32 -8.50
N SER A 1455 -8.12 25.25 -9.44
CA SER A 1455 -9.34 25.87 -9.95
C SER A 1455 -9.47 25.62 -11.44
N THR A 1456 -10.65 25.21 -11.84
CA THR A 1456 -11.02 25.03 -13.24
C THR A 1456 -11.94 26.18 -13.65
N GLU A 1457 -11.85 26.57 -14.91
CA GLU A 1457 -12.72 27.63 -15.42
C GLU A 1457 -14.13 27.09 -15.58
N GLU A 1458 -14.90 27.25 -14.51
CA GLU A 1458 -16.33 26.96 -14.56
C GLU A 1458 -17.06 28.07 -15.27
N ASP A 1459 -18.37 27.89 -15.44
CA ASP A 1459 -19.17 28.88 -16.15
C ASP A 1459 -19.72 29.94 -15.20
N GLN A 1460 -20.09 29.53 -13.99
CA GLN A 1460 -20.83 30.39 -13.06
C GLN A 1460 -20.03 30.73 -11.82
N LEU A 1461 -18.75 31.02 -11.96
CA LEU A 1461 -17.92 31.37 -10.82
C LEU A 1461 -16.71 32.15 -11.32
N LEU A 1462 -16.18 33.01 -10.48
CA LEU A 1462 -14.99 33.78 -10.83
C LEU A 1462 -13.77 32.88 -10.88
N SER A 1463 -13.10 32.83 -12.03
CA SER A 1463 -12.07 31.84 -12.26
C SER A 1463 -10.68 32.44 -12.10
N TYR A 1464 -9.66 31.64 -12.46
CA TYR A 1464 -8.28 32.08 -12.35
C TYR A 1464 -7.94 33.09 -13.44
N ASN A 1465 -8.41 32.86 -14.66
CA ASN A 1465 -8.18 33.82 -15.74
C ASN A 1465 -8.88 35.14 -15.44
N ASP A 1466 -10.06 35.09 -14.83
CA ASP A 1466 -10.76 36.31 -14.45
C ASP A 1466 -9.97 37.07 -13.39
N LEU A 1467 -9.39 36.35 -12.43
CA LEU A 1467 -8.53 36.99 -11.44
C LEU A 1467 -7.33 37.65 -12.10
N ARG A 1468 -6.71 36.97 -13.07
CA ARG A 1468 -5.56 37.55 -13.75
C ARG A 1468 -5.96 38.80 -14.53
N HIS A 1469 -7.10 38.75 -15.22
CA HIS A 1469 -7.56 39.90 -15.99
C HIS A 1469 -7.87 41.08 -15.09
N PHE A 1470 -8.54 40.83 -13.96
CA PHE A 1470 -8.80 41.89 -13.00
C PHE A 1470 -7.50 42.44 -12.43
N GLN A 1471 -6.51 41.58 -12.24
CA GLN A 1471 -5.21 42.05 -11.76
C GLN A 1471 -4.55 42.98 -12.76
N ILE A 1472 -4.65 42.65 -14.05
CA ILE A 1472 -4.08 43.52 -15.08
C ILE A 1472 -4.79 44.86 -15.10
N ILE A 1473 -6.13 44.84 -15.06
CA ILE A 1473 -6.89 46.09 -15.10
C ILE A 1473 -6.58 46.95 -13.87
N TRP A 1474 -6.47 46.32 -12.70
CA TRP A 1474 -6.13 47.07 -11.50
C TRP A 1474 -4.71 47.60 -11.56
N ASN A 1475 -3.79 46.85 -12.16
CA ASN A 1475 -2.42 47.35 -12.35
C ASN A 1475 -2.42 48.58 -13.22
N MET A 1476 -3.29 48.62 -14.23
CA MET A 1476 -3.34 49.79 -15.10
C MET A 1476 -4.09 50.96 -14.45
N VAL A 1477 -5.01 50.67 -13.53
CA VAL A 1477 -5.75 51.76 -12.89
C VAL A 1477 -4.98 52.31 -11.68
N ASP A 1478 -4.40 51.42 -10.88
CA ASP A 1478 -3.60 51.83 -9.72
C ASP A 1478 -2.21 52.17 -10.24
N ASP A 1479 -1.89 53.46 -10.25
CA ASP A 1479 -0.69 53.91 -10.95
C ASP A 1479 0.58 53.57 -10.18
N LYS A 1480 0.71 54.10 -8.97
CA LYS A 1480 1.98 53.97 -8.25
C LYS A 1480 2.06 52.66 -7.48
N ARG A 1481 1.13 51.73 -7.76
CA ARG A 1481 1.10 50.42 -7.12
C ARG A 1481 0.85 50.54 -5.62
N GLU A 1482 -0.23 51.21 -5.25
CA GLU A 1482 -0.62 51.30 -3.84
C GLU A 1482 -1.42 50.09 -3.40
N GLY A 1483 -2.18 49.50 -4.31
CA GLY A 1483 -3.15 48.49 -3.94
C GLY A 1483 -4.45 49.04 -3.40
N VAL A 1484 -4.67 50.34 -3.53
CA VAL A 1484 -5.84 51.02 -2.97
C VAL A 1484 -6.19 52.21 -3.88
N ILE A 1485 -7.39 52.23 -4.42
CA ILE A 1485 -7.76 53.28 -5.36
C ILE A 1485 -8.86 54.14 -4.74
N PRO A 1486 -8.98 55.39 -5.18
CA PRO A 1486 -10.13 56.20 -4.78
C PRO A 1486 -11.41 55.80 -5.50
N THR A 1487 -12.47 56.58 -5.32
CA THR A 1487 -13.81 56.17 -5.72
C THR A 1487 -14.08 56.28 -7.22
N PHE A 1488 -13.56 57.31 -7.90
CA PHE A 1488 -13.86 57.46 -9.33
C PHE A 1488 -13.05 56.49 -10.17
N ARG A 1489 -11.85 56.15 -9.70
CA ARG A 1489 -11.09 55.11 -10.38
C ARG A 1489 -11.86 53.80 -10.40
N VAL A 1490 -12.85 53.64 -9.53
CA VAL A 1490 -13.69 52.45 -9.56
C VAL A 1490 -14.54 52.43 -10.82
N LYS A 1491 -15.24 53.53 -11.13
CA LYS A 1491 -16.04 53.54 -12.35
C LYS A 1491 -15.14 53.42 -13.58
N PHE A 1492 -13.93 53.99 -13.50
CA PHE A 1492 -13.00 53.80 -14.62
C PHE A 1492 -12.62 52.33 -14.79
N LEU A 1493 -12.28 51.66 -13.69
CA LEU A 1493 -11.91 50.24 -13.76
C LEU A 1493 -13.07 49.39 -14.26
N LEU A 1494 -14.29 49.69 -13.80
CA LEU A 1494 -15.45 48.90 -14.22
C LEU A 1494 -15.71 49.07 -15.71
N ARG A 1495 -15.63 50.31 -16.21
CA ARG A 1495 -15.73 50.51 -17.65
C ARG A 1495 -14.61 49.79 -18.39
N LEU A 1496 -13.44 49.67 -17.77
CA LEU A 1496 -12.30 49.06 -18.44
C LEU A 1496 -12.41 47.53 -18.57
N LEU A 1497 -13.04 46.87 -17.60
CA LEU A 1497 -13.10 45.41 -17.59
C LEU A 1497 -13.72 44.88 -18.88
N ARG A 1498 -13.03 43.94 -19.51
CA ARG A 1498 -13.48 43.29 -20.73
C ARG A 1498 -13.55 41.79 -20.49
N GLY A 1499 -13.99 41.06 -21.51
CA GLY A 1499 -13.98 39.61 -21.44
C GLY A 1499 -15.20 39.08 -20.72
N ARG A 1500 -14.97 38.29 -19.67
CA ARG A 1500 -16.07 37.74 -18.89
C ARG A 1500 -16.51 38.67 -17.77
N LEU A 1501 -15.70 39.67 -17.42
CA LEU A 1501 -16.06 40.67 -16.44
C LEU A 1501 -16.58 41.94 -17.09
N GLU A 1502 -16.90 41.87 -18.38
CA GLU A 1502 -17.36 43.04 -19.12
C GLU A 1502 -18.69 43.56 -18.58
N VAL A 1503 -18.77 44.87 -18.42
CA VAL A 1503 -20.04 45.55 -18.14
C VAL A 1503 -20.21 46.60 -19.24
N ASP A 1504 -20.85 46.20 -20.34
CA ASP A 1504 -20.99 47.07 -21.49
C ASP A 1504 -22.17 48.02 -21.29
N LEU A 1505 -21.96 49.29 -21.60
CA LEU A 1505 -23.00 50.30 -21.43
C LEU A 1505 -23.94 50.29 -22.63
N ASP A 1506 -24.47 49.13 -22.97
CA ASP A 1506 -25.43 49.00 -24.07
C ASP A 1506 -26.65 48.23 -23.57
N LYS A 1507 -26.46 47.35 -22.59
CA LYS A 1507 -27.57 46.62 -22.00
C LYS A 1507 -27.52 46.52 -20.48
N ASP A 1508 -26.40 46.88 -19.84
CA ASP A 1508 -26.24 46.69 -18.40
C ASP A 1508 -25.71 47.95 -17.73
N LYS A 1509 -26.32 49.09 -18.04
CA LYS A 1509 -25.96 50.32 -17.35
C LYS A 1509 -26.41 50.30 -15.90
N LEU A 1510 -27.56 49.68 -15.63
CA LEU A 1510 -28.02 49.51 -14.26
C LEU A 1510 -27.00 48.74 -13.43
N LEU A 1511 -26.40 47.69 -14.00
CA LEU A 1511 -25.38 46.94 -13.29
C LEU A 1511 -24.18 47.81 -12.97
N PHE A 1512 -23.75 48.62 -13.94
CA PHE A 1512 -22.64 49.54 -13.72
C PHE A 1512 -22.93 50.47 -12.56
N LYS A 1513 -24.14 51.03 -12.51
CA LYS A 1513 -24.45 51.98 -11.44
C LYS A 1513 -24.56 51.27 -10.10
N HIS A 1514 -25.09 50.04 -10.08
CA HIS A 1514 -25.14 49.29 -8.83
C HIS A 1514 -23.74 49.02 -8.29
N MET A 1515 -22.83 48.60 -9.17
CA MET A 1515 -21.48 48.29 -8.70
C MET A 1515 -20.75 49.55 -8.25
N CYS A 1516 -20.92 50.67 -8.98
CA CYS A 1516 -20.25 51.89 -8.57
C CYS A 1516 -20.81 52.41 -7.25
N TYR A 1517 -22.13 52.29 -7.03
CA TYR A 1517 -22.66 52.75 -5.75
C TYR A 1517 -22.29 51.80 -4.62
N GLU A 1518 -22.15 50.50 -4.91
CA GLU A 1518 -21.63 49.59 -3.90
C GLU A 1518 -20.23 50.00 -3.47
N MET A 1519 -19.37 50.33 -4.44
CA MET A 1519 -18.01 50.75 -4.09
C MET A 1519 -17.99 52.12 -3.43
N GLU A 1520 -19.00 52.96 -3.68
CA GLU A 1520 -19.10 54.22 -2.96
C GLU A 1520 -19.49 53.99 -1.51
N ARG A 1521 -20.52 53.18 -1.26
CA ARG A 1521 -21.10 53.00 0.06
C ARG A 1521 -20.21 52.23 1.02
N LEU A 1522 -19.29 51.42 0.51
CA LEU A 1522 -18.60 50.45 1.36
C LEU A 1522 -17.79 51.10 2.46
N HIS A 1523 -17.24 52.29 2.22
CA HIS A 1523 -16.45 52.97 3.23
C HIS A 1523 -16.84 54.44 3.34
N ASN A 1524 -18.12 54.76 3.15
CA ASN A 1524 -18.61 56.13 3.18
C ASN A 1524 -17.93 57.00 2.13
N GLY A 1525 -17.51 56.41 1.02
CA GLY A 1525 -17.00 57.17 -0.10
C GLY A 1525 -15.50 57.38 -0.14
N GLY A 1526 -14.71 56.31 -0.09
CA GLY A 1526 -13.28 56.48 -0.25
C GLY A 1526 -12.42 55.25 -0.02
N ASP A 1527 -11.42 55.08 -0.89
CA ASP A 1527 -10.30 54.17 -0.66
C ASP A 1527 -10.75 52.71 -0.52
N VAL A 1528 -11.24 52.16 -1.63
CA VAL A 1528 -11.46 50.71 -1.74
C VAL A 1528 -10.12 50.04 -2.01
N THR A 1529 -10.00 48.76 -1.62
CA THR A 1529 -8.68 48.16 -1.37
C THR A 1529 -8.44 46.84 -2.12
N PHE A 1530 -8.90 46.73 -3.37
CA PHE A 1530 -8.58 45.63 -4.27
C PHE A 1530 -9.22 44.31 -3.82
N HIS A 1531 -9.67 44.25 -2.58
CA HIS A 1531 -10.47 43.13 -2.12
C HIS A 1531 -11.91 43.53 -1.89
N ASP A 1532 -12.17 44.83 -1.74
CA ASP A 1532 -13.53 45.32 -1.82
C ASP A 1532 -14.08 45.15 -3.23
N VAL A 1533 -13.30 45.57 -4.23
CA VAL A 1533 -13.73 45.44 -5.61
C VAL A 1533 -13.76 43.98 -6.03
N LEU A 1534 -12.78 43.19 -5.58
CA LEU A 1534 -12.76 41.78 -5.94
C LEU A 1534 -13.90 41.03 -5.26
N SER A 1535 -14.23 41.37 -4.01
CA SER A 1535 -15.38 40.77 -3.37
C SER A 1535 -16.67 41.15 -4.07
N MET A 1536 -16.78 42.42 -4.49
CA MET A 1536 -17.96 42.84 -5.22
C MET A 1536 -18.10 42.05 -6.51
N LEU A 1537 -17.01 41.86 -7.24
CA LEU A 1537 -17.06 41.09 -8.46
C LEU A 1537 -17.47 39.65 -8.20
N SER A 1538 -16.89 39.04 -7.16
CA SER A 1538 -17.22 37.65 -6.85
C SER A 1538 -18.70 37.52 -6.52
N TYR A 1539 -19.24 38.42 -5.72
CA TYR A 1539 -20.65 38.37 -5.37
C TYR A 1539 -21.53 38.59 -6.60
N ARG A 1540 -21.23 39.61 -7.40
CA ARG A 1540 -22.03 39.86 -8.59
C ARG A 1540 -21.80 38.82 -9.69
N SER A 1541 -20.88 37.88 -9.50
CA SER A 1541 -20.55 36.91 -10.52
C SER A 1541 -21.12 35.52 -10.28
N VAL A 1542 -21.79 35.27 -9.15
CA VAL A 1542 -22.41 33.99 -8.89
C VAL A 1542 -23.88 34.19 -8.55
N ASP A 1543 -24.63 33.11 -8.67
CA ASP A 1543 -26.01 33.06 -8.21
C ASP A 1543 -25.99 32.86 -6.70
N ILE A 1544 -26.24 33.92 -5.95
CA ILE A 1544 -26.05 33.86 -4.50
C ILE A 1544 -27.03 32.89 -3.85
N ARG A 1545 -28.14 32.56 -4.51
CA ARG A 1545 -29.08 31.61 -3.95
C ARG A 1545 -28.47 30.21 -3.87
N LYS A 1546 -27.55 29.89 -4.77
CA LYS A 1546 -26.89 28.58 -4.77
C LYS A 1546 -25.62 28.57 -3.93
N SER A 1547 -24.82 29.63 -4.02
CA SER A 1547 -23.47 29.61 -3.47
C SER A 1547 -23.40 29.99 -2.00
N LEU A 1548 -24.29 30.85 -1.53
CA LEU A 1548 -24.20 31.37 -0.18
C LEU A 1548 -25.03 30.53 0.78
N GLN A 1549 -24.68 30.64 2.06
CA GLN A 1549 -25.46 30.06 3.13
C GLN A 1549 -26.45 31.09 3.68
N LEU A 1550 -27.44 30.62 4.43
CA LEU A 1550 -28.63 31.42 4.70
C LEU A 1550 -28.30 32.75 5.36
N GLU A 1551 -27.41 32.75 6.35
CA GLU A 1551 -27.02 34.00 6.99
C GLU A 1551 -26.36 34.95 5.99
N GLU A 1552 -25.31 34.47 5.31
CA GLU A 1552 -24.63 35.27 4.31
C GLU A 1552 -25.58 35.66 3.18
N LEU A 1553 -26.51 34.79 2.82
CA LEU A 1553 -27.44 35.10 1.74
C LEU A 1553 -28.37 36.23 2.14
N LEU A 1554 -28.92 36.20 3.35
CA LEU A 1554 -29.79 37.28 3.80
C LEU A 1554 -29.02 38.59 3.91
N ALA A 1555 -27.79 38.54 4.43
CA ALA A 1555 -26.99 39.75 4.52
C ALA A 1555 -26.74 40.36 3.13
N ARG A 1556 -26.33 39.52 2.18
CA ARG A 1556 -26.01 40.04 0.85
C ARG A 1556 -27.25 40.56 0.14
N GLU A 1557 -28.38 39.88 0.30
CA GLU A 1557 -29.59 40.35 -0.37
C GLU A 1557 -30.08 41.65 0.24
N GLN A 1558 -29.96 41.80 1.56
CA GLN A 1558 -30.26 43.10 2.18
C GLN A 1558 -29.35 44.18 1.62
N LEU A 1559 -28.06 43.88 1.50
CA LEU A 1559 -27.10 44.84 0.98
C LEU A 1559 -27.45 45.28 -0.43
N GLU A 1560 -27.77 44.32 -1.30
CA GLU A 1560 -28.06 44.64 -2.69
C GLU A 1560 -29.40 45.34 -2.84
N TYR A 1561 -30.38 44.99 -2.00
CA TYR A 1561 -31.66 45.71 -2.02
C TYR A 1561 -31.47 47.16 -1.60
N THR A 1562 -30.70 47.40 -0.54
CA THR A 1562 -30.38 48.76 -0.13
C THR A 1562 -29.71 49.53 -1.25
N ILE A 1563 -28.74 48.91 -1.92
CA ILE A 1563 -28.00 49.59 -2.98
C ILE A 1563 -28.92 49.94 -4.14
N GLU A 1564 -29.75 48.98 -4.57
CA GLU A 1564 -30.65 49.23 -5.69
C GLU A 1564 -31.67 50.31 -5.33
N GLU A 1565 -32.16 50.31 -4.10
CA GLU A 1565 -33.11 51.35 -3.68
C GLU A 1565 -32.46 52.73 -3.70
N GLU A 1566 -31.24 52.85 -3.19
CA GLU A 1566 -30.58 54.15 -3.19
C GLU A 1566 -30.23 54.60 -4.61
N VAL A 1567 -29.90 53.68 -5.51
CA VAL A 1567 -29.63 54.07 -6.88
C VAL A 1567 -30.91 54.54 -7.57
N ALA A 1568 -32.03 53.86 -7.34
CA ALA A 1568 -33.29 54.35 -7.87
C ALA A 1568 -33.65 55.72 -7.29
N LYS A 1569 -33.35 55.92 -6.00
CA LYS A 1569 -33.59 57.22 -5.38
C LYS A 1569 -32.78 58.32 -6.06
N GLN A 1570 -31.50 58.04 -6.35
CA GLN A 1570 -30.67 59.09 -6.95
C GLN A 1570 -31.07 59.32 -8.41
N THR A 1571 -31.57 58.30 -9.09
CA THR A 1571 -32.10 58.53 -10.43
C THR A 1571 -33.36 59.40 -10.39
N ILE A 1572 -34.25 59.13 -9.43
CA ILE A 1572 -35.44 59.95 -9.27
C ILE A 1572 -35.05 61.38 -8.90
N ARG A 1573 -33.98 61.54 -8.13
CA ARG A 1573 -33.55 62.87 -7.74
C ARG A 1573 -32.92 63.62 -8.92
N MET A 1574 -32.19 62.90 -9.77
CA MET A 1574 -31.69 63.52 -10.99
C MET A 1574 -32.84 63.94 -11.90
N TRP A 1575 -33.94 63.18 -11.89
CA TRP A 1575 -35.11 63.57 -12.66
C TRP A 1575 -35.77 64.81 -12.07
N LEU A 1576 -36.07 64.78 -10.76
CA LEU A 1576 -36.72 65.91 -10.11
C LEU A 1576 -35.83 67.15 -10.12
N LYS A 1577 -34.52 66.95 -10.36
CA LYS A 1577 -33.63 68.09 -10.55
C LYS A 1577 -33.89 68.78 -11.88
N LYS A 1578 -34.25 68.02 -12.90
CA LYS A 1578 -34.57 68.58 -14.20
C LYS A 1578 -36.08 68.52 -14.44
N GLY B 188 42.82 -47.80 26.92
CA GLY B 188 41.38 -47.85 26.69
C GLY B 188 40.91 -46.73 25.78
N GLN B 189 41.86 -45.98 25.23
CA GLN B 189 41.57 -44.84 24.37
C GLN B 189 40.94 -45.30 23.05
N CYS B 190 40.59 -44.34 22.21
CA CYS B 190 39.89 -44.61 20.96
C CYS B 190 40.82 -45.25 19.95
N PHE B 191 40.23 -45.77 18.88
CA PHE B 191 41.01 -46.34 17.78
C PHE B 191 40.24 -46.11 16.49
N THR B 192 40.56 -45.02 15.79
CA THR B 192 39.95 -44.75 14.50
C THR B 192 40.17 -45.92 13.54
N VAL B 193 39.10 -46.28 12.84
CA VAL B 193 39.12 -47.40 11.90
C VAL B 193 39.71 -46.89 10.60
N GLU B 194 40.57 -47.68 9.97
CA GLU B 194 41.18 -47.31 8.71
C GLU B 194 41.07 -48.39 7.64
N SER B 195 41.23 -49.64 8.07
CA SER B 195 41.14 -50.76 7.16
C SER B 195 40.18 -51.80 7.71
N ALA B 196 39.31 -52.31 6.85
CA ALA B 196 38.39 -53.34 7.29
C ALA B 196 39.18 -54.58 7.70
N ASP B 197 40.18 -54.93 6.89
CA ASP B 197 41.01 -56.08 7.18
C ASP B 197 41.83 -55.96 8.46
N ALA B 198 42.42 -54.80 8.71
CA ALA B 198 43.26 -54.68 9.91
C ALA B 198 42.45 -54.91 11.17
N VAL B 199 41.28 -54.29 11.26
CA VAL B 199 40.43 -54.49 12.42
C VAL B 199 39.42 -55.59 12.17
N CYS B 200 39.85 -56.84 12.06
CA CYS B 200 38.89 -57.89 11.79
C CYS B 200 39.51 -59.27 11.96
N ASN B 226 35.99 -56.01 22.42
CA ASN B 226 36.86 -54.85 22.37
C ASN B 226 36.53 -53.98 21.17
N LEU B 227 35.41 -54.31 20.52
CA LEU B 227 34.86 -53.49 19.43
C LEU B 227 34.32 -52.17 19.92
N SER B 228 34.20 -51.98 21.24
CA SER B 228 33.74 -50.72 21.82
C SER B 228 34.86 -49.69 21.87
N ASP B 229 35.98 -49.99 21.21
CA ASP B 229 37.15 -49.12 21.22
C ASP B 229 37.49 -48.60 19.84
N PHE B 230 36.78 -49.03 18.80
CA PHE B 230 37.10 -48.67 17.42
C PHE B 230 36.01 -47.77 16.87
N TYR B 231 36.32 -46.48 16.75
CA TYR B 231 35.37 -45.47 16.32
C TYR B 231 35.52 -45.19 14.83
N LEU B 232 34.43 -44.71 14.24
CA LEU B 232 34.46 -44.32 12.83
C LEU B 232 35.25 -43.03 12.65
N SER B 233 35.70 -42.82 11.41
CA SER B 233 36.61 -41.71 11.13
C SER B 233 35.88 -40.37 11.25
N PHE B 234 34.83 -40.17 10.46
CA PHE B 234 34.09 -38.91 10.51
C PHE B 234 33.06 -38.93 11.63
N CYS B 235 32.13 -39.86 11.58
CA CYS B 235 31.15 -40.02 12.65
C CYS B 235 31.86 -40.70 13.82
N ASN B 236 32.67 -39.91 14.52
CA ASN B 236 33.61 -40.40 15.51
C ASN B 236 33.00 -40.59 16.88
N SER B 237 31.68 -40.73 16.99
CA SER B 237 31.05 -41.07 18.25
C SER B 237 30.45 -42.47 18.25
N TYR B 238 30.52 -43.17 17.13
CA TYR B 238 29.98 -44.52 17.01
C TYR B 238 31.12 -45.52 16.98
N THR B 239 31.08 -46.49 17.88
CA THR B 239 32.03 -47.59 17.86
C THR B 239 31.55 -48.67 16.91
N LEU B 240 32.43 -49.61 16.60
CA LEU B 240 32.02 -50.76 15.80
C LEU B 240 31.10 -51.67 16.57
N TRP B 241 31.30 -51.79 17.88
CA TRP B 241 30.43 -52.60 18.71
C TRP B 241 28.97 -52.18 18.57
N GLU B 242 28.72 -50.87 18.53
CA GLU B 242 27.36 -50.38 18.41
C GLU B 242 26.82 -50.58 17.00
N LEU B 243 27.67 -50.47 15.98
CA LEU B 243 27.19 -50.63 14.62
C LEU B 243 26.83 -52.07 14.31
N PHE B 244 27.65 -53.02 14.78
CA PHE B 244 27.31 -54.43 14.60
C PHE B 244 26.07 -54.83 15.38
N SER B 245 25.69 -54.07 16.39
CA SER B 245 24.47 -54.31 17.15
C SER B 245 23.35 -53.39 16.64
N GLY B 246 22.94 -53.63 15.39
CA GLY B 246 21.79 -52.92 14.86
C GLY B 246 21.86 -52.47 13.42
N LEU B 247 23.05 -52.11 12.93
CA LEU B 247 23.17 -51.61 11.56
C LEU B 247 23.57 -52.74 10.62
N SER B 248 22.96 -52.74 9.44
CA SER B 248 23.20 -53.80 8.47
C SER B 248 22.81 -53.29 7.10
N SER B 249 23.79 -53.00 6.26
CA SER B 249 23.51 -52.65 4.88
C SER B 249 22.85 -53.82 4.17
N PRO B 250 21.68 -53.61 3.53
CA PRO B 250 20.86 -54.73 3.05
C PRO B 250 21.55 -55.67 2.07
N SER B 251 22.39 -55.11 1.18
CA SER B 251 23.10 -55.93 0.20
C SER B 251 23.90 -57.04 0.87
N THR B 252 24.80 -56.68 1.77
CA THR B 252 25.59 -57.64 2.52
C THR B 252 25.00 -57.94 3.89
N LEU B 253 23.68 -57.89 4.01
CA LEU B 253 23.03 -57.93 5.32
C LEU B 253 23.13 -59.30 5.95
N ASN B 254 24.19 -59.52 6.74
CA ASN B 254 24.32 -60.72 7.53
C ASN B 254 24.95 -60.40 8.88
N CYS B 255 25.21 -59.12 9.12
CA CYS B 255 26.03 -58.70 10.26
C CYS B 255 25.15 -58.30 11.42
N SER B 256 24.80 -59.28 12.25
CA SER B 256 24.10 -59.05 13.51
C SER B 256 25.07 -59.36 14.64
N LEU B 257 26.32 -58.96 14.46
CA LEU B 257 27.42 -59.15 15.42
C LEU B 257 27.86 -60.61 15.46
N ASP B 258 27.13 -61.49 14.76
CA ASP B 258 27.53 -62.88 14.65
C ASP B 258 28.52 -63.11 13.51
N VAL B 259 28.99 -62.04 12.86
CA VAL B 259 30.00 -62.14 11.82
C VAL B 259 31.38 -61.77 12.31
N VAL B 260 31.51 -61.22 13.51
CA VAL B 260 32.79 -60.80 14.04
C VAL B 260 33.33 -61.88 14.97
N LEU B 261 32.47 -62.39 15.86
CA LEU B 261 32.87 -63.45 16.78
C LEU B 261 33.26 -64.71 16.03
N THR B 262 32.38 -65.18 15.17
CA THR B 262 32.65 -66.34 14.34
C THR B 262 33.63 -65.99 13.22
N MET B 267 36.28 -64.33 7.25
CA MET B 267 35.71 -63.14 7.86
C MET B 267 35.45 -62.07 6.80
N THR B 268 35.22 -62.54 5.58
CA THR B 268 34.94 -61.71 4.41
C THR B 268 33.67 -60.90 4.63
N THR B 269 32.70 -61.50 5.31
CA THR B 269 31.44 -60.83 5.60
C THR B 269 31.71 -59.60 6.44
N CYS B 270 32.64 -59.72 7.39
CA CYS B 270 33.00 -58.61 8.25
C CYS B 270 33.60 -57.48 7.43
N ARG B 271 34.44 -57.83 6.47
CA ARG B 271 35.06 -56.84 5.62
C ARG B 271 33.99 -56.11 4.82
N GLN B 272 33.00 -56.87 4.37
CA GLN B 272 31.89 -56.30 3.61
C GLN B 272 31.08 -55.32 4.44
N CYS B 273 30.87 -55.64 5.72
CA CYS B 273 30.09 -54.75 6.57
C CYS B 273 30.89 -53.56 7.08
N ILE B 274 32.18 -53.75 7.36
CA ILE B 274 32.99 -52.62 7.82
C ILE B 274 33.28 -51.67 6.68
N GLU B 275 33.46 -52.19 5.46
CA GLU B 275 33.59 -51.29 4.33
C GLU B 275 32.28 -50.57 4.03
N ALA B 276 31.14 -51.23 4.31
CA ALA B 276 29.86 -50.53 4.21
C ALA B 276 29.77 -49.40 5.24
N TYR B 277 30.24 -49.65 6.46
CA TYR B 277 30.27 -48.60 7.47
C TYR B 277 31.16 -47.44 7.02
N GLN B 278 32.31 -47.75 6.45
CA GLN B 278 33.21 -46.71 5.96
C GLN B 278 32.58 -45.92 4.81
N ASP B 279 31.82 -46.58 3.95
CA ASP B 279 31.15 -45.86 2.86
C ASP B 279 30.05 -44.96 3.40
N TYR B 280 29.26 -45.45 4.36
CA TYR B 280 28.30 -44.59 5.05
C TYR B 280 29.00 -43.37 5.64
N ASP B 281 30.13 -43.59 6.31
CA ASP B 281 30.87 -42.50 6.94
C ASP B 281 31.34 -41.49 5.91
N HIS B 282 31.86 -41.97 4.78
CA HIS B 282 32.35 -41.07 3.73
C HIS B 282 31.23 -40.23 3.14
N HIS B 283 30.07 -40.84 2.89
CA HIS B 283 28.96 -40.08 2.34
C HIS B 283 28.44 -39.05 3.35
N ALA B 284 28.40 -39.42 4.64
CA ALA B 284 28.05 -38.45 5.67
C ALA B 284 29.04 -37.29 5.69
N GLN B 285 30.32 -37.58 5.45
CA GLN B 285 31.31 -36.51 5.40
C GLN B 285 31.06 -35.57 4.22
N GLU B 286 30.73 -36.12 3.05
CA GLU B 286 30.47 -35.27 1.90
C GLU B 286 29.27 -34.36 2.17
N LYS B 287 28.22 -34.91 2.74
CA LYS B 287 27.04 -34.13 3.07
C LYS B 287 27.36 -33.05 4.08
N TYR B 288 28.17 -33.38 5.08
CA TYR B 288 28.54 -32.39 6.09
C TYR B 288 29.38 -31.27 5.49
N GLU B 289 30.23 -31.60 4.52
CA GLU B 289 31.00 -30.56 3.87
C GLU B 289 30.10 -29.63 3.06
N GLU B 290 29.06 -30.18 2.43
CA GLU B 290 28.08 -29.32 1.77
C GLU B 290 27.41 -28.39 2.78
N PHE B 291 27.03 -28.92 3.94
CA PHE B 291 26.38 -28.09 4.93
C PHE B 291 27.28 -26.97 5.42
N GLU B 292 28.52 -27.31 5.78
CA GLU B 292 29.42 -26.28 6.29
C GLU B 292 29.87 -25.34 5.19
N SER B 293 29.77 -25.74 3.92
CA SER B 293 29.96 -24.81 2.83
C SER B 293 28.83 -23.79 2.77
N VAL B 294 27.59 -24.23 2.97
CA VAL B 294 26.48 -23.29 3.05
C VAL B 294 26.63 -22.38 4.26
N LEU B 295 27.02 -22.95 5.39
CA LEU B 295 27.14 -22.16 6.62
C LEU B 295 28.30 -21.17 6.55
N HIS B 296 29.32 -21.48 5.75
CA HIS B 296 30.42 -20.55 5.55
C HIS B 296 29.97 -19.33 4.76
N LYS B 297 29.19 -19.55 3.70
CA LYS B 297 28.68 -18.47 2.87
C LYS B 297 27.58 -17.68 3.53
N TYR B 298 27.13 -18.08 4.72
CA TYR B 298 26.14 -17.34 5.46
C TYR B 298 26.84 -16.21 6.20
N LEU B 299 26.56 -14.97 5.80
CA LEU B 299 27.34 -13.84 6.31
C LEU B 299 26.88 -13.39 7.69
N GLN B 300 25.61 -13.57 8.02
CA GLN B 300 25.07 -13.16 9.30
C GLN B 300 25.29 -14.20 10.39
N SER B 301 26.28 -15.08 10.21
CA SER B 301 26.53 -16.16 11.15
C SER B 301 26.85 -15.68 12.55
N ASP B 302 27.38 -14.46 12.69
CA ASP B 302 27.74 -13.93 13.99
C ASP B 302 26.66 -13.04 14.58
N GLU B 303 25.52 -12.88 13.91
CA GLU B 303 24.49 -11.97 14.36
C GLU B 303 23.14 -12.63 14.57
N TYR B 304 22.93 -13.85 14.06
CA TYR B 304 21.57 -14.35 13.91
C TYR B 304 20.94 -14.72 15.25
N SER B 305 21.76 -15.02 16.25
CA SER B 305 21.24 -15.46 17.54
C SER B 305 22.17 -14.99 18.65
N VAL B 306 21.57 -14.49 19.73
CA VAL B 306 22.34 -14.13 20.91
C VAL B 306 22.73 -15.39 21.69
N LYS B 307 22.14 -16.52 21.35
CA LYS B 307 22.36 -17.75 22.09
C LYS B 307 23.25 -18.74 21.37
N SER B 308 23.26 -18.74 20.04
CA SER B 308 23.92 -19.78 19.27
C SER B 308 24.94 -19.19 18.30
N CYS B 309 26.01 -19.92 18.10
CA CYS B 309 27.08 -19.57 17.17
C CYS B 309 27.20 -20.68 16.14
N PRO B 310 27.92 -20.44 15.04
CA PRO B 310 28.09 -21.50 14.04
C PRO B 310 28.71 -22.78 14.57
N GLU B 311 29.53 -22.75 15.62
CA GLU B 311 30.15 -23.99 16.09
C GLU B 311 29.13 -24.91 16.75
N ASP B 312 28.24 -24.35 17.57
CA ASP B 312 27.16 -25.15 18.15
C ASP B 312 26.32 -25.78 17.05
N CYS B 313 25.90 -24.98 16.08
CA CYS B 313 25.15 -25.47 14.93
C CYS B 313 25.88 -26.60 14.23
N LYS B 314 27.16 -26.42 13.97
CA LYS B 314 27.93 -27.45 13.29
C LYS B 314 27.92 -28.76 14.07
N ILE B 315 28.18 -28.69 15.38
CA ILE B 315 28.26 -29.90 16.18
C ILE B 315 26.94 -30.64 16.18
N VAL B 316 25.83 -29.92 16.41
CA VAL B 316 24.55 -30.63 16.48
C VAL B 316 24.13 -31.13 15.10
N TYR B 317 24.48 -30.41 14.03
CA TYR B 317 24.13 -30.90 12.70
C TYR B 317 24.92 -32.14 12.34
N LYS B 318 26.21 -32.18 12.69
CA LYS B 318 26.99 -33.39 12.46
C LYS B 318 26.43 -34.56 13.24
N ALA B 319 26.00 -34.32 14.48
CA ALA B 319 25.39 -35.40 15.25
C ALA B 319 24.10 -35.88 14.61
N TRP B 320 23.26 -34.96 14.14
CA TRP B 320 22.01 -35.34 13.48
C TRP B 320 22.28 -36.16 12.23
N LEU B 321 23.22 -35.73 11.40
CA LEU B 321 23.50 -36.43 10.15
C LEU B 321 24.08 -37.82 10.42
N CYS B 322 25.01 -37.91 11.36
CA CYS B 322 25.57 -39.22 11.71
C CYS B 322 24.51 -40.14 12.29
N SER B 323 23.50 -39.58 12.98
CA SER B 323 22.41 -40.43 13.46
C SER B 323 21.50 -40.85 12.32
N GLN B 324 21.40 -40.03 11.29
CA GLN B 324 20.64 -40.41 10.10
C GLN B 324 21.29 -41.57 9.39
N TYR B 325 22.62 -41.63 9.39
CA TYR B 325 23.29 -42.70 8.68
C TYR B 325 23.39 -43.97 9.52
N PHE B 326 23.55 -43.83 10.83
CA PHE B 326 23.68 -44.97 11.73
C PHE B 326 22.59 -44.87 12.80
N GLU B 327 21.47 -45.54 12.56
CA GLU B 327 20.30 -45.42 13.44
C GLU B 327 20.34 -46.51 14.51
N VAL B 328 21.36 -46.41 15.35
CA VAL B 328 21.62 -47.42 16.38
C VAL B 328 21.66 -46.76 17.75
N THR B 329 21.63 -47.59 18.78
CA THR B 329 21.72 -47.11 20.15
C THR B 329 23.17 -47.07 20.60
N GLN B 330 23.57 -45.97 21.21
CA GLN B 330 24.93 -45.82 21.72
C GLN B 330 24.97 -46.21 23.18
N PHE B 331 26.00 -46.95 23.56
CA PHE B 331 26.19 -47.40 24.94
C PHE B 331 27.36 -46.65 25.56
N ASN B 332 27.45 -46.74 26.88
CA ASN B 332 28.56 -46.17 27.64
C ASN B 332 28.65 -44.66 27.43
N CYS B 333 27.49 -44.00 27.48
CA CYS B 333 27.42 -42.55 27.33
C CYS B 333 27.27 -41.90 28.70
N ARG B 334 28.11 -40.90 28.98
CA ARG B 334 28.00 -40.18 30.24
C ARG B 334 26.62 -39.54 30.36
N LYS B 335 26.27 -38.67 29.42
CA LYS B 335 24.94 -38.12 29.30
C LYS B 335 24.28 -38.72 28.06
N THR B 336 23.02 -39.11 28.19
CA THR B 336 22.26 -39.67 27.07
C THR B 336 21.12 -38.74 26.71
N ILE B 337 20.65 -38.88 25.47
CA ILE B 337 19.60 -38.03 24.93
C ILE B 337 18.93 -38.80 23.79
N PRO B 338 17.62 -38.69 23.61
CA PRO B 338 16.99 -39.32 22.44
C PRO B 338 17.62 -38.81 21.16
N CYS B 339 18.02 -39.73 20.30
CA CYS B 339 18.76 -39.35 19.11
C CYS B 339 17.99 -38.38 18.22
N LYS B 340 16.68 -38.57 18.07
CA LYS B 340 15.85 -37.63 17.33
C LYS B 340 15.98 -36.21 17.86
N GLN B 341 16.31 -36.04 19.13
CA GLN B 341 16.40 -34.70 19.69
C GLN B 341 17.48 -33.89 19.00
N TYR B 342 18.49 -34.55 18.43
CA TYR B 342 19.50 -33.80 17.70
C TYR B 342 18.89 -33.02 16.55
N CYS B 343 17.88 -33.60 15.89
CA CYS B 343 17.12 -32.84 14.91
C CYS B 343 16.66 -31.52 15.50
N LEU B 344 15.98 -31.58 16.65
CA LEU B 344 15.48 -30.37 17.28
C LEU B 344 16.62 -29.40 17.59
N GLU B 345 17.79 -29.92 17.95
CA GLU B 345 18.90 -29.03 18.25
C GLU B 345 19.35 -28.27 17.02
N VAL B 346 19.33 -28.92 15.86
CA VAL B 346 19.65 -28.20 14.63
C VAL B 346 18.64 -27.10 14.38
N GLN B 347 17.38 -27.34 14.73
CA GLN B 347 16.37 -26.30 14.56
C GLN B 347 16.64 -25.12 15.48
N THR B 348 17.28 -25.37 16.61
CA THR B 348 17.45 -24.36 17.65
C THR B 348 18.73 -23.57 17.49
N ARG B 349 19.84 -24.24 17.22
CA ARG B 349 21.14 -23.60 17.18
C ARG B 349 21.57 -23.17 15.78
N CYS B 350 21.00 -23.70 14.80
CA CYS B 350 21.44 -23.31 13.47
C CYS B 350 20.62 -22.13 12.97
N PRO B 351 21.17 -21.34 12.05
CA PRO B 351 20.42 -20.18 11.56
C PRO B 351 19.26 -20.60 10.66
N PHE B 352 18.25 -19.74 10.64
CA PHE B 352 17.19 -19.86 9.65
C PHE B 352 17.77 -19.61 8.26
N ILE B 353 17.69 -20.61 7.39
CA ILE B 353 18.17 -20.49 6.03
C ILE B 353 16.97 -20.61 5.11
N LEU B 354 16.65 -19.52 4.43
CA LEU B 354 15.50 -19.51 3.54
C LEU B 354 15.72 -20.48 2.39
N PRO B 355 14.78 -21.39 2.11
CA PRO B 355 14.92 -22.26 0.95
C PRO B 355 14.48 -21.56 -0.33
N ASP B 356 15.00 -22.10 -1.44
CA ASP B 356 14.67 -21.56 -2.75
C ASP B 356 13.24 -21.89 -3.13
N ASN B 357 12.56 -20.94 -3.78
CA ASN B 357 11.12 -21.01 -3.94
C ASN B 357 10.68 -21.02 -5.41
N ASP B 358 11.27 -21.88 -6.24
CA ASP B 358 10.83 -21.97 -7.62
C ASP B 358 9.87 -23.13 -7.86
N GLU B 359 10.17 -24.33 -7.34
CA GLU B 359 9.27 -25.46 -7.54
C GLU B 359 8.08 -25.41 -6.60
N VAL B 360 8.30 -25.05 -5.34
CA VAL B 360 7.26 -25.05 -4.31
C VAL B 360 7.36 -23.75 -3.53
N ILE B 361 6.21 -23.19 -3.19
CA ILE B 361 6.15 -22.03 -2.31
C ILE B 361 6.18 -22.55 -0.87
N TYR B 362 7.32 -22.42 -0.20
CA TYR B 362 7.46 -22.91 1.16
C TYR B 362 6.70 -22.08 2.18
N GLY B 363 6.24 -20.89 1.82
CA GLY B 363 5.62 -20.02 2.79
C GLY B 363 6.69 -19.36 3.62
N GLY B 364 6.77 -19.69 4.90
CA GLY B 364 7.83 -19.17 5.72
C GLY B 364 8.71 -20.26 6.28
N LEU B 365 8.64 -21.44 5.69
CA LEU B 365 9.41 -22.58 6.19
C LEU B 365 10.90 -22.31 6.10
N SER B 366 11.64 -22.90 7.03
CA SER B 366 13.09 -22.93 7.01
C SER B 366 13.56 -24.14 6.21
N SER B 367 14.84 -24.15 5.88
CA SER B 367 15.39 -25.29 5.16
C SER B 367 15.37 -26.55 6.01
N PHE B 368 15.82 -26.44 7.26
CA PHE B 368 15.89 -27.58 8.17
C PHE B 368 14.73 -27.48 9.16
N ILE B 369 13.79 -28.42 9.06
CA ILE B 369 12.69 -28.57 10.02
C ILE B 369 12.58 -30.04 10.37
N CYS B 370 11.92 -30.33 11.48
CA CYS B 370 11.93 -31.69 12.02
C CYS B 370 10.56 -32.34 12.12
N THR B 371 9.55 -31.63 12.60
CA THR B 371 8.28 -32.25 12.91
C THR B 371 7.23 -31.76 11.94
N GLY B 372 6.34 -32.65 11.54
CA GLY B 372 5.34 -32.32 10.55
C GLY B 372 4.03 -31.89 11.13
N LEU B 373 3.01 -31.93 10.28
CA LEU B 373 1.65 -31.62 10.70
C LEU B 373 1.10 -32.74 11.58
N TYR B 374 0.79 -32.40 12.83
CA TYR B 374 0.14 -33.31 13.77
C TYR B 374 0.96 -34.58 13.97
N GLU B 375 2.14 -34.42 14.57
CA GLU B 375 3.03 -35.52 14.87
C GLU B 375 3.72 -35.25 16.19
N THR B 376 3.82 -36.28 17.03
CA THR B 376 4.66 -36.24 18.22
C THR B 376 6.06 -36.71 17.84
N PHE B 377 6.99 -35.76 17.75
CA PHE B 377 8.30 -36.07 17.18
C PHE B 377 9.04 -37.11 18.00
N LEU B 378 8.95 -37.04 19.31
CA LEU B 378 9.56 -38.03 20.19
C LEU B 378 8.53 -39.09 20.54
N THR B 379 8.91 -40.36 20.38
CA THR B 379 7.97 -41.47 20.49
C THR B 379 8.69 -42.58 21.26
N ASN B 380 8.19 -43.82 21.21
CA ASN B 380 8.83 -44.94 21.87
C ASN B 380 9.77 -45.62 20.89
N ASP B 381 10.64 -46.49 21.42
CA ASP B 381 11.61 -47.25 20.61
C ASP B 381 12.62 -46.30 19.94
N GLU B 382 13.20 -45.41 20.72
CA GLU B 382 14.18 -44.48 20.18
C GLU B 382 15.59 -45.00 20.43
N PRO B 383 16.50 -44.80 19.48
CA PRO B 383 17.89 -45.23 19.70
C PRO B 383 18.55 -44.62 20.92
N GLU B 384 18.25 -43.36 21.27
CA GLU B 384 18.71 -42.77 22.52
C GLU B 384 20.24 -42.76 22.63
N CYS B 385 20.89 -41.96 21.79
CA CYS B 385 22.34 -41.93 21.66
C CYS B 385 23.00 -40.96 22.66
N CYS B 386 24.31 -40.79 22.52
CA CYS B 386 25.10 -39.94 23.40
C CYS B 386 24.65 -38.48 23.31
N ASP B 387 25.13 -37.68 24.25
CA ASP B 387 24.87 -36.24 24.32
C ASP B 387 26.20 -35.53 24.30
N ILE B 388 26.51 -34.85 23.20
CA ILE B 388 27.78 -34.15 23.02
C ILE B 388 27.44 -32.71 22.67
N ARG B 389 27.28 -31.87 23.68
CA ARG B 389 26.96 -30.47 23.45
C ARG B 389 27.79 -29.56 24.34
#